data_2FUK
# 
_entry.id   2FUK 
# 
_audit_conform.dict_name       mmcif_pdbx.dic 
_audit_conform.dict_version    5.388 
_audit_conform.dict_location   http://mmcif.pdb.org/dictionaries/ascii/mmcif_pdbx.dic 
# 
loop_
_database_2.database_id 
_database_2.database_code 
_database_2.pdbx_database_accession 
_database_2.pdbx_DOI 
PDB   2FUK         pdb_00002fuk 10.2210/pdb2fuk/pdb 
RCSB  RCSB036329   ?            ?                   
WWPDB D_1000036329 ?            ?                   
# 
loop_
_pdbx_audit_revision_history.ordinal 
_pdbx_audit_revision_history.data_content_type 
_pdbx_audit_revision_history.major_revision 
_pdbx_audit_revision_history.minor_revision 
_pdbx_audit_revision_history.revision_date 
1 'Structure model' 1 0 2006-07-04 
2 'Structure model' 1 1 2008-05-01 
3 'Structure model' 1 2 2011-07-13 
4 'Structure model' 1 3 2024-03-13 
# 
_pdbx_audit_revision_details.ordinal             1 
_pdbx_audit_revision_details.revision_ordinal    1 
_pdbx_audit_revision_details.data_content_type   'Structure model' 
_pdbx_audit_revision_details.provider            repository 
_pdbx_audit_revision_details.type                'Initial release' 
_pdbx_audit_revision_details.description         ? 
_pdbx_audit_revision_details.details             ? 
# 
loop_
_pdbx_audit_revision_group.ordinal 
_pdbx_audit_revision_group.revision_ordinal 
_pdbx_audit_revision_group.data_content_type 
_pdbx_audit_revision_group.group 
1 2 'Structure model' 'Version format compliance' 
2 3 'Structure model' 'Version format compliance' 
3 4 'Structure model' 'Data collection'           
4 4 'Structure model' 'Database references'       
# 
loop_
_pdbx_audit_revision_category.ordinal 
_pdbx_audit_revision_category.revision_ordinal 
_pdbx_audit_revision_category.data_content_type 
_pdbx_audit_revision_category.category 
1 4 'Structure model' chem_comp_atom 
2 4 'Structure model' chem_comp_bond 
3 4 'Structure model' database_2     
# 
loop_
_pdbx_audit_revision_item.ordinal 
_pdbx_audit_revision_item.revision_ordinal 
_pdbx_audit_revision_item.data_content_type 
_pdbx_audit_revision_item.item 
1 4 'Structure model' '_database_2.pdbx_DOI'                
2 4 'Structure model' '_database_2.pdbx_database_accession' 
# 
_pdbx_database_status.status_code                     REL 
_pdbx_database_status.entry_id                        2FUK 
_pdbx_database_status.recvd_initial_deposition_date   2006-01-27 
_pdbx_database_status.deposit_site                    RCSB 
_pdbx_database_status.process_site                    PDBJ 
_pdbx_database_status.status_code_sf                  ? 
_pdbx_database_status.status_code_mr                  ? 
_pdbx_database_status.SG_entry                        ? 
_pdbx_database_status.pdb_format_compatible           Y 
_pdbx_database_status.status_code_cs                  ? 
_pdbx_database_status.status_code_nmr_data            ? 
_pdbx_database_status.methods_development_category    ? 
# 
loop_
_audit_author.name 
_audit_author.pdbx_ordinal 
'Yang, C.Y.'   1 
'Chin, K.H.'   2 
'Chou, C.C.'   3 
'Wang, A.H.J.' 4 
'Chou, S.H.'   5 
# 
_citation.id                        primary 
_citation.title                     
'Structure of XC6422 from Xanthomonas campestris at 1.6 A resolution: a small serine alpha/beta-hydrolase' 
_citation.journal_abbrev            'Acta Crystallogr.,Sect.F' 
_citation.journal_volume            62 
_citation.page_first                498 
_citation.page_last                 503 
_citation.year                      2006 
_citation.journal_id_ASTM           ? 
_citation.country                   DK 
_citation.journal_id_ISSN           1744-3091 
_citation.journal_id_CSD            ? 
_citation.book_publisher            ? 
_citation.pdbx_database_id_PubMed   16754966 
_citation.pdbx_database_id_DOI      10.1107/S1744309106016265 
# 
loop_
_citation_author.citation_id 
_citation_author.name 
_citation_author.ordinal 
_citation_author.identifier_ORCID 
primary 'Yang, C.Y.'   1 ? 
primary 'Chin, K.H.'   2 ? 
primary 'Chou, C.C.'   3 ? 
primary 'Wang, A.H.J.' 4 ? 
primary 'Chou, S.H.'   5 ? 
# 
loop_
_entity.id 
_entity.type 
_entity.src_method 
_entity.pdbx_description 
_entity.formula_weight 
_entity.pdbx_number_of_molecules 
_entity.pdbx_ec 
_entity.pdbx_mutation 
_entity.pdbx_fragment 
_entity.details 
1 polymer man 'XC6422 protein' 24001.100 1  ? ? ? ? 
2 water   nat water            18.015    45 ? ? ? ? 
# 
_entity_name_com.entity_id   1 
_entity_name_com.name        'a member of a/b serine hydrolase' 
# 
_entity_poly.entity_id                      1 
_entity_poly.type                           'polypeptide(L)' 
_entity_poly.nstd_linkage                   no 
_entity_poly.nstd_monomer                   no 
_entity_poly.pdbx_seq_one_letter_code       
;MSNPLFPTESAALTLDGPVGPLDVAVDLPEPDVAVQPVTAIVCHPLSTEGGSMHNKVVTMAARALRELGITVVRFNFRSV
GTSAGSFDHGDGEQDDLRAVAEWVRAQRPTDTLWLAGFSFGAYVSLRAAAALEPQVLISIAPPAGRWDFSDVQPPAQWLV
IQGDADEIVDPQAVYDWLETLEQQPTLVRMPDTSHFFHRKLIDLRGALQHGVRRWLPATP
;
_entity_poly.pdbx_seq_one_letter_code_can   
;MSNPLFPTESAALTLDGPVGPLDVAVDLPEPDVAVQPVTAIVCHPLSTEGGSMHNKVVTMAARALRELGITVVRFNFRSV
GTSAGSFDHGDGEQDDLRAVAEWVRAQRPTDTLWLAGFSFGAYVSLRAAAALEPQVLISIAPPAGRWDFSDVQPPAQWLV
IQGDADEIVDPQAVYDWLETLEQQPTLVRMPDTSHFFHRKLIDLRGALQHGVRRWLPATP
;
_entity_poly.pdbx_strand_id                 A 
_entity_poly.pdbx_target_identifier         ? 
# 
_pdbx_entity_nonpoly.entity_id   2 
_pdbx_entity_nonpoly.name        water 
_pdbx_entity_nonpoly.comp_id     HOH 
# 
loop_
_entity_poly_seq.entity_id 
_entity_poly_seq.num 
_entity_poly_seq.mon_id 
_entity_poly_seq.hetero 
1 1   MET n 
1 2   SER n 
1 3   ASN n 
1 4   PRO n 
1 5   LEU n 
1 6   PHE n 
1 7   PRO n 
1 8   THR n 
1 9   GLU n 
1 10  SER n 
1 11  ALA n 
1 12  ALA n 
1 13  LEU n 
1 14  THR n 
1 15  LEU n 
1 16  ASP n 
1 17  GLY n 
1 18  PRO n 
1 19  VAL n 
1 20  GLY n 
1 21  PRO n 
1 22  LEU n 
1 23  ASP n 
1 24  VAL n 
1 25  ALA n 
1 26  VAL n 
1 27  ASP n 
1 28  LEU n 
1 29  PRO n 
1 30  GLU n 
1 31  PRO n 
1 32  ASP n 
1 33  VAL n 
1 34  ALA n 
1 35  VAL n 
1 36  GLN n 
1 37  PRO n 
1 38  VAL n 
1 39  THR n 
1 40  ALA n 
1 41  ILE n 
1 42  VAL n 
1 43  CYS n 
1 44  HIS n 
1 45  PRO n 
1 46  LEU n 
1 47  SER n 
1 48  THR n 
1 49  GLU n 
1 50  GLY n 
1 51  GLY n 
1 52  SER n 
1 53  MET n 
1 54  HIS n 
1 55  ASN n 
1 56  LYS n 
1 57  VAL n 
1 58  VAL n 
1 59  THR n 
1 60  MET n 
1 61  ALA n 
1 62  ALA n 
1 63  ARG n 
1 64  ALA n 
1 65  LEU n 
1 66  ARG n 
1 67  GLU n 
1 68  LEU n 
1 69  GLY n 
1 70  ILE n 
1 71  THR n 
1 72  VAL n 
1 73  VAL n 
1 74  ARG n 
1 75  PHE n 
1 76  ASN n 
1 77  PHE n 
1 78  ARG n 
1 79  SER n 
1 80  VAL n 
1 81  GLY n 
1 82  THR n 
1 83  SER n 
1 84  ALA n 
1 85  GLY n 
1 86  SER n 
1 87  PHE n 
1 88  ASP n 
1 89  HIS n 
1 90  GLY n 
1 91  ASP n 
1 92  GLY n 
1 93  GLU n 
1 94  GLN n 
1 95  ASP n 
1 96  ASP n 
1 97  LEU n 
1 98  ARG n 
1 99  ALA n 
1 100 VAL n 
1 101 ALA n 
1 102 GLU n 
1 103 TRP n 
1 104 VAL n 
1 105 ARG n 
1 106 ALA n 
1 107 GLN n 
1 108 ARG n 
1 109 PRO n 
1 110 THR n 
1 111 ASP n 
1 112 THR n 
1 113 LEU n 
1 114 TRP n 
1 115 LEU n 
1 116 ALA n 
1 117 GLY n 
1 118 PHE n 
1 119 SER n 
1 120 PHE n 
1 121 GLY n 
1 122 ALA n 
1 123 TYR n 
1 124 VAL n 
1 125 SER n 
1 126 LEU n 
1 127 ARG n 
1 128 ALA n 
1 129 ALA n 
1 130 ALA n 
1 131 ALA n 
1 132 LEU n 
1 133 GLU n 
1 134 PRO n 
1 135 GLN n 
1 136 VAL n 
1 137 LEU n 
1 138 ILE n 
1 139 SER n 
1 140 ILE n 
1 141 ALA n 
1 142 PRO n 
1 143 PRO n 
1 144 ALA n 
1 145 GLY n 
1 146 ARG n 
1 147 TRP n 
1 148 ASP n 
1 149 PHE n 
1 150 SER n 
1 151 ASP n 
1 152 VAL n 
1 153 GLN n 
1 154 PRO n 
1 155 PRO n 
1 156 ALA n 
1 157 GLN n 
1 158 TRP n 
1 159 LEU n 
1 160 VAL n 
1 161 ILE n 
1 162 GLN n 
1 163 GLY n 
1 164 ASP n 
1 165 ALA n 
1 166 ASP n 
1 167 GLU n 
1 168 ILE n 
1 169 VAL n 
1 170 ASP n 
1 171 PRO n 
1 172 GLN n 
1 173 ALA n 
1 174 VAL n 
1 175 TYR n 
1 176 ASP n 
1 177 TRP n 
1 178 LEU n 
1 179 GLU n 
1 180 THR n 
1 181 LEU n 
1 182 GLU n 
1 183 GLN n 
1 184 GLN n 
1 185 PRO n 
1 186 THR n 
1 187 LEU n 
1 188 VAL n 
1 189 ARG n 
1 190 MET n 
1 191 PRO n 
1 192 ASP n 
1 193 THR n 
1 194 SER n 
1 195 HIS n 
1 196 PHE n 
1 197 PHE n 
1 198 HIS n 
1 199 ARG n 
1 200 LYS n 
1 201 LEU n 
1 202 ILE n 
1 203 ASP n 
1 204 LEU n 
1 205 ARG n 
1 206 GLY n 
1 207 ALA n 
1 208 LEU n 
1 209 GLN n 
1 210 HIS n 
1 211 GLY n 
1 212 VAL n 
1 213 ARG n 
1 214 ARG n 
1 215 TRP n 
1 216 LEU n 
1 217 PRO n 
1 218 ALA n 
1 219 THR n 
1 220 PRO n 
# 
_entity_src_gen.entity_id                          1 
_entity_src_gen.pdbx_src_id                        1 
_entity_src_gen.pdbx_alt_source_flag               sample 
_entity_src_gen.pdbx_seq_type                      ? 
_entity_src_gen.pdbx_beg_seq_num                   ? 
_entity_src_gen.pdbx_end_seq_num                   ? 
_entity_src_gen.gene_src_common_name               ? 
_entity_src_gen.gene_src_genus                     Xanthomonas 
_entity_src_gen.pdbx_gene_src_gene                 ? 
_entity_src_gen.gene_src_species                   ? 
_entity_src_gen.gene_src_strain                    ? 
_entity_src_gen.gene_src_tissue                    ? 
_entity_src_gen.gene_src_tissue_fraction           ? 
_entity_src_gen.gene_src_details                   ? 
_entity_src_gen.pdbx_gene_src_fragment             ? 
_entity_src_gen.pdbx_gene_src_scientific_name      'Xanthomonas campestris' 
_entity_src_gen.pdbx_gene_src_ncbi_taxonomy_id     339 
_entity_src_gen.pdbx_gene_src_variant              ? 
_entity_src_gen.pdbx_gene_src_cell_line            ? 
_entity_src_gen.pdbx_gene_src_atcc                 ? 
_entity_src_gen.pdbx_gene_src_organ                ? 
_entity_src_gen.pdbx_gene_src_organelle            ? 
_entity_src_gen.pdbx_gene_src_cell                 ? 
_entity_src_gen.pdbx_gene_src_cellular_location    ? 
_entity_src_gen.host_org_common_name               ? 
_entity_src_gen.pdbx_host_org_scientific_name      'Escherichia coli' 
_entity_src_gen.pdbx_host_org_ncbi_taxonomy_id     562 
_entity_src_gen.host_org_genus                     Escherichia 
_entity_src_gen.pdbx_host_org_gene                 ? 
_entity_src_gen.pdbx_host_org_organ                ? 
_entity_src_gen.host_org_species                   ? 
_entity_src_gen.pdbx_host_org_tissue               ? 
_entity_src_gen.pdbx_host_org_tissue_fraction      ? 
_entity_src_gen.pdbx_host_org_strain               ? 
_entity_src_gen.pdbx_host_org_variant              ? 
_entity_src_gen.pdbx_host_org_cell_line            ? 
_entity_src_gen.pdbx_host_org_atcc                 ? 
_entity_src_gen.pdbx_host_org_culture_collection   ? 
_entity_src_gen.pdbx_host_org_cell                 ? 
_entity_src_gen.pdbx_host_org_organelle            ? 
_entity_src_gen.pdbx_host_org_cellular_location    ? 
_entity_src_gen.pdbx_host_org_vector_type          ? 
_entity_src_gen.pdbx_host_org_vector               ? 
_entity_src_gen.host_org_details                   ? 
_entity_src_gen.expression_system_id               ? 
_entity_src_gen.plasmid_name                       ? 
_entity_src_gen.plasmid_details                    ? 
_entity_src_gen.pdbx_description                   ? 
# 
loop_
_chem_comp.id 
_chem_comp.type 
_chem_comp.mon_nstd_flag 
_chem_comp.name 
_chem_comp.pdbx_synonyms 
_chem_comp.formula 
_chem_comp.formula_weight 
ALA 'L-peptide linking' y ALANINE         ? 'C3 H7 N O2'     89.093  
ARG 'L-peptide linking' y ARGININE        ? 'C6 H15 N4 O2 1' 175.209 
ASN 'L-peptide linking' y ASPARAGINE      ? 'C4 H8 N2 O3'    132.118 
ASP 'L-peptide linking' y 'ASPARTIC ACID' ? 'C4 H7 N O4'     133.103 
CYS 'L-peptide linking' y CYSTEINE        ? 'C3 H7 N O2 S'   121.158 
GLN 'L-peptide linking' y GLUTAMINE       ? 'C5 H10 N2 O3'   146.144 
GLU 'L-peptide linking' y 'GLUTAMIC ACID' ? 'C5 H9 N O4'     147.129 
GLY 'peptide linking'   y GLYCINE         ? 'C2 H5 N O2'     75.067  
HIS 'L-peptide linking' y HISTIDINE       ? 'C6 H10 N3 O2 1' 156.162 
HOH non-polymer         . WATER           ? 'H2 O'           18.015  
ILE 'L-peptide linking' y ISOLEUCINE      ? 'C6 H13 N O2'    131.173 
LEU 'L-peptide linking' y LEUCINE         ? 'C6 H13 N O2'    131.173 
LYS 'L-peptide linking' y LYSINE          ? 'C6 H15 N2 O2 1' 147.195 
MET 'L-peptide linking' y METHIONINE      ? 'C5 H11 N O2 S'  149.211 
PHE 'L-peptide linking' y PHENYLALANINE   ? 'C9 H11 N O2'    165.189 
PRO 'L-peptide linking' y PROLINE         ? 'C5 H9 N O2'     115.130 
SER 'L-peptide linking' y SERINE          ? 'C3 H7 N O3'     105.093 
THR 'L-peptide linking' y THREONINE       ? 'C4 H9 N O3'     119.119 
TRP 'L-peptide linking' y TRYPTOPHAN      ? 'C11 H12 N2 O2'  204.225 
TYR 'L-peptide linking' y TYROSINE        ? 'C9 H11 N O3'    181.189 
VAL 'L-peptide linking' y VALINE          ? 'C5 H11 N O2'    117.146 
# 
loop_
_pdbx_poly_seq_scheme.asym_id 
_pdbx_poly_seq_scheme.entity_id 
_pdbx_poly_seq_scheme.seq_id 
_pdbx_poly_seq_scheme.mon_id 
_pdbx_poly_seq_scheme.ndb_seq_num 
_pdbx_poly_seq_scheme.pdb_seq_num 
_pdbx_poly_seq_scheme.auth_seq_num 
_pdbx_poly_seq_scheme.pdb_mon_id 
_pdbx_poly_seq_scheme.auth_mon_id 
_pdbx_poly_seq_scheme.pdb_strand_id 
_pdbx_poly_seq_scheme.pdb_ins_code 
_pdbx_poly_seq_scheme.hetero 
A 1 1   MET 1   1   ?   ?   ?   A . n 
A 1 2   SER 2   2   ?   ?   ?   A . n 
A 1 3   ASN 3   3   3   ASN ASN A . n 
A 1 4   PRO 4   4   4   PRO PRO A . n 
A 1 5   LEU 5   5   5   LEU LEU A . n 
A 1 6   PHE 6   6   6   PHE PHE A . n 
A 1 7   PRO 7   7   7   PRO PRO A . n 
A 1 8   THR 8   8   8   THR THR A . n 
A 1 9   GLU 9   9   9   GLU GLU A . n 
A 1 10  SER 10  10  10  SER SER A . n 
A 1 11  ALA 11  11  11  ALA ALA A . n 
A 1 12  ALA 12  12  12  ALA ALA A . n 
A 1 13  LEU 13  13  13  LEU LEU A . n 
A 1 14  THR 14  14  14  THR THR A . n 
A 1 15  LEU 15  15  15  LEU LEU A . n 
A 1 16  ASP 16  16  16  ASP ASP A . n 
A 1 17  GLY 17  17  17  GLY GLY A . n 
A 1 18  PRO 18  18  18  PRO PRO A . n 
A 1 19  VAL 19  19  19  VAL VAL A . n 
A 1 20  GLY 20  20  20  GLY GLY A . n 
A 1 21  PRO 21  21  21  PRO PRO A . n 
A 1 22  LEU 22  22  22  LEU LEU A . n 
A 1 23  ASP 23  23  23  ASP ASP A . n 
A 1 24  VAL 24  24  24  VAL VAL A . n 
A 1 25  ALA 25  25  25  ALA ALA A . n 
A 1 26  VAL 26  26  26  VAL VAL A . n 
A 1 27  ASP 27  27  27  ASP ASP A . n 
A 1 28  LEU 28  28  28  LEU LEU A . n 
A 1 29  PRO 29  29  29  PRO PRO A . n 
A 1 30  GLU 30  30  30  GLU GLU A . n 
A 1 31  PRO 31  31  31  PRO PRO A . n 
A 1 32  ASP 32  32  32  ASP ASP A . n 
A 1 33  VAL 33  33  33  VAL VAL A . n 
A 1 34  ALA 34  34  34  ALA ALA A . n 
A 1 35  VAL 35  35  35  VAL VAL A . n 
A 1 36  GLN 36  36  36  GLN GLN A . n 
A 1 37  PRO 37  37  37  PRO PRO A . n 
A 1 38  VAL 38  38  38  VAL VAL A . n 
A 1 39  THR 39  39  39  THR THR A . n 
A 1 40  ALA 40  40  40  ALA ALA A . n 
A 1 41  ILE 41  41  41  ILE ILE A . n 
A 1 42  VAL 42  42  42  VAL VAL A . n 
A 1 43  CYS 43  43  43  CYS CYS A . n 
A 1 44  HIS 44  44  44  HIS HIS A . n 
A 1 45  PRO 45  45  45  PRO PRO A . n 
A 1 46  LEU 46  46  46  LEU LEU A . n 
A 1 47  SER 47  47  47  SER SER A . n 
A 1 48  THR 48  48  48  THR THR A . n 
A 1 49  GLU 49  49  49  GLU GLU A . n 
A 1 50  GLY 50  50  50  GLY GLY A . n 
A 1 51  GLY 51  51  51  GLY GLY A . n 
A 1 52  SER 52  52  52  SER SER A . n 
A 1 53  MET 53  53  53  MET MET A . n 
A 1 54  HIS 54  54  54  HIS HIS A . n 
A 1 55  ASN 55  55  55  ASN ASN A . n 
A 1 56  LYS 56  56  56  LYS LYS A . n 
A 1 57  VAL 57  57  57  VAL VAL A . n 
A 1 58  VAL 58  58  58  VAL VAL A . n 
A 1 59  THR 59  59  59  THR THR A . n 
A 1 60  MET 60  60  60  MET MET A . n 
A 1 61  ALA 61  61  61  ALA ALA A . n 
A 1 62  ALA 62  62  62  ALA ALA A . n 
A 1 63  ARG 63  63  63  ARG ARG A . n 
A 1 64  ALA 64  64  64  ALA ALA A . n 
A 1 65  LEU 65  65  65  LEU LEU A . n 
A 1 66  ARG 66  66  66  ARG ARG A . n 
A 1 67  GLU 67  67  67  GLU GLU A . n 
A 1 68  LEU 68  68  68  LEU LEU A . n 
A 1 69  GLY 69  69  69  GLY GLY A . n 
A 1 70  ILE 70  70  70  ILE ILE A . n 
A 1 71  THR 71  71  71  THR THR A . n 
A 1 72  VAL 72  72  72  VAL VAL A . n 
A 1 73  VAL 73  73  73  VAL VAL A . n 
A 1 74  ARG 74  74  74  ARG ARG A . n 
A 1 75  PHE 75  75  75  PHE PHE A . n 
A 1 76  ASN 76  76  76  ASN ASN A . n 
A 1 77  PHE 77  77  77  PHE PHE A . n 
A 1 78  ARG 78  78  78  ARG ARG A . n 
A 1 79  SER 79  79  79  SER SER A . n 
A 1 80  VAL 80  80  80  VAL VAL A . n 
A 1 81  GLY 81  81  81  GLY GLY A . n 
A 1 82  THR 82  82  82  THR THR A . n 
A 1 83  SER 83  83  83  SER SER A . n 
A 1 84  ALA 84  84  84  ALA ALA A . n 
A 1 85  GLY 85  85  85  GLY GLY A . n 
A 1 86  SER 86  86  86  SER SER A . n 
A 1 87  PHE 87  87  87  PHE PHE A . n 
A 1 88  ASP 88  88  88  ASP ASP A . n 
A 1 89  HIS 89  89  89  HIS HIS A . n 
A 1 90  GLY 90  90  90  GLY GLY A . n 
A 1 91  ASP 91  91  91  ASP ASP A . n 
A 1 92  GLY 92  92  92  GLY GLY A . n 
A 1 93  GLU 93  93  93  GLU GLU A . n 
A 1 94  GLN 94  94  94  GLN GLN A . n 
A 1 95  ASP 95  95  95  ASP ASP A . n 
A 1 96  ASP 96  96  96  ASP ASP A . n 
A 1 97  LEU 97  97  97  LEU LEU A . n 
A 1 98  ARG 98  98  98  ARG ARG A . n 
A 1 99  ALA 99  99  99  ALA ALA A . n 
A 1 100 VAL 100 100 100 VAL VAL A . n 
A 1 101 ALA 101 101 101 ALA ALA A . n 
A 1 102 GLU 102 102 102 GLU GLU A . n 
A 1 103 TRP 103 103 103 TRP TRP A . n 
A 1 104 VAL 104 104 104 VAL VAL A . n 
A 1 105 ARG 105 105 105 ARG ARG A . n 
A 1 106 ALA 106 106 106 ALA ALA A . n 
A 1 107 GLN 107 107 107 GLN GLN A . n 
A 1 108 ARG 108 108 108 ARG ARG A . n 
A 1 109 PRO 109 109 109 PRO PRO A . n 
A 1 110 THR 110 110 110 THR THR A . n 
A 1 111 ASP 111 111 111 ASP ASP A . n 
A 1 112 THR 112 112 112 THR THR A . n 
A 1 113 LEU 113 113 113 LEU LEU A . n 
A 1 114 TRP 114 114 114 TRP TRP A . n 
A 1 115 LEU 115 115 115 LEU LEU A . n 
A 1 116 ALA 116 116 116 ALA ALA A . n 
A 1 117 GLY 117 117 117 GLY GLY A . n 
A 1 118 PHE 118 118 118 PHE PHE A . n 
A 1 119 SER 119 119 119 SER SER A . n 
A 1 120 PHE 120 120 120 PHE PHE A . n 
A 1 121 GLY 121 121 121 GLY GLY A . n 
A 1 122 ALA 122 122 122 ALA ALA A . n 
A 1 123 TYR 123 123 123 TYR TYR A . n 
A 1 124 VAL 124 124 124 VAL VAL A . n 
A 1 125 SER 125 125 125 SER SER A . n 
A 1 126 LEU 126 126 126 LEU LEU A . n 
A 1 127 ARG 127 127 127 ARG ARG A . n 
A 1 128 ALA 128 128 128 ALA ALA A . n 
A 1 129 ALA 129 129 129 ALA ALA A . n 
A 1 130 ALA 130 130 130 ALA ALA A . n 
A 1 131 ALA 131 131 131 ALA ALA A . n 
A 1 132 LEU 132 132 132 LEU LEU A . n 
A 1 133 GLU 133 133 133 GLU GLU A . n 
A 1 134 PRO 134 134 134 PRO PRO A . n 
A 1 135 GLN 135 135 135 GLN GLN A . n 
A 1 136 VAL 136 136 136 VAL VAL A . n 
A 1 137 LEU 137 137 137 LEU LEU A . n 
A 1 138 ILE 138 138 138 ILE ILE A . n 
A 1 139 SER 139 139 139 SER SER A . n 
A 1 140 ILE 140 140 140 ILE ILE A . n 
A 1 141 ALA 141 141 141 ALA ALA A . n 
A 1 142 PRO 142 142 142 PRO PRO A . n 
A 1 143 PRO 143 143 143 PRO PRO A . n 
A 1 144 ALA 144 144 144 ALA ALA A . n 
A 1 145 GLY 145 145 145 GLY GLY A . n 
A 1 146 ARG 146 146 146 ARG ARG A . n 
A 1 147 TRP 147 147 147 TRP TRP A . n 
A 1 148 ASP 148 148 148 ASP ASP A . n 
A 1 149 PHE 149 149 149 PHE PHE A . n 
A 1 150 SER 150 150 150 SER SER A . n 
A 1 151 ASP 151 151 151 ASP ASP A . n 
A 1 152 VAL 152 152 152 VAL VAL A . n 
A 1 153 GLN 153 153 153 GLN GLN A . n 
A 1 154 PRO 154 154 154 PRO PRO A . n 
A 1 155 PRO 155 155 155 PRO PRO A . n 
A 1 156 ALA 156 156 156 ALA ALA A . n 
A 1 157 GLN 157 157 157 GLN GLN A . n 
A 1 158 TRP 158 158 158 TRP TRP A . n 
A 1 159 LEU 159 159 159 LEU LEU A . n 
A 1 160 VAL 160 160 160 VAL VAL A . n 
A 1 161 ILE 161 161 161 ILE ILE A . n 
A 1 162 GLN 162 162 162 GLN GLN A . n 
A 1 163 GLY 163 163 163 GLY GLY A . n 
A 1 164 ASP 164 164 164 ASP ASP A . n 
A 1 165 ALA 165 165 165 ALA ALA A . n 
A 1 166 ASP 166 166 166 ASP ASP A . n 
A 1 167 GLU 167 167 167 GLU GLU A . n 
A 1 168 ILE 168 168 168 ILE ILE A . n 
A 1 169 VAL 169 169 169 VAL VAL A . n 
A 1 170 ASP 170 170 170 ASP ASP A . n 
A 1 171 PRO 171 171 171 PRO PRO A . n 
A 1 172 GLN 172 172 172 GLN GLN A . n 
A 1 173 ALA 173 173 173 ALA ALA A . n 
A 1 174 VAL 174 174 174 VAL VAL A . n 
A 1 175 TYR 175 175 175 TYR TYR A . n 
A 1 176 ASP 176 176 176 ASP ASP A . n 
A 1 177 TRP 177 177 177 TRP TRP A . n 
A 1 178 LEU 178 178 178 LEU LEU A . n 
A 1 179 GLU 179 179 179 GLU GLU A . n 
A 1 180 THR 180 180 180 THR THR A . n 
A 1 181 LEU 181 181 181 LEU LEU A . n 
A 1 182 GLU 182 182 182 GLU GLU A . n 
A 1 183 GLN 183 183 183 GLN GLN A . n 
A 1 184 GLN 184 184 184 GLN GLN A . n 
A 1 185 PRO 185 185 185 PRO PRO A . n 
A 1 186 THR 186 186 186 THR THR A . n 
A 1 187 LEU 187 187 187 LEU LEU A . n 
A 1 188 VAL 188 188 188 VAL VAL A . n 
A 1 189 ARG 189 189 189 ARG ARG A . n 
A 1 190 MET 190 190 190 MET MET A . n 
A 1 191 PRO 191 191 191 PRO PRO A . n 
A 1 192 ASP 192 192 192 ASP ASP A . n 
A 1 193 THR 193 193 193 THR THR A . n 
A 1 194 SER 194 194 194 SER SER A . n 
A 1 195 HIS 195 195 195 HIS HIS A . n 
A 1 196 PHE 196 196 196 PHE PHE A . n 
A 1 197 PHE 197 197 197 PHE PHE A . n 
A 1 198 HIS 198 198 198 HIS HIS A . n 
A 1 199 ARG 199 199 199 ARG ARG A . n 
A 1 200 LYS 200 200 200 LYS LYS A . n 
A 1 201 LEU 201 201 201 LEU LEU A . n 
A 1 202 ILE 202 202 202 ILE ILE A . n 
A 1 203 ASP 203 203 203 ASP ASP A . n 
A 1 204 LEU 204 204 204 LEU LEU A . n 
A 1 205 ARG 205 205 205 ARG ARG A . n 
A 1 206 GLY 206 206 206 GLY GLY A . n 
A 1 207 ALA 207 207 207 ALA ALA A . n 
A 1 208 LEU 208 208 208 LEU LEU A . n 
A 1 209 GLN 209 209 209 GLN GLN A . n 
A 1 210 HIS 210 210 210 HIS HIS A . n 
A 1 211 GLY 211 211 211 GLY GLY A . n 
A 1 212 VAL 212 212 212 VAL VAL A . n 
A 1 213 ARG 213 213 213 ARG ARG A . n 
A 1 214 ARG 214 214 214 ARG ARG A . n 
A 1 215 TRP 215 215 215 TRP TRP A . n 
A 1 216 LEU 216 216 216 LEU LEU A . n 
A 1 217 PRO 217 217 217 PRO PRO A . n 
A 1 218 ALA 218 218 218 ALA ALA A . n 
A 1 219 THR 219 219 219 THR THR A . n 
A 1 220 PRO 220 220 220 PRO PRO A . n 
# 
loop_
_pdbx_nonpoly_scheme.asym_id 
_pdbx_nonpoly_scheme.entity_id 
_pdbx_nonpoly_scheme.mon_id 
_pdbx_nonpoly_scheme.ndb_seq_num 
_pdbx_nonpoly_scheme.pdb_seq_num 
_pdbx_nonpoly_scheme.auth_seq_num 
_pdbx_nonpoly_scheme.pdb_mon_id 
_pdbx_nonpoly_scheme.auth_mon_id 
_pdbx_nonpoly_scheme.pdb_strand_id 
_pdbx_nonpoly_scheme.pdb_ins_code 
B 2 HOH 1  221 1  HOH HOH A . 
B 2 HOH 2  222 2  HOH HOH A . 
B 2 HOH 3  223 3  HOH HOH A . 
B 2 HOH 4  224 6  HOH HOH A . 
B 2 HOH 5  225 7  HOH HOH A . 
B 2 HOH 6  226 8  HOH HOH A . 
B 2 HOH 7  227 9  HOH HOH A . 
B 2 HOH 8  228 10 HOH HOH A . 
B 2 HOH 9  229 11 HOH HOH A . 
B 2 HOH 10 230 12 HOH HOH A . 
B 2 HOH 11 231 13 HOH HOH A . 
B 2 HOH 12 232 14 HOH HOH A . 
B 2 HOH 13 233 15 HOH HOH A . 
B 2 HOH 14 234 16 HOH HOH A . 
B 2 HOH 15 235 17 HOH HOH A . 
B 2 HOH 16 236 19 HOH HOH A . 
B 2 HOH 17 237 21 HOH HOH A . 
B 2 HOH 18 238 22 HOH HOH A . 
B 2 HOH 19 239 23 HOH HOH A . 
B 2 HOH 20 240 24 HOH HOH A . 
B 2 HOH 21 241 25 HOH HOH A . 
B 2 HOH 22 242 4  HOH HOH A . 
B 2 HOH 23 243 18 HOH HOH A . 
B 2 HOH 24 244 20 HOH HOH A . 
B 2 HOH 25 245 26 HOH HOH A . 
B 2 HOH 26 246 27 HOH HOH A . 
B 2 HOH 27 247 28 HOH HOH A . 
B 2 HOH 28 248 29 HOH HOH A . 
B 2 HOH 29 249 30 HOH HOH A . 
B 2 HOH 30 250 31 HOH HOH A . 
B 2 HOH 31 251 32 HOH HOH A . 
B 2 HOH 32 252 33 HOH HOH A . 
B 2 HOH 33 253 34 HOH HOH A . 
B 2 HOH 34 254 35 HOH HOH A . 
B 2 HOH 35 255 36 HOH HOH A . 
B 2 HOH 36 256 37 HOH HOH A . 
B 2 HOH 37 257 38 HOH HOH A . 
B 2 HOH 38 258 39 HOH HOH A . 
B 2 HOH 39 259 40 HOH HOH A . 
B 2 HOH 40 260 41 HOH HOH A . 
B 2 HOH 41 261 42 HOH HOH A . 
B 2 HOH 42 262 43 HOH HOH A . 
B 2 HOH 43 263 44 HOH HOH A . 
B 2 HOH 44 264 45 HOH HOH A . 
B 2 HOH 45 265 5  HOH HOH A . 
# 
loop_
_software.name 
_software.classification 
_software.version 
_software.citation_id 
_software.pdbx_ordinal 
DENZO 'data reduction' .         ? 1 
SCALA 'data scaling'   .         ? 2 
SOLVE phasing          .         ? 3 
CNS   refinement       .         ? 4 
CCP4  'data scaling'   '(SCALA)' ? 5 
# 
_cell.entry_id           2FUK 
_cell.length_a           74.980 
_cell.length_b           79.490 
_cell.length_c           38.120 
_cell.angle_alpha        90.00 
_cell.angle_beta         108.00 
_cell.angle_gamma        90.00 
_cell.Z_PDB              4 
_cell.pdbx_unique_axis   ? 
_cell.length_a_esd       ? 
_cell.length_b_esd       ? 
_cell.length_c_esd       ? 
_cell.angle_alpha_esd    ? 
_cell.angle_beta_esd     ? 
_cell.angle_gamma_esd    ? 
# 
_symmetry.entry_id                         2FUK 
_symmetry.space_group_name_H-M             'C 1 2 1' 
_symmetry.pdbx_full_space_group_name_H-M   ? 
_symmetry.cell_setting                     ? 
_symmetry.Int_Tables_number                5 
_symmetry.space_group_name_Hall            ? 
# 
_exptl.entry_id          2FUK 
_exptl.method            'X-RAY DIFFRACTION' 
_exptl.crystals_number   8 
# 
_exptl_crystal.id                    1 
_exptl_crystal.density_meas          ? 
_exptl_crystal.density_Matthews      2.25 
_exptl_crystal.density_percent_sol   45.31 
_exptl_crystal.description           ? 
_exptl_crystal.F_000                 ? 
_exptl_crystal.preparation           ? 
# 
_exptl_crystal_grow.crystal_id      1 
_exptl_crystal_grow.method          'VAPOR DIFFUSION, SITTING DROP' 
_exptl_crystal_grow.temp            295 
_exptl_crystal_grow.temp_details    ? 
_exptl_crystal_grow.pH              8.0 
_exptl_crystal_grow.pdbx_details    
'0.1M Na cacodylate pH6.5, 1.6M (NH4)2SO4, 2% PEG 400, pH 8.0, VAPOR DIFFUSION, SITTING DROP, temperature 295K' 
_exptl_crystal_grow.pdbx_pH_range   . 
# 
_diffrn.id                     1 
_diffrn.ambient_temp           100 
_diffrn.ambient_temp_details   ? 
_diffrn.crystal_id             1 
# 
_diffrn_detector.diffrn_id              1 
_diffrn_detector.detector               CCD 
_diffrn_detector.type                   'ADSC QUANTUM 4' 
_diffrn_detector.pdbx_collection_date   2005-06-02 
_diffrn_detector.details                ? 
# 
_diffrn_radiation.diffrn_id                        1 
_diffrn_radiation.wavelength_id                    1 
_diffrn_radiation.pdbx_monochromatic_or_laue_m_l   M 
_diffrn_radiation.monochromator                    Se-Met 
_diffrn_radiation.pdbx_diffrn_protocol             MAD 
_diffrn_radiation.pdbx_scattering_type             x-ray 
# 
_diffrn_radiation_wavelength.id           1 
_diffrn_radiation_wavelength.wavelength   0.98977 
_diffrn_radiation_wavelength.wt           1.0 
# 
_diffrn_source.diffrn_id                   1 
_diffrn_source.source                      SYNCHROTRON 
_diffrn_source.type                        'SPRING-8 BEAMLINE BL12B2' 
_diffrn_source.pdbx_synchrotron_site       SPring-8 
_diffrn_source.pdbx_synchrotron_beamline   BL12B2 
_diffrn_source.pdbx_wavelength             ? 
_diffrn_source.pdbx_wavelength_list        0.98977 
# 
_reflns.entry_id                     2FUK 
_reflns.observed_criterion_sigma_I   2.0 
_reflns.observed_criterion_sigma_F   2.0 
_reflns.d_resolution_low             24.8 
_reflns.d_resolution_high            1.6 
_reflns.number_obs                   27545 
_reflns.number_all                   27824 
_reflns.percent_possible_obs         99.1 
_reflns.pdbx_Rmerge_I_obs            ? 
_reflns.pdbx_Rsym_value              ? 
_reflns.pdbx_netI_over_sigmaI        ? 
_reflns.B_iso_Wilson_estimate        ? 
_reflns.pdbx_redundancy              ? 
_reflns.R_free_details               ? 
_reflns.limit_h_max                  ? 
_reflns.limit_h_min                  ? 
_reflns.limit_k_max                  ? 
_reflns.limit_k_min                  ? 
_reflns.limit_l_max                  ? 
_reflns.limit_l_min                  ? 
_reflns.observed_criterion_F_max     ? 
_reflns.observed_criterion_F_min     ? 
_reflns.pdbx_chi_squared             ? 
_reflns.pdbx_scaling_rejects         ? 
_reflns.pdbx_diffrn_id               1 
_reflns.pdbx_ordinal                 1 
# 
_reflns_shell.d_res_high             1.6 
_reflns_shell.d_res_low              ? 
_reflns_shell.percent_possible_all   99.1 
_reflns_shell.Rmerge_I_obs           ? 
_reflns_shell.pdbx_Rsym_value        ? 
_reflns_shell.meanI_over_sigI_obs    ? 
_reflns_shell.pdbx_redundancy        ? 
_reflns_shell.percent_possible_obs   ? 
_reflns_shell.number_unique_all      ? 
_reflns_shell.number_measured_all    ? 
_reflns_shell.number_measured_obs    ? 
_reflns_shell.number_unique_obs      ? 
_reflns_shell.pdbx_chi_squared       ? 
_reflns_shell.pdbx_diffrn_id         ? 
_reflns_shell.pdbx_ordinal           1 
# 
_refine.entry_id                                 2FUK 
_refine.ls_number_reflns_obs                     27545 
_refine.ls_number_reflns_all                     27824 
_refine.pdbx_ls_sigma_I                          ? 
_refine.pdbx_ls_sigma_F                          2.0 
_refine.pdbx_data_cutoff_high_absF               ? 
_refine.pdbx_data_cutoff_low_absF                ? 
_refine.pdbx_data_cutoff_high_rms_absF           ? 
_refine.ls_d_res_low                             24.8 
_refine.ls_d_res_high                            1.6 
_refine.ls_percent_reflns_obs                    ? 
_refine.ls_R_factor_obs                          0.22 
_refine.ls_R_factor_all                          0.22 
_refine.ls_R_factor_R_work                       0.21 
_refine.ls_R_factor_R_free                       0.24 
_refine.ls_R_factor_R_free_error                 ? 
_refine.ls_R_factor_R_free_error_details         ? 
_refine.ls_percent_reflns_R_free                 ? 
_refine.ls_number_reflns_R_free                  ? 
_refine.ls_number_parameters                     ? 
_refine.ls_number_restraints                     ? 
_refine.occupancy_min                            ? 
_refine.occupancy_max                            ? 
_refine.correlation_coeff_Fo_to_Fc               ? 
_refine.correlation_coeff_Fo_to_Fc_free          ? 
_refine.B_iso_mean                               ? 
_refine.aniso_B[1][1]                            ? 
_refine.aniso_B[2][2]                            ? 
_refine.aniso_B[3][3]                            ? 
_refine.aniso_B[1][2]                            ? 
_refine.aniso_B[1][3]                            ? 
_refine.aniso_B[2][3]                            ? 
_refine.solvent_model_details                    ? 
_refine.solvent_model_param_ksol                 ? 
_refine.solvent_model_param_bsol                 ? 
_refine.pdbx_solvent_vdw_probe_radii             ? 
_refine.pdbx_solvent_ion_probe_radii             ? 
_refine.pdbx_solvent_shrinkage_radii             ? 
_refine.pdbx_ls_cross_valid_method               ? 
_refine.details                                  ? 
_refine.pdbx_starting_model                      ? 
_refine.pdbx_method_to_determine_struct          MAD 
_refine.pdbx_isotropic_thermal_model             ? 
_refine.pdbx_stereochemistry_target_values       'Engh & Huber' 
_refine.pdbx_stereochem_target_val_spec_case     ? 
_refine.pdbx_R_Free_selection_details            Random 
_refine.pdbx_overall_ESU_R                       ? 
_refine.pdbx_overall_ESU_R_Free                  ? 
_refine.overall_SU_ML                            ? 
_refine.overall_SU_B                             ? 
_refine.ls_redundancy_reflns_obs                 ? 
_refine.B_iso_min                                ? 
_refine.B_iso_max                                ? 
_refine.overall_SU_R_Cruickshank_DPI             ? 
_refine.overall_SU_R_free                        ? 
_refine.ls_wR_factor_R_free                      ? 
_refine.ls_wR_factor_R_work                      ? 
_refine.overall_FOM_free_R_set                   ? 
_refine.overall_FOM_work_R_set                   ? 
_refine.pdbx_refine_id                           'X-RAY DIFFRACTION' 
_refine.pdbx_diffrn_id                           1 
_refine.pdbx_TLS_residual_ADP_flag               ? 
_refine.pdbx_overall_phase_error                 ? 
_refine.pdbx_overall_SU_R_free_Cruickshank_DPI   ? 
_refine.pdbx_overall_SU_R_Blow_DPI               ? 
_refine.pdbx_overall_SU_R_free_Blow_DPI          ? 
# 
_refine_hist.pdbx_refine_id                   'X-RAY DIFFRACTION' 
_refine_hist.cycle_id                         LAST 
_refine_hist.pdbx_number_atoms_protein        1680 
_refine_hist.pdbx_number_atoms_nucleic_acid   0 
_refine_hist.pdbx_number_atoms_ligand         0 
_refine_hist.number_atoms_solvent             45 
_refine_hist.number_atoms_total               1725 
_refine_hist.d_res_high                       1.6 
_refine_hist.d_res_low                        24.8 
# 
_struct.entry_id                  2FUK 
_struct.title                     
'Crystal structure of XC6422 from Xanthomonas campestris: a member of a/b serine hydrolase without lid at 1.6 resolution' 
_struct.pdbx_model_details        ? 
_struct.pdbx_CASP_flag            ? 
_struct.pdbx_model_type_details   ? 
# 
_struct_keywords.entry_id        2FUK 
_struct_keywords.pdbx_keywords   HYDROLASE 
_struct_keywords.text            'a/b hydrolase, Xanthomonas campestris, structural genomics, hydrolase' 
# 
loop_
_struct_asym.id 
_struct_asym.pdbx_blank_PDB_chainid_flag 
_struct_asym.pdbx_modified 
_struct_asym.entity_id 
_struct_asym.details 
A N N 1 ? 
B N N 2 ? 
# 
_struct_ref.id                         1 
_struct_ref.entity_id                  1 
_struct_ref.db_name                    UNP 
_struct_ref.db_code                    B0RM26_XANCB 
_struct_ref.pdbx_db_accession          B0RM26 
_struct_ref.pdbx_db_isoform            ? 
_struct_ref.pdbx_seq_one_letter_code   ? 
_struct_ref.pdbx_align_begin           ? 
# 
_struct_ref_seq.align_id                      1 
_struct_ref_seq.ref_id                        1 
_struct_ref_seq.pdbx_PDB_id_code              2FUK 
_struct_ref_seq.pdbx_strand_id                A 
_struct_ref_seq.seq_align_beg                 1 
_struct_ref_seq.pdbx_seq_align_beg_ins_code   ? 
_struct_ref_seq.seq_align_end                 220 
_struct_ref_seq.pdbx_seq_align_end_ins_code   ? 
_struct_ref_seq.pdbx_db_accession             B0RM26 
_struct_ref_seq.db_align_beg                  1 
_struct_ref_seq.pdbx_db_align_beg_ins_code    ? 
_struct_ref_seq.db_align_end                  220 
_struct_ref_seq.pdbx_db_align_end_ins_code    ? 
_struct_ref_seq.pdbx_auth_seq_align_beg       1 
_struct_ref_seq.pdbx_auth_seq_align_end       220 
# 
_pdbx_struct_assembly.id                   1 
_pdbx_struct_assembly.details              author_defined_assembly 
_pdbx_struct_assembly.method_details       ? 
_pdbx_struct_assembly.oligomeric_details   dimeric 
_pdbx_struct_assembly.oligomeric_count     2 
# 
_pdbx_struct_assembly_gen.assembly_id       1 
_pdbx_struct_assembly_gen.oper_expression   1,2 
_pdbx_struct_assembly_gen.asym_id_list      A,B 
# 
loop_
_pdbx_struct_oper_list.id 
_pdbx_struct_oper_list.type 
_pdbx_struct_oper_list.name 
_pdbx_struct_oper_list.symmetry_operation 
_pdbx_struct_oper_list.matrix[1][1] 
_pdbx_struct_oper_list.matrix[1][2] 
_pdbx_struct_oper_list.matrix[1][3] 
_pdbx_struct_oper_list.vector[1] 
_pdbx_struct_oper_list.matrix[2][1] 
_pdbx_struct_oper_list.matrix[2][2] 
_pdbx_struct_oper_list.matrix[2][3] 
_pdbx_struct_oper_list.vector[2] 
_pdbx_struct_oper_list.matrix[3][1] 
_pdbx_struct_oper_list.matrix[3][2] 
_pdbx_struct_oper_list.matrix[3][3] 
_pdbx_struct_oper_list.vector[3] 
1 'identity operation'         1_555 x,y,z       1.0000000000  0.0000000000 0.0000000000  0.0000000000  0.0000000000 1.0000000000 0.0000000000  0.0000000000 0.0000000000  0.0000000000  1.0000000000  0.0000000000  
2 'crystal symmetry operation' 2_656 -x+1,y,-z+1 -0.8821889762 0.4600429805 -0.1005140110 -8.5171772116 0.4600429805 0.7964324308 -0.3924994768 9.6697424645 -0.1005140110 -0.3924994768 -0.9142434546 34.2746224305 
# 
loop_
_struct_conf.conf_type_id 
_struct_conf.id 
_struct_conf.pdbx_PDB_helix_id 
_struct_conf.beg_label_comp_id 
_struct_conf.beg_label_asym_id 
_struct_conf.beg_label_seq_id 
_struct_conf.pdbx_beg_PDB_ins_code 
_struct_conf.end_label_comp_id 
_struct_conf.end_label_asym_id 
_struct_conf.end_label_seq_id 
_struct_conf.pdbx_end_PDB_ins_code 
_struct_conf.beg_auth_comp_id 
_struct_conf.beg_auth_asym_id 
_struct_conf.beg_auth_seq_id 
_struct_conf.end_auth_comp_id 
_struct_conf.end_auth_asym_id 
_struct_conf.end_auth_seq_id 
_struct_conf.pdbx_PDB_helix_class 
_struct_conf.details 
_struct_conf.pdbx_PDB_helix_length 
HELX_P HELX_P1 1 ASN A 55  ? GLU A 67  ? ASN A 55  GLU A 67  1 ? 13 
HELX_P HELX_P2 2 ASP A 91  ? ARG A 108 ? ASP A 91  ARG A 108 1 ? 18 
HELX_P HELX_P3 3 SER A 119 ? GLU A 133 ? SER A 119 GLU A 133 1 ? 15 
HELX_P HELX_P4 4 ASP A 170 ? GLU A 179 ? ASP A 170 GLU A 179 1 ? 10 
HELX_P HELX_P5 5 LYS A 200 ? ARG A 213 ? LYS A 200 ARG A 213 1 ? 14 
HELX_P HELX_P6 6 ARG A 214 ? LEU A 216 ? ARG A 214 LEU A 216 5 ? 3  
# 
_struct_conf_type.id          HELX_P 
_struct_conf_type.criteria    ? 
_struct_conf_type.reference   ? 
# 
_struct_sheet.id               A 
_struct_sheet.type             ? 
_struct_sheet.number_strands   8 
_struct_sheet.details          ? 
# 
loop_
_struct_sheet_order.sheet_id 
_struct_sheet_order.range_id_1 
_struct_sheet_order.range_id_2 
_struct_sheet_order.offset 
_struct_sheet_order.sense 
A 1 2 ? anti-parallel 
A 2 3 ? anti-parallel 
A 3 4 ? parallel      
A 4 5 ? parallel      
A 5 6 ? parallel      
A 6 7 ? parallel      
A 7 8 ? parallel      
# 
loop_
_struct_sheet_range.sheet_id 
_struct_sheet_range.id 
_struct_sheet_range.beg_label_comp_id 
_struct_sheet_range.beg_label_asym_id 
_struct_sheet_range.beg_label_seq_id 
_struct_sheet_range.pdbx_beg_PDB_ins_code 
_struct_sheet_range.end_label_comp_id 
_struct_sheet_range.end_label_asym_id 
_struct_sheet_range.end_label_seq_id 
_struct_sheet_range.pdbx_end_PDB_ins_code 
_struct_sheet_range.beg_auth_comp_id 
_struct_sheet_range.beg_auth_asym_id 
_struct_sheet_range.beg_auth_seq_id 
_struct_sheet_range.end_auth_comp_id 
_struct_sheet_range.end_auth_asym_id 
_struct_sheet_range.end_auth_seq_id 
A 1 ALA A 11  ? GLY A 17  ? ALA A 11  GLY A 17  
A 2 GLY A 20  ? ASP A 27  ? GLY A 20  ASP A 27  
A 3 THR A 71  ? PHE A 75  ? THR A 71  PHE A 75  
A 4 VAL A 38  ? CYS A 43  ? VAL A 38  CYS A 43  
A 5 THR A 112 ? PHE A 118 ? THR A 112 PHE A 118 
A 6 VAL A 136 ? ILE A 140 ? VAL A 136 ILE A 140 
A 7 TRP A 158 ? GLY A 163 ? TRP A 158 GLY A 163 
A 8 THR A 186 ? MET A 190 ? THR A 186 MET A 190 
# 
loop_
_pdbx_struct_sheet_hbond.sheet_id 
_pdbx_struct_sheet_hbond.range_id_1 
_pdbx_struct_sheet_hbond.range_id_2 
_pdbx_struct_sheet_hbond.range_1_label_atom_id 
_pdbx_struct_sheet_hbond.range_1_label_comp_id 
_pdbx_struct_sheet_hbond.range_1_label_asym_id 
_pdbx_struct_sheet_hbond.range_1_label_seq_id 
_pdbx_struct_sheet_hbond.range_1_PDB_ins_code 
_pdbx_struct_sheet_hbond.range_1_auth_atom_id 
_pdbx_struct_sheet_hbond.range_1_auth_comp_id 
_pdbx_struct_sheet_hbond.range_1_auth_asym_id 
_pdbx_struct_sheet_hbond.range_1_auth_seq_id 
_pdbx_struct_sheet_hbond.range_2_label_atom_id 
_pdbx_struct_sheet_hbond.range_2_label_comp_id 
_pdbx_struct_sheet_hbond.range_2_label_asym_id 
_pdbx_struct_sheet_hbond.range_2_label_seq_id 
_pdbx_struct_sheet_hbond.range_2_PDB_ins_code 
_pdbx_struct_sheet_hbond.range_2_auth_atom_id 
_pdbx_struct_sheet_hbond.range_2_auth_comp_id 
_pdbx_struct_sheet_hbond.range_2_auth_asym_id 
_pdbx_struct_sheet_hbond.range_2_auth_seq_id 
A 1 2 N ALA A 11  ? N ALA A 11  O VAL A 26  ? O VAL A 26  
A 2 3 N ASP A 27  ? N ASP A 27  O VAL A 72  ? O VAL A 72  
A 3 4 O VAL A 73  ? O VAL A 73  N ALA A 40  ? N ALA A 40  
A 4 5 N CYS A 43  ? N CYS A 43  O ALA A 116 ? O ALA A 116 
A 5 6 N GLY A 117 ? N GLY A 117 O ILE A 140 ? O ILE A 140 
A 6 7 N SER A 139 ? N SER A 139 O LEU A 159 ? O LEU A 159 
A 7 8 N VAL A 160 ? N VAL A 160 O THR A 186 ? O THR A 186 
# 
_pdbx_validate_symm_contact.id                1 
_pdbx_validate_symm_contact.PDB_model_num     1 
_pdbx_validate_symm_contact.auth_atom_id_1    O 
_pdbx_validate_symm_contact.auth_asym_id_1    A 
_pdbx_validate_symm_contact.auth_comp_id_1    HOH 
_pdbx_validate_symm_contact.auth_seq_id_1     254 
_pdbx_validate_symm_contact.PDB_ins_code_1    ? 
_pdbx_validate_symm_contact.label_alt_id_1    ? 
_pdbx_validate_symm_contact.site_symmetry_1   1_555 
_pdbx_validate_symm_contact.auth_atom_id_2    O 
_pdbx_validate_symm_contact.auth_asym_id_2    A 
_pdbx_validate_symm_contact.auth_comp_id_2    HOH 
_pdbx_validate_symm_contact.auth_seq_id_2     254 
_pdbx_validate_symm_contact.PDB_ins_code_2    ? 
_pdbx_validate_symm_contact.label_alt_id_2    ? 
_pdbx_validate_symm_contact.site_symmetry_2   2_556 
_pdbx_validate_symm_contact.dist              1.44 
# 
_pdbx_validate_rmsd_angle.id                         1 
_pdbx_validate_rmsd_angle.PDB_model_num              1 
_pdbx_validate_rmsd_angle.auth_atom_id_1             CB 
_pdbx_validate_rmsd_angle.auth_asym_id_1             A 
_pdbx_validate_rmsd_angle.auth_comp_id_1             ASP 
_pdbx_validate_rmsd_angle.auth_seq_id_1              166 
_pdbx_validate_rmsd_angle.PDB_ins_code_1             ? 
_pdbx_validate_rmsd_angle.label_alt_id_1             ? 
_pdbx_validate_rmsd_angle.auth_atom_id_2             CG 
_pdbx_validate_rmsd_angle.auth_asym_id_2             A 
_pdbx_validate_rmsd_angle.auth_comp_id_2             ASP 
_pdbx_validate_rmsd_angle.auth_seq_id_2              166 
_pdbx_validate_rmsd_angle.PDB_ins_code_2             ? 
_pdbx_validate_rmsd_angle.label_alt_id_2             ? 
_pdbx_validate_rmsd_angle.auth_atom_id_3             OD1 
_pdbx_validate_rmsd_angle.auth_asym_id_3             A 
_pdbx_validate_rmsd_angle.auth_comp_id_3             ASP 
_pdbx_validate_rmsd_angle.auth_seq_id_3              166 
_pdbx_validate_rmsd_angle.PDB_ins_code_3             ? 
_pdbx_validate_rmsd_angle.label_alt_id_3             ? 
_pdbx_validate_rmsd_angle.angle_value                124.11 
_pdbx_validate_rmsd_angle.angle_target_value         118.30 
_pdbx_validate_rmsd_angle.angle_deviation            5.81 
_pdbx_validate_rmsd_angle.angle_standard_deviation   0.90 
_pdbx_validate_rmsd_angle.linker_flag                N 
# 
loop_
_pdbx_validate_torsion.id 
_pdbx_validate_torsion.PDB_model_num 
_pdbx_validate_torsion.auth_comp_id 
_pdbx_validate_torsion.auth_asym_id 
_pdbx_validate_torsion.auth_seq_id 
_pdbx_validate_torsion.PDB_ins_code 
_pdbx_validate_torsion.label_alt_id 
_pdbx_validate_torsion.phi 
_pdbx_validate_torsion.psi 
1 1 LEU A 46  ? ? -32.47  120.11  
2 1 GLU A 49  ? ? -120.95 -132.86 
3 1 SER A 79  ? ? 80.01   -11.15  
4 1 SER A 119 ? ? 54.52   -112.59 
# 
loop_
_pdbx_unobs_or_zero_occ_residues.id 
_pdbx_unobs_or_zero_occ_residues.PDB_model_num 
_pdbx_unobs_or_zero_occ_residues.polymer_flag 
_pdbx_unobs_or_zero_occ_residues.occupancy_flag 
_pdbx_unobs_or_zero_occ_residues.auth_asym_id 
_pdbx_unobs_or_zero_occ_residues.auth_comp_id 
_pdbx_unobs_or_zero_occ_residues.auth_seq_id 
_pdbx_unobs_or_zero_occ_residues.PDB_ins_code 
_pdbx_unobs_or_zero_occ_residues.label_asym_id 
_pdbx_unobs_or_zero_occ_residues.label_comp_id 
_pdbx_unobs_or_zero_occ_residues.label_seq_id 
1 1 Y 1 A MET 1 ? A MET 1 
2 1 Y 1 A SER 2 ? A SER 2 
# 
loop_
_chem_comp_atom.comp_id 
_chem_comp_atom.atom_id 
_chem_comp_atom.type_symbol 
_chem_comp_atom.pdbx_aromatic_flag 
_chem_comp_atom.pdbx_stereo_config 
_chem_comp_atom.pdbx_ordinal 
ALA N    N N N 1   
ALA CA   C N S 2   
ALA C    C N N 3   
ALA O    O N N 4   
ALA CB   C N N 5   
ALA OXT  O N N 6   
ALA H    H N N 7   
ALA H2   H N N 8   
ALA HA   H N N 9   
ALA HB1  H N N 10  
ALA HB2  H N N 11  
ALA HB3  H N N 12  
ALA HXT  H N N 13  
ARG N    N N N 14  
ARG CA   C N S 15  
ARG C    C N N 16  
ARG O    O N N 17  
ARG CB   C N N 18  
ARG CG   C N N 19  
ARG CD   C N N 20  
ARG NE   N N N 21  
ARG CZ   C N N 22  
ARG NH1  N N N 23  
ARG NH2  N N N 24  
ARG OXT  O N N 25  
ARG H    H N N 26  
ARG H2   H N N 27  
ARG HA   H N N 28  
ARG HB2  H N N 29  
ARG HB3  H N N 30  
ARG HG2  H N N 31  
ARG HG3  H N N 32  
ARG HD2  H N N 33  
ARG HD3  H N N 34  
ARG HE   H N N 35  
ARG HH11 H N N 36  
ARG HH12 H N N 37  
ARG HH21 H N N 38  
ARG HH22 H N N 39  
ARG HXT  H N N 40  
ASN N    N N N 41  
ASN CA   C N S 42  
ASN C    C N N 43  
ASN O    O N N 44  
ASN CB   C N N 45  
ASN CG   C N N 46  
ASN OD1  O N N 47  
ASN ND2  N N N 48  
ASN OXT  O N N 49  
ASN H    H N N 50  
ASN H2   H N N 51  
ASN HA   H N N 52  
ASN HB2  H N N 53  
ASN HB3  H N N 54  
ASN HD21 H N N 55  
ASN HD22 H N N 56  
ASN HXT  H N N 57  
ASP N    N N N 58  
ASP CA   C N S 59  
ASP C    C N N 60  
ASP O    O N N 61  
ASP CB   C N N 62  
ASP CG   C N N 63  
ASP OD1  O N N 64  
ASP OD2  O N N 65  
ASP OXT  O N N 66  
ASP H    H N N 67  
ASP H2   H N N 68  
ASP HA   H N N 69  
ASP HB2  H N N 70  
ASP HB3  H N N 71  
ASP HD2  H N N 72  
ASP HXT  H N N 73  
CYS N    N N N 74  
CYS CA   C N R 75  
CYS C    C N N 76  
CYS O    O N N 77  
CYS CB   C N N 78  
CYS SG   S N N 79  
CYS OXT  O N N 80  
CYS H    H N N 81  
CYS H2   H N N 82  
CYS HA   H N N 83  
CYS HB2  H N N 84  
CYS HB3  H N N 85  
CYS HG   H N N 86  
CYS HXT  H N N 87  
GLN N    N N N 88  
GLN CA   C N S 89  
GLN C    C N N 90  
GLN O    O N N 91  
GLN CB   C N N 92  
GLN CG   C N N 93  
GLN CD   C N N 94  
GLN OE1  O N N 95  
GLN NE2  N N N 96  
GLN OXT  O N N 97  
GLN H    H N N 98  
GLN H2   H N N 99  
GLN HA   H N N 100 
GLN HB2  H N N 101 
GLN HB3  H N N 102 
GLN HG2  H N N 103 
GLN HG3  H N N 104 
GLN HE21 H N N 105 
GLN HE22 H N N 106 
GLN HXT  H N N 107 
GLU N    N N N 108 
GLU CA   C N S 109 
GLU C    C N N 110 
GLU O    O N N 111 
GLU CB   C N N 112 
GLU CG   C N N 113 
GLU CD   C N N 114 
GLU OE1  O N N 115 
GLU OE2  O N N 116 
GLU OXT  O N N 117 
GLU H    H N N 118 
GLU H2   H N N 119 
GLU HA   H N N 120 
GLU HB2  H N N 121 
GLU HB3  H N N 122 
GLU HG2  H N N 123 
GLU HG3  H N N 124 
GLU HE2  H N N 125 
GLU HXT  H N N 126 
GLY N    N N N 127 
GLY CA   C N N 128 
GLY C    C N N 129 
GLY O    O N N 130 
GLY OXT  O N N 131 
GLY H    H N N 132 
GLY H2   H N N 133 
GLY HA2  H N N 134 
GLY HA3  H N N 135 
GLY HXT  H N N 136 
HIS N    N N N 137 
HIS CA   C N S 138 
HIS C    C N N 139 
HIS O    O N N 140 
HIS CB   C N N 141 
HIS CG   C Y N 142 
HIS ND1  N Y N 143 
HIS CD2  C Y N 144 
HIS CE1  C Y N 145 
HIS NE2  N Y N 146 
HIS OXT  O N N 147 
HIS H    H N N 148 
HIS H2   H N N 149 
HIS HA   H N N 150 
HIS HB2  H N N 151 
HIS HB3  H N N 152 
HIS HD1  H N N 153 
HIS HD2  H N N 154 
HIS HE1  H N N 155 
HIS HE2  H N N 156 
HIS HXT  H N N 157 
HOH O    O N N 158 
HOH H1   H N N 159 
HOH H2   H N N 160 
ILE N    N N N 161 
ILE CA   C N S 162 
ILE C    C N N 163 
ILE O    O N N 164 
ILE CB   C N S 165 
ILE CG1  C N N 166 
ILE CG2  C N N 167 
ILE CD1  C N N 168 
ILE OXT  O N N 169 
ILE H    H N N 170 
ILE H2   H N N 171 
ILE HA   H N N 172 
ILE HB   H N N 173 
ILE HG12 H N N 174 
ILE HG13 H N N 175 
ILE HG21 H N N 176 
ILE HG22 H N N 177 
ILE HG23 H N N 178 
ILE HD11 H N N 179 
ILE HD12 H N N 180 
ILE HD13 H N N 181 
ILE HXT  H N N 182 
LEU N    N N N 183 
LEU CA   C N S 184 
LEU C    C N N 185 
LEU O    O N N 186 
LEU CB   C N N 187 
LEU CG   C N N 188 
LEU CD1  C N N 189 
LEU CD2  C N N 190 
LEU OXT  O N N 191 
LEU H    H N N 192 
LEU H2   H N N 193 
LEU HA   H N N 194 
LEU HB2  H N N 195 
LEU HB3  H N N 196 
LEU HG   H N N 197 
LEU HD11 H N N 198 
LEU HD12 H N N 199 
LEU HD13 H N N 200 
LEU HD21 H N N 201 
LEU HD22 H N N 202 
LEU HD23 H N N 203 
LEU HXT  H N N 204 
LYS N    N N N 205 
LYS CA   C N S 206 
LYS C    C N N 207 
LYS O    O N N 208 
LYS CB   C N N 209 
LYS CG   C N N 210 
LYS CD   C N N 211 
LYS CE   C N N 212 
LYS NZ   N N N 213 
LYS OXT  O N N 214 
LYS H    H N N 215 
LYS H2   H N N 216 
LYS HA   H N N 217 
LYS HB2  H N N 218 
LYS HB3  H N N 219 
LYS HG2  H N N 220 
LYS HG3  H N N 221 
LYS HD2  H N N 222 
LYS HD3  H N N 223 
LYS HE2  H N N 224 
LYS HE3  H N N 225 
LYS HZ1  H N N 226 
LYS HZ2  H N N 227 
LYS HZ3  H N N 228 
LYS HXT  H N N 229 
MET N    N N N 230 
MET CA   C N S 231 
MET C    C N N 232 
MET O    O N N 233 
MET CB   C N N 234 
MET CG   C N N 235 
MET SD   S N N 236 
MET CE   C N N 237 
MET OXT  O N N 238 
MET H    H N N 239 
MET H2   H N N 240 
MET HA   H N N 241 
MET HB2  H N N 242 
MET HB3  H N N 243 
MET HG2  H N N 244 
MET HG3  H N N 245 
MET HE1  H N N 246 
MET HE2  H N N 247 
MET HE3  H N N 248 
MET HXT  H N N 249 
PHE N    N N N 250 
PHE CA   C N S 251 
PHE C    C N N 252 
PHE O    O N N 253 
PHE CB   C N N 254 
PHE CG   C Y N 255 
PHE CD1  C Y N 256 
PHE CD2  C Y N 257 
PHE CE1  C Y N 258 
PHE CE2  C Y N 259 
PHE CZ   C Y N 260 
PHE OXT  O N N 261 
PHE H    H N N 262 
PHE H2   H N N 263 
PHE HA   H N N 264 
PHE HB2  H N N 265 
PHE HB3  H N N 266 
PHE HD1  H N N 267 
PHE HD2  H N N 268 
PHE HE1  H N N 269 
PHE HE2  H N N 270 
PHE HZ   H N N 271 
PHE HXT  H N N 272 
PRO N    N N N 273 
PRO CA   C N S 274 
PRO C    C N N 275 
PRO O    O N N 276 
PRO CB   C N N 277 
PRO CG   C N N 278 
PRO CD   C N N 279 
PRO OXT  O N N 280 
PRO H    H N N 281 
PRO HA   H N N 282 
PRO HB2  H N N 283 
PRO HB3  H N N 284 
PRO HG2  H N N 285 
PRO HG3  H N N 286 
PRO HD2  H N N 287 
PRO HD3  H N N 288 
PRO HXT  H N N 289 
SER N    N N N 290 
SER CA   C N S 291 
SER C    C N N 292 
SER O    O N N 293 
SER CB   C N N 294 
SER OG   O N N 295 
SER OXT  O N N 296 
SER H    H N N 297 
SER H2   H N N 298 
SER HA   H N N 299 
SER HB2  H N N 300 
SER HB3  H N N 301 
SER HG   H N N 302 
SER HXT  H N N 303 
THR N    N N N 304 
THR CA   C N S 305 
THR C    C N N 306 
THR O    O N N 307 
THR CB   C N R 308 
THR OG1  O N N 309 
THR CG2  C N N 310 
THR OXT  O N N 311 
THR H    H N N 312 
THR H2   H N N 313 
THR HA   H N N 314 
THR HB   H N N 315 
THR HG1  H N N 316 
THR HG21 H N N 317 
THR HG22 H N N 318 
THR HG23 H N N 319 
THR HXT  H N N 320 
TRP N    N N N 321 
TRP CA   C N S 322 
TRP C    C N N 323 
TRP O    O N N 324 
TRP CB   C N N 325 
TRP CG   C Y N 326 
TRP CD1  C Y N 327 
TRP CD2  C Y N 328 
TRP NE1  N Y N 329 
TRP CE2  C Y N 330 
TRP CE3  C Y N 331 
TRP CZ2  C Y N 332 
TRP CZ3  C Y N 333 
TRP CH2  C Y N 334 
TRP OXT  O N N 335 
TRP H    H N N 336 
TRP H2   H N N 337 
TRP HA   H N N 338 
TRP HB2  H N N 339 
TRP HB3  H N N 340 
TRP HD1  H N N 341 
TRP HE1  H N N 342 
TRP HE3  H N N 343 
TRP HZ2  H N N 344 
TRP HZ3  H N N 345 
TRP HH2  H N N 346 
TRP HXT  H N N 347 
TYR N    N N N 348 
TYR CA   C N S 349 
TYR C    C N N 350 
TYR O    O N N 351 
TYR CB   C N N 352 
TYR CG   C Y N 353 
TYR CD1  C Y N 354 
TYR CD2  C Y N 355 
TYR CE1  C Y N 356 
TYR CE2  C Y N 357 
TYR CZ   C Y N 358 
TYR OH   O N N 359 
TYR OXT  O N N 360 
TYR H    H N N 361 
TYR H2   H N N 362 
TYR HA   H N N 363 
TYR HB2  H N N 364 
TYR HB3  H N N 365 
TYR HD1  H N N 366 
TYR HD2  H N N 367 
TYR HE1  H N N 368 
TYR HE2  H N N 369 
TYR HH   H N N 370 
TYR HXT  H N N 371 
VAL N    N N N 372 
VAL CA   C N S 373 
VAL C    C N N 374 
VAL O    O N N 375 
VAL CB   C N N 376 
VAL CG1  C N N 377 
VAL CG2  C N N 378 
VAL OXT  O N N 379 
VAL H    H N N 380 
VAL H2   H N N 381 
VAL HA   H N N 382 
VAL HB   H N N 383 
VAL HG11 H N N 384 
VAL HG12 H N N 385 
VAL HG13 H N N 386 
VAL HG21 H N N 387 
VAL HG22 H N N 388 
VAL HG23 H N N 389 
VAL HXT  H N N 390 
# 
loop_
_chem_comp_bond.comp_id 
_chem_comp_bond.atom_id_1 
_chem_comp_bond.atom_id_2 
_chem_comp_bond.value_order 
_chem_comp_bond.pdbx_aromatic_flag 
_chem_comp_bond.pdbx_stereo_config 
_chem_comp_bond.pdbx_ordinal 
ALA N   CA   sing N N 1   
ALA N   H    sing N N 2   
ALA N   H2   sing N N 3   
ALA CA  C    sing N N 4   
ALA CA  CB   sing N N 5   
ALA CA  HA   sing N N 6   
ALA C   O    doub N N 7   
ALA C   OXT  sing N N 8   
ALA CB  HB1  sing N N 9   
ALA CB  HB2  sing N N 10  
ALA CB  HB3  sing N N 11  
ALA OXT HXT  sing N N 12  
ARG N   CA   sing N N 13  
ARG N   H    sing N N 14  
ARG N   H2   sing N N 15  
ARG CA  C    sing N N 16  
ARG CA  CB   sing N N 17  
ARG CA  HA   sing N N 18  
ARG C   O    doub N N 19  
ARG C   OXT  sing N N 20  
ARG CB  CG   sing N N 21  
ARG CB  HB2  sing N N 22  
ARG CB  HB3  sing N N 23  
ARG CG  CD   sing N N 24  
ARG CG  HG2  sing N N 25  
ARG CG  HG3  sing N N 26  
ARG CD  NE   sing N N 27  
ARG CD  HD2  sing N N 28  
ARG CD  HD3  sing N N 29  
ARG NE  CZ   sing N N 30  
ARG NE  HE   sing N N 31  
ARG CZ  NH1  sing N N 32  
ARG CZ  NH2  doub N N 33  
ARG NH1 HH11 sing N N 34  
ARG NH1 HH12 sing N N 35  
ARG NH2 HH21 sing N N 36  
ARG NH2 HH22 sing N N 37  
ARG OXT HXT  sing N N 38  
ASN N   CA   sing N N 39  
ASN N   H    sing N N 40  
ASN N   H2   sing N N 41  
ASN CA  C    sing N N 42  
ASN CA  CB   sing N N 43  
ASN CA  HA   sing N N 44  
ASN C   O    doub N N 45  
ASN C   OXT  sing N N 46  
ASN CB  CG   sing N N 47  
ASN CB  HB2  sing N N 48  
ASN CB  HB3  sing N N 49  
ASN CG  OD1  doub N N 50  
ASN CG  ND2  sing N N 51  
ASN ND2 HD21 sing N N 52  
ASN ND2 HD22 sing N N 53  
ASN OXT HXT  sing N N 54  
ASP N   CA   sing N N 55  
ASP N   H    sing N N 56  
ASP N   H2   sing N N 57  
ASP CA  C    sing N N 58  
ASP CA  CB   sing N N 59  
ASP CA  HA   sing N N 60  
ASP C   O    doub N N 61  
ASP C   OXT  sing N N 62  
ASP CB  CG   sing N N 63  
ASP CB  HB2  sing N N 64  
ASP CB  HB3  sing N N 65  
ASP CG  OD1  doub N N 66  
ASP CG  OD2  sing N N 67  
ASP OD2 HD2  sing N N 68  
ASP OXT HXT  sing N N 69  
CYS N   CA   sing N N 70  
CYS N   H    sing N N 71  
CYS N   H2   sing N N 72  
CYS CA  C    sing N N 73  
CYS CA  CB   sing N N 74  
CYS CA  HA   sing N N 75  
CYS C   O    doub N N 76  
CYS C   OXT  sing N N 77  
CYS CB  SG   sing N N 78  
CYS CB  HB2  sing N N 79  
CYS CB  HB3  sing N N 80  
CYS SG  HG   sing N N 81  
CYS OXT HXT  sing N N 82  
GLN N   CA   sing N N 83  
GLN N   H    sing N N 84  
GLN N   H2   sing N N 85  
GLN CA  C    sing N N 86  
GLN CA  CB   sing N N 87  
GLN CA  HA   sing N N 88  
GLN C   O    doub N N 89  
GLN C   OXT  sing N N 90  
GLN CB  CG   sing N N 91  
GLN CB  HB2  sing N N 92  
GLN CB  HB3  sing N N 93  
GLN CG  CD   sing N N 94  
GLN CG  HG2  sing N N 95  
GLN CG  HG3  sing N N 96  
GLN CD  OE1  doub N N 97  
GLN CD  NE2  sing N N 98  
GLN NE2 HE21 sing N N 99  
GLN NE2 HE22 sing N N 100 
GLN OXT HXT  sing N N 101 
GLU N   CA   sing N N 102 
GLU N   H    sing N N 103 
GLU N   H2   sing N N 104 
GLU CA  C    sing N N 105 
GLU CA  CB   sing N N 106 
GLU CA  HA   sing N N 107 
GLU C   O    doub N N 108 
GLU C   OXT  sing N N 109 
GLU CB  CG   sing N N 110 
GLU CB  HB2  sing N N 111 
GLU CB  HB3  sing N N 112 
GLU CG  CD   sing N N 113 
GLU CG  HG2  sing N N 114 
GLU CG  HG3  sing N N 115 
GLU CD  OE1  doub N N 116 
GLU CD  OE2  sing N N 117 
GLU OE2 HE2  sing N N 118 
GLU OXT HXT  sing N N 119 
GLY N   CA   sing N N 120 
GLY N   H    sing N N 121 
GLY N   H2   sing N N 122 
GLY CA  C    sing N N 123 
GLY CA  HA2  sing N N 124 
GLY CA  HA3  sing N N 125 
GLY C   O    doub N N 126 
GLY C   OXT  sing N N 127 
GLY OXT HXT  sing N N 128 
HIS N   CA   sing N N 129 
HIS N   H    sing N N 130 
HIS N   H2   sing N N 131 
HIS CA  C    sing N N 132 
HIS CA  CB   sing N N 133 
HIS CA  HA   sing N N 134 
HIS C   O    doub N N 135 
HIS C   OXT  sing N N 136 
HIS CB  CG   sing N N 137 
HIS CB  HB2  sing N N 138 
HIS CB  HB3  sing N N 139 
HIS CG  ND1  sing Y N 140 
HIS CG  CD2  doub Y N 141 
HIS ND1 CE1  doub Y N 142 
HIS ND1 HD1  sing N N 143 
HIS CD2 NE2  sing Y N 144 
HIS CD2 HD2  sing N N 145 
HIS CE1 NE2  sing Y N 146 
HIS CE1 HE1  sing N N 147 
HIS NE2 HE2  sing N N 148 
HIS OXT HXT  sing N N 149 
HOH O   H1   sing N N 150 
HOH O   H2   sing N N 151 
ILE N   CA   sing N N 152 
ILE N   H    sing N N 153 
ILE N   H2   sing N N 154 
ILE CA  C    sing N N 155 
ILE CA  CB   sing N N 156 
ILE CA  HA   sing N N 157 
ILE C   O    doub N N 158 
ILE C   OXT  sing N N 159 
ILE CB  CG1  sing N N 160 
ILE CB  CG2  sing N N 161 
ILE CB  HB   sing N N 162 
ILE CG1 CD1  sing N N 163 
ILE CG1 HG12 sing N N 164 
ILE CG1 HG13 sing N N 165 
ILE CG2 HG21 sing N N 166 
ILE CG2 HG22 sing N N 167 
ILE CG2 HG23 sing N N 168 
ILE CD1 HD11 sing N N 169 
ILE CD1 HD12 sing N N 170 
ILE CD1 HD13 sing N N 171 
ILE OXT HXT  sing N N 172 
LEU N   CA   sing N N 173 
LEU N   H    sing N N 174 
LEU N   H2   sing N N 175 
LEU CA  C    sing N N 176 
LEU CA  CB   sing N N 177 
LEU CA  HA   sing N N 178 
LEU C   O    doub N N 179 
LEU C   OXT  sing N N 180 
LEU CB  CG   sing N N 181 
LEU CB  HB2  sing N N 182 
LEU CB  HB3  sing N N 183 
LEU CG  CD1  sing N N 184 
LEU CG  CD2  sing N N 185 
LEU CG  HG   sing N N 186 
LEU CD1 HD11 sing N N 187 
LEU CD1 HD12 sing N N 188 
LEU CD1 HD13 sing N N 189 
LEU CD2 HD21 sing N N 190 
LEU CD2 HD22 sing N N 191 
LEU CD2 HD23 sing N N 192 
LEU OXT HXT  sing N N 193 
LYS N   CA   sing N N 194 
LYS N   H    sing N N 195 
LYS N   H2   sing N N 196 
LYS CA  C    sing N N 197 
LYS CA  CB   sing N N 198 
LYS CA  HA   sing N N 199 
LYS C   O    doub N N 200 
LYS C   OXT  sing N N 201 
LYS CB  CG   sing N N 202 
LYS CB  HB2  sing N N 203 
LYS CB  HB3  sing N N 204 
LYS CG  CD   sing N N 205 
LYS CG  HG2  sing N N 206 
LYS CG  HG3  sing N N 207 
LYS CD  CE   sing N N 208 
LYS CD  HD2  sing N N 209 
LYS CD  HD3  sing N N 210 
LYS CE  NZ   sing N N 211 
LYS CE  HE2  sing N N 212 
LYS CE  HE3  sing N N 213 
LYS NZ  HZ1  sing N N 214 
LYS NZ  HZ2  sing N N 215 
LYS NZ  HZ3  sing N N 216 
LYS OXT HXT  sing N N 217 
MET N   CA   sing N N 218 
MET N   H    sing N N 219 
MET N   H2   sing N N 220 
MET CA  C    sing N N 221 
MET CA  CB   sing N N 222 
MET CA  HA   sing N N 223 
MET C   O    doub N N 224 
MET C   OXT  sing N N 225 
MET CB  CG   sing N N 226 
MET CB  HB2  sing N N 227 
MET CB  HB3  sing N N 228 
MET CG  SD   sing N N 229 
MET CG  HG2  sing N N 230 
MET CG  HG3  sing N N 231 
MET SD  CE   sing N N 232 
MET CE  HE1  sing N N 233 
MET CE  HE2  sing N N 234 
MET CE  HE3  sing N N 235 
MET OXT HXT  sing N N 236 
PHE N   CA   sing N N 237 
PHE N   H    sing N N 238 
PHE N   H2   sing N N 239 
PHE CA  C    sing N N 240 
PHE CA  CB   sing N N 241 
PHE CA  HA   sing N N 242 
PHE C   O    doub N N 243 
PHE C   OXT  sing N N 244 
PHE CB  CG   sing N N 245 
PHE CB  HB2  sing N N 246 
PHE CB  HB3  sing N N 247 
PHE CG  CD1  doub Y N 248 
PHE CG  CD2  sing Y N 249 
PHE CD1 CE1  sing Y N 250 
PHE CD1 HD1  sing N N 251 
PHE CD2 CE2  doub Y N 252 
PHE CD2 HD2  sing N N 253 
PHE CE1 CZ   doub Y N 254 
PHE CE1 HE1  sing N N 255 
PHE CE2 CZ   sing Y N 256 
PHE CE2 HE2  sing N N 257 
PHE CZ  HZ   sing N N 258 
PHE OXT HXT  sing N N 259 
PRO N   CA   sing N N 260 
PRO N   CD   sing N N 261 
PRO N   H    sing N N 262 
PRO CA  C    sing N N 263 
PRO CA  CB   sing N N 264 
PRO CA  HA   sing N N 265 
PRO C   O    doub N N 266 
PRO C   OXT  sing N N 267 
PRO CB  CG   sing N N 268 
PRO CB  HB2  sing N N 269 
PRO CB  HB3  sing N N 270 
PRO CG  CD   sing N N 271 
PRO CG  HG2  sing N N 272 
PRO CG  HG3  sing N N 273 
PRO CD  HD2  sing N N 274 
PRO CD  HD3  sing N N 275 
PRO OXT HXT  sing N N 276 
SER N   CA   sing N N 277 
SER N   H    sing N N 278 
SER N   H2   sing N N 279 
SER CA  C    sing N N 280 
SER CA  CB   sing N N 281 
SER CA  HA   sing N N 282 
SER C   O    doub N N 283 
SER C   OXT  sing N N 284 
SER CB  OG   sing N N 285 
SER CB  HB2  sing N N 286 
SER CB  HB3  sing N N 287 
SER OG  HG   sing N N 288 
SER OXT HXT  sing N N 289 
THR N   CA   sing N N 290 
THR N   H    sing N N 291 
THR N   H2   sing N N 292 
THR CA  C    sing N N 293 
THR CA  CB   sing N N 294 
THR CA  HA   sing N N 295 
THR C   O    doub N N 296 
THR C   OXT  sing N N 297 
THR CB  OG1  sing N N 298 
THR CB  CG2  sing N N 299 
THR CB  HB   sing N N 300 
THR OG1 HG1  sing N N 301 
THR CG2 HG21 sing N N 302 
THR CG2 HG22 sing N N 303 
THR CG2 HG23 sing N N 304 
THR OXT HXT  sing N N 305 
TRP N   CA   sing N N 306 
TRP N   H    sing N N 307 
TRP N   H2   sing N N 308 
TRP CA  C    sing N N 309 
TRP CA  CB   sing N N 310 
TRP CA  HA   sing N N 311 
TRP C   O    doub N N 312 
TRP C   OXT  sing N N 313 
TRP CB  CG   sing N N 314 
TRP CB  HB2  sing N N 315 
TRP CB  HB3  sing N N 316 
TRP CG  CD1  doub Y N 317 
TRP CG  CD2  sing Y N 318 
TRP CD1 NE1  sing Y N 319 
TRP CD1 HD1  sing N N 320 
TRP CD2 CE2  doub Y N 321 
TRP CD2 CE3  sing Y N 322 
TRP NE1 CE2  sing Y N 323 
TRP NE1 HE1  sing N N 324 
TRP CE2 CZ2  sing Y N 325 
TRP CE3 CZ3  doub Y N 326 
TRP CE3 HE3  sing N N 327 
TRP CZ2 CH2  doub Y N 328 
TRP CZ2 HZ2  sing N N 329 
TRP CZ3 CH2  sing Y N 330 
TRP CZ3 HZ3  sing N N 331 
TRP CH2 HH2  sing N N 332 
TRP OXT HXT  sing N N 333 
TYR N   CA   sing N N 334 
TYR N   H    sing N N 335 
TYR N   H2   sing N N 336 
TYR CA  C    sing N N 337 
TYR CA  CB   sing N N 338 
TYR CA  HA   sing N N 339 
TYR C   O    doub N N 340 
TYR C   OXT  sing N N 341 
TYR CB  CG   sing N N 342 
TYR CB  HB2  sing N N 343 
TYR CB  HB3  sing N N 344 
TYR CG  CD1  doub Y N 345 
TYR CG  CD2  sing Y N 346 
TYR CD1 CE1  sing Y N 347 
TYR CD1 HD1  sing N N 348 
TYR CD2 CE2  doub Y N 349 
TYR CD2 HD2  sing N N 350 
TYR CE1 CZ   doub Y N 351 
TYR CE1 HE1  sing N N 352 
TYR CE2 CZ   sing Y N 353 
TYR CE2 HE2  sing N N 354 
TYR CZ  OH   sing N N 355 
TYR OH  HH   sing N N 356 
TYR OXT HXT  sing N N 357 
VAL N   CA   sing N N 358 
VAL N   H    sing N N 359 
VAL N   H2   sing N N 360 
VAL CA  C    sing N N 361 
VAL CA  CB   sing N N 362 
VAL CA  HA   sing N N 363 
VAL C   O    doub N N 364 
VAL C   OXT  sing N N 365 
VAL CB  CG1  sing N N 366 
VAL CB  CG2  sing N N 367 
VAL CB  HB   sing N N 368 
VAL CG1 HG11 sing N N 369 
VAL CG1 HG12 sing N N 370 
VAL CG1 HG13 sing N N 371 
VAL CG2 HG21 sing N N 372 
VAL CG2 HG22 sing N N 373 
VAL CG2 HG23 sing N N 374 
VAL OXT HXT  sing N N 375 
# 
_atom_sites.entry_id                    2FUK 
_atom_sites.fract_transf_matrix[1][1]   -0.00462122 
_atom_sites.fract_transf_matrix[1][2]   0.00394481 
_atom_sites.fract_transf_matrix[1][3]   0.01263856 
_atom_sites.fract_transf_matrix[2][1]   0.00305322 
_atom_sites.fract_transf_matrix[2][2]   0.01192260 
_atom_sites.fract_transf_matrix[2][3]   -0.00260495 
_atom_sites.fract_transf_matrix[3][1]   -0.02674417 
_atom_sites.fract_transf_matrix[3][2]   0.00634567 
_atom_sites.fract_transf_matrix[3][3]   -0.00230295 
_atom_sites.fract_transf_vector[1]      0.244652 
_atom_sites.fract_transf_vector[2]      0.375613 
_atom_sites.fract_transf_vector[3]      0.394894 
# 
loop_
_atom_type.symbol 
C 
N 
O 
S 
# 
loop_
_atom_site.group_PDB 
_atom_site.id 
_atom_site.type_symbol 
_atom_site.label_atom_id 
_atom_site.label_alt_id 
_atom_site.label_comp_id 
_atom_site.label_asym_id 
_atom_site.label_entity_id 
_atom_site.label_seq_id 
_atom_site.pdbx_PDB_ins_code 
_atom_site.Cartn_x 
_atom_site.Cartn_y 
_atom_site.Cartn_z 
_atom_site.occupancy 
_atom_site.B_iso_or_equiv 
_atom_site.pdbx_formal_charge 
_atom_site.auth_seq_id 
_atom_site.auth_comp_id 
_atom_site.auth_asym_id 
_atom_site.auth_atom_id 
_atom_site.pdbx_PDB_model_num 
ATOM   1    N N   . ASN A 1 3   ? -14.227 -17.381 -5.448  1.00 22.40 ? 3   ASN A N   1 
ATOM   2    C CA  . ASN A 1 3   ? -14.737 -18.333 -4.416  1.00 20.50 ? 3   ASN A CA  1 
ATOM   3    C C   . ASN A 1 3   ? -14.958 -17.643 -3.054  1.00 19.05 ? 3   ASN A C   1 
ATOM   4    O O   . ASN A 1 3   ? -16.042 -17.727 -2.477  1.00 19.66 ? 3   ASN A O   1 
ATOM   5    C CB  . ASN A 1 3   ? -13.747 -19.494 -4.248  1.00 20.64 ? 3   ASN A CB  1 
ATOM   6    C CG  . ASN A 1 3   ? -13.518 -20.276 -5.538  1.00 23.22 ? 3   ASN A CG  1 
ATOM   7    O OD1 . ASN A 1 3   ? -12.509 -20.977 -5.685  1.00 23.73 ? 3   ASN A OD1 1 
ATOM   8    N ND2 . ASN A 1 3   ? -14.457 -20.171 -6.474  1.00 24.68 ? 3   ASN A ND2 1 
ATOM   9    N N   . PRO A 1 4   ? -13.934 -16.937 -2.537  1.00 17.05 ? 4   PRO A N   1 
ATOM   10   C CA  . PRO A 1 4   ? -13.998 -16.234 -1.246  1.00 14.67 ? 4   PRO A CA  1 
ATOM   11   C C   . PRO A 1 4   ? -14.975 -15.062 -1.128  1.00 13.64 ? 4   PRO A C   1 
ATOM   12   O O   . PRO A 1 4   ? -15.172 -14.282 -2.065  1.00 12.22 ? 4   PRO A O   1 
ATOM   13   C CB  . PRO A 1 4   ? -12.549 -15.808 -1.020  1.00 15.81 ? 4   PRO A CB  1 
ATOM   14   C CG  . PRO A 1 4   ? -12.080 -15.546 -2.409  1.00 15.00 ? 4   PRO A CG  1 
ATOM   15   C CD  . PRO A 1 4   ? -12.618 -16.729 -3.168  1.00 17.69 ? 4   PRO A CD  1 
ATOM   16   N N   . LEU A 1 5   ? -15.578 -14.952 0.051   1.00 12.02 ? 5   LEU A N   1 
ATOM   17   C CA  . LEU A 1 5   ? -16.547 -13.905 0.346   1.00 10.93 ? 5   LEU A CA  1 
ATOM   18   C C   . LEU A 1 5   ? -15.885 -12.765 1.098   1.00 11.52 ? 5   LEU A C   1 
ATOM   19   O O   . LEU A 1 5   ? -15.052 -13.003 1.963   1.00 11.19 ? 5   LEU A O   1 
ATOM   20   C CB  . LEU A 1 5   ? -17.669 -14.473 1.215   1.00 12.77 ? 5   LEU A CB  1 
ATOM   21   C CG  . LEU A 1 5   ? -18.435 -15.659 0.629   1.00 13.01 ? 5   LEU A CG  1 
ATOM   22   C CD1 . LEU A 1 5   ? -19.129 -16.431 1.739   1.00 12.92 ? 5   LEU A CD1 1 
ATOM   23   C CD2 . LEU A 1 5   ? -19.428 -15.147 -0.397  1.00 14.88 ? 5   LEU A CD2 1 
ATOM   24   N N   . PHE A 1 6   ? -16.246 -11.528 0.769   1.00 11.24 ? 6   PHE A N   1 
ATOM   25   C CA  . PHE A 1 6   ? -15.682 -10.392 1.480   1.00 10.31 ? 6   PHE A CA  1 
ATOM   26   C C   . PHE A 1 6   ? -16.318 -10.497 2.865   1.00 9.85  ? 6   PHE A C   1 
ATOM   27   O O   . PHE A 1 6   ? -17.541 -10.517 2.996   1.00 10.69 ? 6   PHE A O   1 
ATOM   28   C CB  . PHE A 1 6   ? -16.082 -9.079  0.808   1.00 9.88  ? 6   PHE A CB  1 
ATOM   29   C CG  . PHE A 1 6   ? -15.188 -7.926  1.161   1.00 9.72  ? 6   PHE A CG  1 
ATOM   30   C CD1 . PHE A 1 6   ? -14.047 -7.654  0.411   1.00 9.36  ? 6   PHE A CD1 1 
ATOM   31   C CD2 . PHE A 1 6   ? -15.479 -7.118  2.251   1.00 10.75 ? 6   PHE A CD2 1 
ATOM   32   C CE1 . PHE A 1 6   ? -13.212 -6.584  0.746   1.00 10.84 ? 6   PHE A CE1 1 
ATOM   33   C CE2 . PHE A 1 6   ? -14.653 -6.055  2.591   1.00 10.18 ? 6   PHE A CE2 1 
ATOM   34   C CZ  . PHE A 1 6   ? -13.521 -5.786  1.838   1.00 9.83  ? 6   PHE A CZ  1 
ATOM   35   N N   . PRO A 1 7   ? -15.493 -10.578 3.918   1.00 11.53 ? 7   PRO A N   1 
ATOM   36   C CA  . PRO A 1 7   ? -16.005 -10.698 5.287   1.00 11.87 ? 7   PRO A CA  1 
ATOM   37   C C   . PRO A 1 7   ? -16.672 -9.452  5.878   1.00 11.26 ? 7   PRO A C   1 
ATOM   38   O O   . PRO A 1 7   ? -16.402 -8.325  5.462   1.00 12.76 ? 7   PRO A O   1 
ATOM   39   C CB  . PRO A 1 7   ? -14.769 -11.134 6.066   1.00 13.17 ? 7   PRO A CB  1 
ATOM   40   C CG  . PRO A 1 7   ? -13.669 -10.394 5.370   1.00 11.45 ? 7   PRO A CG  1 
ATOM   41   C CD  . PRO A 1 7   ? -14.020 -10.544 3.899   1.00 11.40 ? 7   PRO A CD  1 
ATOM   42   N N   . THR A 1 8   ? -17.570 -9.675  6.832   1.00 12.13 ? 8   THR A N   1 
ATOM   43   C CA  . THR A 1 8   ? -18.265 -8.581  7.500   1.00 12.55 ? 8   THR A CA  1 
ATOM   44   C C   . THR A 1 8   ? -17.767 -8.507  8.936   1.00 13.17 ? 8   THR A C   1 
ATOM   45   O O   . THR A 1 8   ? -18.355 -7.830  9.776   1.00 12.50 ? 8   THR A O   1 
ATOM   46   C CB  . THR A 1 8   ? -19.790 -8.791  7.514   1.00 13.71 ? 8   THR A CB  1 
ATOM   47   O OG1 . THR A 1 8   ? -20.101 -9.998  8.224   1.00 14.46 ? 8   THR A OG1 1 
ATOM   48   C CG2 . THR A 1 8   ? -20.316 -8.886  6.096   1.00 13.84 ? 8   THR A CG2 1 
ATOM   49   N N   . GLU A 1 9   ? -16.664 -9.208  9.185   1.00 13.58 ? 9   GLU A N   1 
ATOM   50   C CA  . GLU A 1 9   ? -15.991 -9.264  10.485  1.00 14.32 ? 9   GLU A CA  1 
ATOM   51   C C   . GLU A 1 9   ? -14.523 -9.387  10.042  1.00 13.08 ? 9   GLU A C   1 
ATOM   52   O O   . GLU A 1 9   ? -14.246 -10.031 9.030   1.00 13.89 ? 9   GLU A O   1 
ATOM   53   C CB  . GLU A 1 9   ? -16.452 -10.523 11.232  1.00 17.13 ? 9   GLU A CB  1 
ATOM   54   C CG  . GLU A 1 9   ? -16.503 -10.449 12.752  1.00 22.69 ? 9   GLU A CG  1 
ATOM   55   C CD  . GLU A 1 9   ? -17.521 -9.451  13.305  1.00 22.34 ? 9   GLU A CD  1 
ATOM   56   O OE1 . GLU A 1 9   ? -18.745 -9.556  13.030  1.00 24.54 ? 9   GLU A OE1 1 
ATOM   57   O OE2 . GLU A 1 9   ? -17.094 -8.555  14.042  1.00 24.32 ? 9   GLU A OE2 1 
ATOM   58   N N   . SER A 1 10  ? -13.584 -8.763  10.752  1.00 12.12 ? 10  SER A N   1 
ATOM   59   C CA  . SER A 1 10  ? -12.182 -8.863  10.336  1.00 11.58 ? 10  SER A CA  1 
ATOM   60   C C   . SER A 1 10  ? -11.795 -10.329 10.200  1.00 12.04 ? 10  SER A C   1 
ATOM   61   O O   . SER A 1 10  ? -12.052 -11.135 11.101  1.00 12.42 ? 10  SER A O   1 
ATOM   62   C CB  . SER A 1 10  ? -11.279 -8.148  11.333  1.00 10.67 ? 10  SER A CB  1 
ATOM   63   O OG  . SER A 1 10  ? -11.581 -6.767  11.324  1.00 11.26 ? 10  SER A OG  1 
ATOM   64   N N   . ALA A 1 11  ? -11.171 -10.683 9.081   1.00 10.69 ? 11  ALA A N   1 
ATOM   65   C CA  . ALA A 1 11  ? -10.826 -12.080 8.860   1.00 10.27 ? 11  ALA A CA  1 
ATOM   66   C C   . ALA A 1 11  ? -9.696  -12.356 7.886   1.00 10.30 ? 11  ALA A C   1 
ATOM   67   O O   . ALA A 1 11  ? -9.335  -11.520 7.066   1.00 10.85 ? 11  ALA A O   1 
ATOM   68   C CB  . ALA A 1 11  ? -12.066 -12.821 8.395   1.00 9.90  ? 11  ALA A CB  1 
ATOM   69   N N   . ALA A 1 12  ? -9.160  -13.569 7.995   1.00 8.39  ? 12  ALA A N   1 
ATOM   70   C CA  . ALA A 1 12  ? -8.102  -14.053 7.127   1.00 8.03  ? 12  ALA A CA  1 
ATOM   71   C C   . ALA A 1 12  ? -8.782  -15.003 6.149   1.00 8.43  ? 12  ALA A C   1 
ATOM   72   O O   . ALA A 1 12  ? -9.695  -15.743 6.527   1.00 9.25  ? 12  ALA A O   1 
ATOM   73   C CB  . ALA A 1 12  ? -7.049  -14.796 7.951   1.00 6.59  ? 12  ALA A CB  1 
ATOM   74   N N   . LEU A 1 13  ? -8.356  -14.969 4.892   1.00 7.99  ? 13  LEU A N   1 
ATOM   75   C CA  . LEU A 1 13  ? -8.934  -15.827 3.870   1.00 8.29  ? 13  LEU A CA  1 
ATOM   76   C C   . LEU A 1 13  ? -7.910  -16.071 2.774   1.00 8.80  ? 13  LEU A C   1 
ATOM   77   O O   . LEU A 1 13  ? -6.832  -15.469 2.784   1.00 9.49  ? 13  LEU A O   1 
ATOM   78   C CB  . LEU A 1 13  ? -10.203 -15.178 3.296   1.00 9.14  ? 13  LEU A CB  1 
ATOM   79   C CG  . LEU A 1 13  ? -10.071 -13.800 2.639   1.00 9.32  ? 13  LEU A CG  1 
ATOM   80   C CD1 . LEU A 1 13  ? -9.572  -13.936 1.205   1.00 12.32 ? 13  LEU A CD1 1 
ATOM   81   C CD2 . LEU A 1 13  ? -11.436 -13.126 2.642   1.00 13.54 ? 13  LEU A CD2 1 
ATOM   82   N N   . THR A 1 14  ? -8.229  -16.977 1.854   1.00 9.26  ? 14  THR A N   1 
ATOM   83   C CA  . THR A 1 14  ? -7.335  -17.296 0.743   1.00 9.16  ? 14  THR A CA  1 
ATOM   84   C C   . THR A 1 14  ? -8.003  -16.932 -0.579  1.00 9.67  ? 14  THR A C   1 
ATOM   85   O O   . THR A 1 14  ? -9.183  -17.217 -0.793  1.00 9.93  ? 14  THR A O   1 
ATOM   86   C CB  . THR A 1 14  ? -6.965  -18.800 0.714   1.00 12.08 ? 14  THR A CB  1 
ATOM   87   O OG1 . THR A 1 14  ? -6.309  -19.156 1.934   1.00 12.75 ? 14  THR A OG1 1 
ATOM   88   C CG2 . THR A 1 14  ? -6.021  -19.091 -0.446  1.00 10.53 ? 14  THR A CG2 1 
ATOM   89   N N   . LEU A 1 15  ? -7.238  -16.301 -1.462  1.00 8.29  ? 15  LEU A N   1 
ATOM   90   C CA  . LEU A 1 15  ? -7.745  -15.887 -2.761  1.00 9.31  ? 15  LEU A CA  1 
ATOM   91   C C   . LEU A 1 15  ? -6.949  -16.554 -3.871  1.00 9.36  ? 15  LEU A C   1 
ATOM   92   O O   . LEU A 1 15  ? -5.739  -16.747 -3.742  1.00 10.17 ? 15  LEU A O   1 
ATOM   93   C CB  . LEU A 1 15  ? -7.627  -14.366 -2.903  1.00 9.24  ? 15  LEU A CB  1 
ATOM   94   C CG  . LEU A 1 15  ? -8.003  -13.762 -4.257  1.00 10.40 ? 15  LEU A CG  1 
ATOM   95   C CD1 . LEU A 1 15  ? -9.507  -13.852 -4.451  1.00 10.54 ? 15  LEU A CD1 1 
ATOM   96   C CD2 . LEU A 1 15  ? -7.543  -12.311 -4.324  1.00 12.13 ? 15  LEU A CD2 1 
ATOM   97   N N   . ASP A 1 16  ? -7.632  -16.920 -4.950  1.00 11.03 ? 16  ASP A N   1 
ATOM   98   C CA  . ASP A 1 16  ? -6.958  -17.529 -6.091  1.00 11.94 ? 16  ASP A CA  1 
ATOM   99   C C   . ASP A 1 16  ? -6.133  -16.462 -6.811  1.00 11.87 ? 16  ASP A C   1 
ATOM   100  O O   . ASP A 1 16  ? -6.677  -15.473 -7.315  1.00 13.60 ? 16  ASP A O   1 
ATOM   101  C CB  . ASP A 1 16  ? -7.971  -18.110 -7.081  1.00 14.00 ? 16  ASP A CB  1 
ATOM   102  C CG  . ASP A 1 16  ? -8.615  -19.396 -6.592  1.00 16.41 ? 16  ASP A CG  1 
ATOM   103  O OD1 . ASP A 1 16  ? -8.014  -20.103 -5.752  1.00 17.62 ? 16  ASP A OD1 1 
ATOM   104  O OD2 . ASP A 1 16  ? -9.729  -19.703 -7.078  1.00 18.39 ? 16  ASP A OD2 1 
ATOM   105  N N   . GLY A 1 17  ? -4.820  -16.663 -6.855  1.00 10.63 ? 17  GLY A N   1 
ATOM   106  C CA  . GLY A 1 17  ? -3.943  -15.725 -7.530  1.00 11.08 ? 17  GLY A CA  1 
ATOM   107  C C   . GLY A 1 17  ? -3.520  -16.266 -8.880  1.00 12.14 ? 17  GLY A C   1 
ATOM   108  O O   . GLY A 1 17  ? -3.839  -17.412 -9.213  1.00 11.35 ? 17  GLY A O   1 
ATOM   109  N N   . PRO A 1 18  ? -2.811  -15.469 -9.694  1.00 12.19 ? 18  PRO A N   1 
ATOM   110  C CA  . PRO A 1 18  ? -2.382  -15.955 -11.008 1.00 11.44 ? 18  PRO A CA  1 
ATOM   111  C C   . PRO A 1 18  ? -1.526  -17.220 -10.988 1.00 11.51 ? 18  PRO A C   1 
ATOM   112  O O   . PRO A 1 18  ? -1.562  -18.001 -11.939 1.00 12.68 ? 18  PRO A O   1 
ATOM   113  C CB  . PRO A 1 18  ? -1.650  -14.750 -11.608 1.00 13.72 ? 18  PRO A CB  1 
ATOM   114  C CG  . PRO A 1 18  ? -1.310  -13.886 -10.422 1.00 14.88 ? 18  PRO A CG  1 
ATOM   115  C CD  . PRO A 1 18  ? -2.500  -14.039 -9.535  1.00 12.62 ? 18  PRO A CD  1 
ATOM   116  N N   . VAL A 1 19  ? -0.760  -17.433 -9.921  1.00 10.82 ? 19  VAL A N   1 
ATOM   117  C CA  . VAL A 1 19  ? 0.080   -18.632 -9.853  1.00 10.70 ? 19  VAL A CA  1 
ATOM   118  C C   . VAL A 1 19  ? -0.264  -19.522 -8.660  1.00 11.14 ? 19  VAL A C   1 
ATOM   119  O O   . VAL A 1 19  ? 0.536   -20.362 -8.246  1.00 13.71 ? 19  VAL A O   1 
ATOM   120  C CB  . VAL A 1 19  ? 1.602   -18.277 -9.809  1.00 11.22 ? 19  VAL A CB  1 
ATOM   121  C CG1 . VAL A 1 19  ? 2.004   -17.535 -11.083 1.00 11.82 ? 19  VAL A CG1 1 
ATOM   122  C CG2 . VAL A 1 19  ? 1.922   -17.447 -8.577  1.00 13.22 ? 19  VAL A CG2 1 
ATOM   123  N N   . GLY A 1 20  ? -1.463  -19.346 -8.117  1.00 9.92  ? 20  GLY A N   1 
ATOM   124  C CA  . GLY A 1 20  ? -1.871  -20.151 -6.983  1.00 10.91 ? 20  GLY A CA  1 
ATOM   125  C C   . GLY A 1 20  ? -2.466  -19.309 -5.870  1.00 11.51 ? 20  GLY A C   1 
ATOM   126  O O   . GLY A 1 20  ? -2.656  -18.104 -6.034  1.00 9.88  ? 20  GLY A O   1 
ATOM   127  N N   . PRO A 1 21  ? -2.755  -19.922 -4.713  1.00 11.43 ? 21  PRO A N   1 
ATOM   128  C CA  . PRO A 1 21  ? -3.337  -19.273 -3.532  1.00 10.22 ? 21  PRO A CA  1 
ATOM   129  C C   . PRO A 1 21  ? -2.558  -18.060 -3.030  1.00 10.44 ? 21  PRO A C   1 
ATOM   130  O O   . PRO A 1 21  ? -1.333  -18.014 -3.119  1.00 10.16 ? 21  PRO A O   1 
ATOM   131  C CB  . PRO A 1 21  ? -3.354  -20.396 -2.493  1.00 12.49 ? 21  PRO A CB  1 
ATOM   132  C CG  . PRO A 1 21  ? -3.437  -21.636 -3.332  1.00 14.33 ? 21  PRO A CG  1 
ATOM   133  C CD  . PRO A 1 21  ? -2.468  -21.340 -4.431  1.00 12.02 ? 21  PRO A CD  1 
ATOM   134  N N   . LEU A 1 22  ? -3.293  -17.081 -2.506  1.00 8.89  ? 22  LEU A N   1 
ATOM   135  C CA  . LEU A 1 22  ? -2.702  -15.869 -1.944  1.00 7.73  ? 22  LEU A CA  1 
ATOM   136  C C   . LEU A 1 22  ? -3.293  -15.649 -0.554  1.00 7.81  ? 22  LEU A C   1 
ATOM   137  O O   . LEU A 1 22  ? -4.513  -15.699 -0.376  1.00 8.90  ? 22  LEU A O   1 
ATOM   138  C CB  . LEU A 1 22  ? -3.011  -14.645 -2.824  1.00 7.23  ? 22  LEU A CB  1 
ATOM   139  C CG  . LEU A 1 22  ? -2.346  -14.506 -4.195  1.00 5.61  ? 22  LEU A CG  1 
ATOM   140  C CD1 . LEU A 1 22  ? -2.947  -13.314 -4.953  1.00 6.93  ? 22  LEU A CD1 1 
ATOM   141  C CD2 . LEU A 1 22  ? -0.847  -14.329 -4.026  1.00 7.20  ? 22  LEU A CD2 1 
ATOM   142  N N   . ASP A 1 23  ? -2.429  -15.428 0.432   1.00 7.23  ? 23  ASP A N   1 
ATOM   143  C CA  . ASP A 1 23  ? -2.878  -15.167 1.796   1.00 7.87  ? 23  ASP A CA  1 
ATOM   144  C C   . ASP A 1 23  ? -3.440  -13.759 1.820   1.00 7.00  ? 23  ASP A C   1 
ATOM   145  O O   . ASP A 1 23  ? -2.781  -12.815 1.372   1.00 7.40  ? 23  ASP A O   1 
ATOM   146  C CB  . ASP A 1 23  ? -1.712  -15.230 2.776   1.00 8.05  ? 23  ASP A CB  1 
ATOM   147  C CG  . ASP A 1 23  ? -1.069  -16.590 2.832   1.00 9.48  ? 23  ASP A CG  1 
ATOM   148  O OD1 . ASP A 1 23  ? 0.106   -16.647 3.232   1.00 11.42 ? 23  ASP A OD1 1 
ATOM   149  O OD2 . ASP A 1 23  ? -1.736  -17.597 2.499   1.00 9.93  ? 23  ASP A OD2 1 
ATOM   150  N N   . VAL A 1 24  ? -4.649  -13.619 2.351   1.00 7.40  ? 24  VAL A N   1 
ATOM   151  C CA  . VAL A 1 24  ? -5.306  -12.325 2.418   1.00 7.80  ? 24  VAL A CA  1 
ATOM   152  C C   . VAL A 1 24  ? -5.856  -12.054 3.814   1.00 7.74  ? 24  VAL A C   1 
ATOM   153  O O   . VAL A 1 24  ? -6.243  -12.975 4.528   1.00 8.25  ? 24  VAL A O   1 
ATOM   154  C CB  . VAL A 1 24  ? -6.467  -12.264 1.387   1.00 7.03  ? 24  VAL A CB  1 
ATOM   155  C CG1 . VAL A 1 24  ? -7.263  -10.976 1.539   1.00 9.85  ? 24  VAL A CG1 1 
ATOM   156  C CG2 . VAL A 1 24  ? -5.901  -12.356 -0.020  1.00 6.55  ? 24  VAL A CG2 1 
ATOM   157  N N   . ALA A 1 25  ? -5.864  -10.786 4.206   1.00 7.47  ? 25  ALA A N   1 
ATOM   158  C CA  . ALA A 1 25  ? -6.414  -10.399 5.498   1.00 8.41  ? 25  ALA A CA  1 
ATOM   159  C C   . ALA A 1 25  ? -7.234  -9.140  5.269   1.00 8.28  ? 25  ALA A C   1 
ATOM   160  O O   . ALA A 1 25  ? -6.763  -8.199  4.638   1.00 10.13 ? 25  ALA A O   1 
ATOM   161  C CB  . ALA A 1 25  ? -5.298  -10.131 6.500   1.00 9.45  ? 25  ALA A CB  1 
ATOM   162  N N   . VAL A 1 26  ? -8.465  -9.137  5.764   1.00 8.43  ? 26  VAL A N   1 
ATOM   163  C CA  . VAL A 1 26  ? -9.343  -7.984  5.624   1.00 7.69  ? 26  VAL A CA  1 
ATOM   164  C C   . VAL A 1 26  ? -9.586  -7.423  7.014   1.00 9.57  ? 26  VAL A C   1 
ATOM   165  O O   . VAL A 1 26  ? -10.096 -8.127  7.889   1.00 11.15 ? 26  VAL A O   1 
ATOM   166  C CB  . VAL A 1 26  ? -10.697 -8.377  4.996   1.00 8.72  ? 26  VAL A CB  1 
ATOM   167  C CG1 . VAL A 1 26  ? -11.597 -7.156  4.893   1.00 10.02 ? 26  VAL A CG1 1 
ATOM   168  C CG2 . VAL A 1 26  ? -10.468 -8.996  3.615   1.00 9.25  ? 26  VAL A CG2 1 
ATOM   169  N N   . ASP A 1 27  ? -9.191  -6.169  7.224   1.00 8.57  ? 27  ASP A N   1 
ATOM   170  C CA  . ASP A 1 27  ? -9.385  -5.511  8.517   1.00 10.37 ? 27  ASP A CA  1 
ATOM   171  C C   . ASP A 1 27  ? -10.498 -4.472  8.366   1.00 10.23 ? 27  ASP A C   1 
ATOM   172  O O   . ASP A 1 27  ? -10.389 -3.552  7.553   1.00 9.70  ? 27  ASP A O   1 
ATOM   173  C CB  . ASP A 1 27  ? -8.111  -4.782  8.981   1.00 10.84 ? 27  ASP A CB  1 
ATOM   174  C CG  . ASP A 1 27  ? -6.836  -5.600  8.797   1.00 13.36 ? 27  ASP A CG  1 
ATOM   175  O OD1 . ASP A 1 27  ? -6.810  -6.794  9.163   1.00 12.06 ? 27  ASP A OD1 1 
ATOM   176  O OD2 . ASP A 1 27  ? -5.842  -5.022  8.298   1.00 14.01 ? 27  ASP A OD2 1 
ATOM   177  N N   . LEU A 1 28  ? -11.572 -4.615  9.137   1.00 12.08 ? 28  LEU A N   1 
ATOM   178  C CA  . LEU A 1 28  ? -12.678 -3.662  9.059   1.00 13.70 ? 28  LEU A CA  1 
ATOM   179  C C   . LEU A 1 28  ? -12.290 -2.329  9.696   1.00 13.68 ? 28  LEU A C   1 
ATOM   180  O O   . LEU A 1 28  ? -11.358 -2.258  10.495  1.00 14.17 ? 28  LEU A O   1 
ATOM   181  C CB  . LEU A 1 28  ? -13.920 -4.241  9.739   1.00 16.45 ? 28  LEU A CB  1 
ATOM   182  C CG  . LEU A 1 28  ? -14.550 -5.402  8.971   1.00 18.60 ? 28  LEU A CG  1 
ATOM   183  C CD1 . LEU A 1 28  ? -15.681 -6.022  9.777   1.00 21.03 ? 28  LEU A CD1 1 
ATOM   184  C CD2 . LEU A 1 28  ? -15.054 -4.892  7.632   1.00 20.82 ? 28  LEU A CD2 1 
ATOM   185  N N   . PRO A 1 29  ? -12.997 -1.248  9.343   1.00 13.22 ? 29  PRO A N   1 
ATOM   186  C CA  . PRO A 1 29  ? -12.683 0.070   9.902   1.00 14.10 ? 29  PRO A CA  1 
ATOM   187  C C   . PRO A 1 29  ? -12.853 0.188   11.408  1.00 15.91 ? 29  PRO A C   1 
ATOM   188  O O   . PRO A 1 29  ? -13.526 -0.630  12.044  1.00 16.47 ? 29  PRO A O   1 
ATOM   189  C CB  . PRO A 1 29  ? -13.617 0.998   9.133   1.00 15.86 ? 29  PRO A CB  1 
ATOM   190  C CG  . PRO A 1 29  ? -14.771 0.146   8.858   1.00 15.31 ? 29  PRO A CG  1 
ATOM   191  C CD  . PRO A 1 29  ? -14.145 -1.158  8.432   1.00 13.31 ? 29  PRO A CD  1 
ATOM   192  N N   . GLU A 1 30  ? -12.224 1.211   11.970  1.00 16.32 ? 30  GLU A N   1 
ATOM   193  C CA  . GLU A 1 30  ? -12.289 1.476   13.402  1.00 18.58 ? 30  GLU A CA  1 
ATOM   194  C C   . GLU A 1 30  ? -13.735 1.708   13.817  1.00 18.32 ? 30  GLU A C   1 
ATOM   195  O O   . GLU A 1 30  ? -14.505 2.355   13.095  1.00 18.03 ? 30  GLU A O   1 
ATOM   196  C CB  . GLU A 1 30  ? -11.462 2.723   13.727  1.00 20.75 ? 30  GLU A CB  1 
ATOM   197  C CG  . GLU A 1 30  ? -11.427 3.121   15.201  1.00 24.81 ? 30  GLU A CG  1 
ATOM   198  C CD  . GLU A 1 30  ? -10.310 2.436   15.967  1.00 25.73 ? 30  GLU A CD  1 
ATOM   199  O OE1 . GLU A 1 30  ? -10.378 1.205   16.173  1.00 27.80 ? 30  GLU A OE1 1 
ATOM   200  O OE2 . GLU A 1 30  ? -9.346  3.133   16.358  1.00 28.35 ? 30  GLU A OE2 1 
ATOM   201  N N   . PRO A 1 31  ? -14.134 1.171   14.981  1.00 18.60 ? 31  PRO A N   1 
ATOM   202  C CA  . PRO A 1 31  ? -15.512 1.373   15.434  1.00 19.21 ? 31  PRO A CA  1 
ATOM   203  C C   . PRO A 1 31  ? -15.662 2.823   15.900  1.00 18.83 ? 31  PRO A C   1 
ATOM   204  O O   . PRO A 1 31  ? -14.673 3.467   16.273  1.00 17.82 ? 31  PRO A O   1 
ATOM   205  C CB  . PRO A 1 31  ? -15.645 0.383   16.595  1.00 18.77 ? 31  PRO A CB  1 
ATOM   206  C CG  . PRO A 1 31  ? -14.638 -0.681  16.263  1.00 20.85 ? 31  PRO A CG  1 
ATOM   207  C CD  . PRO A 1 31  ? -13.467 0.138   15.791  1.00 18.60 ? 31  PRO A CD  1 
ATOM   208  N N   . ASP A 1 32  ? -16.890 3.336   15.857  1.00 18.87 ? 32  ASP A N   1 
ATOM   209  C CA  . ASP A 1 32  ? -17.190 4.701   16.286  1.00 18.97 ? 32  ASP A CA  1 
ATOM   210  C C   . ASP A 1 32  ? -16.541 5.793   15.439  1.00 18.20 ? 32  ASP A C   1 
ATOM   211  O O   . ASP A 1 32  ? -16.239 6.879   15.932  1.00 18.57 ? 32  ASP A O   1 
ATOM   212  C CB  . ASP A 1 32  ? -16.797 4.888   17.752  1.00 19.86 ? 32  ASP A CB  1 
ATOM   213  C CG  . ASP A 1 32  ? -17.523 3.930   18.671  1.00 22.07 ? 32  ASP A CG  1 
ATOM   214  O OD1 . ASP A 1 32  ? -18.769 4.016   18.778  1.00 24.74 ? 32  ASP A OD1 1 
ATOM   215  O OD2 . ASP A 1 32  ? -16.849 3.085   19.285  1.00 24.26 ? 32  ASP A OD2 1 
ATOM   216  N N   . VAL A 1 33  ? -16.327 5.487   14.164  1.00 18.59 ? 33  VAL A N   1 
ATOM   217  C CA  . VAL A 1 33  ? -15.748 6.420   13.207  1.00 17.07 ? 33  VAL A CA  1 
ATOM   218  C C   . VAL A 1 33  ? -16.613 6.357   11.950  1.00 15.94 ? 33  VAL A C   1 
ATOM   219  O O   . VAL A 1 33  ? -17.090 5.283   11.566  1.00 16.23 ? 33  VAL A O   1 
ATOM   220  C CB  . VAL A 1 33  ? -14.288 6.035   12.851  1.00 19.01 ? 33  VAL A CB  1 
ATOM   221  C CG1 . VAL A 1 33  ? -13.776 6.878   11.696  1.00 19.29 ? 33  VAL A CG1 1 
ATOM   222  C CG2 . VAL A 1 33  ? -13.403 6.218   14.069  1.00 17.76 ? 33  VAL A CG2 1 
ATOM   223  N N   . ALA A 1 34  ? -16.832 7.507   11.325  1.00 16.14 ? 34  ALA A N   1 
ATOM   224  C CA  . ALA A 1 34  ? -17.633 7.573   10.108  1.00 15.60 ? 34  ALA A CA  1 
ATOM   225  C C   . ALA A 1 34  ? -17.044 6.646   9.047   1.00 15.73 ? 34  ALA A C   1 
ATOM   226  O O   . ALA A 1 34  ? -15.875 6.780   8.666   1.00 15.18 ? 34  ALA A O   1 
ATOM   227  C CB  . ALA A 1 34  ? -17.675 9.002   9.591   1.00 15.61 ? 34  ALA A CB  1 
ATOM   228  N N   . VAL A 1 35  ? -17.858 5.709   8.571   1.00 15.12 ? 35  VAL A N   1 
ATOM   229  C CA  . VAL A 1 35  ? -17.415 4.749   7.566   1.00 15.05 ? 35  VAL A CA  1 
ATOM   230  C C   . VAL A 1 35  ? -17.242 5.428   6.209   1.00 14.50 ? 35  VAL A C   1 
ATOM   231  O O   . VAL A 1 35  ? -18.008 6.326   5.840   1.00 14.52 ? 35  VAL A O   1 
ATOM   232  C CB  . VAL A 1 35  ? -18.432 3.603   7.420   1.00 16.62 ? 35  VAL A CB  1 
ATOM   233  C CG1 . VAL A 1 35  ? -19.730 4.142   6.839   1.00 19.02 ? 35  VAL A CG1 1 
ATOM   234  C CG2 . VAL A 1 35  ? -17.845 2.497   6.555   1.00 17.32 ? 35  VAL A CG2 1 
ATOM   235  N N   . GLN A 1 36  ? -16.228 4.999   5.472   1.00 11.68 ? 36  GLN A N   1 
ATOM   236  C CA  . GLN A 1 36  ? -15.944 5.554   4.158   1.00 10.47 ? 36  GLN A CA  1 
ATOM   237  C C   . GLN A 1 36  ? -16.231 4.500   3.103   1.00 9.50  ? 36  GLN A C   1 
ATOM   238  O O   . GLN A 1 36  ? -15.996 3.310   3.324   1.00 9.65  ? 36  GLN A O   1 
ATOM   239  C CB  . GLN A 1 36  ? -14.471 5.958   4.065   1.00 10.50 ? 36  GLN A CB  1 
ATOM   240  C CG  . GLN A 1 36  ? -14.043 6.991   5.091   1.00 11.61 ? 36  GLN A CG  1 
ATOM   241  C CD  . GLN A 1 36  ? -14.419 8.399   4.690   1.00 10.78 ? 36  GLN A CD  1 
ATOM   242  O OE1 . GLN A 1 36  ? -14.461 9.304   5.528   1.00 14.42 ? 36  GLN A OE1 1 
ATOM   243  N NE2 . GLN A 1 36  ? -14.678 8.597   3.408   1.00 8.81  ? 36  GLN A NE2 1 
ATOM   244  N N   . PRO A 1 37  ? -16.734 4.926   1.937   1.00 8.72  ? 37  PRO A N   1 
ATOM   245  C CA  . PRO A 1 37  ? -17.049 4.017   0.833   1.00 7.73  ? 37  PRO A CA  1 
ATOM   246  C C   . PRO A 1 37  ? -15.750 3.736   0.089   1.00 7.50  ? 37  PRO A C   1 
ATOM   247  O O   . PRO A 1 37  ? -15.660 3.909   -1.124  1.00 6.67  ? 37  PRO A O   1 
ATOM   248  C CB  . PRO A 1 37  ? -18.035 4.832   0.005   1.00 7.79  ? 37  PRO A CB  1 
ATOM   249  C CG  . PRO A 1 37  ? -17.513 6.224   0.158   1.00 10.03 ? 37  PRO A CG  1 
ATOM   250  C CD  . PRO A 1 37  ? -17.133 6.309   1.619   1.00 8.26  ? 37  PRO A CD  1 
ATOM   251  N N   . VAL A 1 38  ? -14.747 3.306   0.848   1.00 7.63  ? 38  VAL A N   1 
ATOM   252  C CA  . VAL A 1 38  ? -13.422 3.038   0.308   1.00 7.52  ? 38  VAL A CA  1 
ATOM   253  C C   . VAL A 1 38  ? -12.815 1.772   0.888   1.00 6.02  ? 38  VAL A C   1 
ATOM   254  O O   . VAL A 1 38  ? -12.996 1.470   2.065   1.00 5.89  ? 38  VAL A O   1 
ATOM   255  C CB  . VAL A 1 38  ? -12.449 4.199   0.654   1.00 5.90  ? 38  VAL A CB  1 
ATOM   256  C CG1 . VAL A 1 38  ? -11.055 3.901   0.110   1.00 8.44  ? 38  VAL A CG1 1 
ATOM   257  C CG2 . VAL A 1 38  ? -12.977 5.524   0.099   1.00 7.37  ? 38  VAL A CG2 1 
ATOM   258  N N   . THR A 1 39  ? -12.103 1.032   0.044   1.00 7.76  ? 39  THR A N   1 
ATOM   259  C CA  . THR A 1 39  ? -11.391 -0.169  0.471   1.00 5.74  ? 39  THR A CA  1 
ATOM   260  C C   . THR A 1 39  ? -9.975  0.068   -0.033  1.00 6.95  ? 39  THR A C   1 
ATOM   261  O O   . THR A 1 39  ? -9.781  0.457   -1.188  1.00 6.45  ? 39  THR A O   1 
ATOM   262  C CB  . THR A 1 39  ? -11.942 -1.464  -0.170  1.00 7.04  ? 39  THR A CB  1 
ATOM   263  O OG1 . THR A 1 39  ? -13.260 -1.733  0.325   1.00 8.12  ? 39  THR A OG1 1 
ATOM   264  C CG2 . THR A 1 39  ? -11.052 -2.655  0.192   1.00 7.81  ? 39  THR A CG2 1 
ATOM   265  N N   . ALA A 1 40  ? -8.996  -0.130  0.842   1.00 6.28  ? 40  ALA A N   1 
ATOM   266  C CA  . ALA A 1 40  ? -7.604  0.072   0.478   1.00 5.44  ? 40  ALA A CA  1 
ATOM   267  C C   . ALA A 1 40  ? -6.833  -1.233  0.571   1.00 5.73  ? 40  ALA A C   1 
ATOM   268  O O   . ALA A 1 40  ? -7.128  -2.075  1.417   1.00 8.33  ? 40  ALA A O   1 
ATOM   269  C CB  . ALA A 1 40  ? -6.971  1.106   1.402   1.00 7.36  ? 40  ALA A CB  1 
ATOM   270  N N   . ILE A 1 41  ? -5.862  -1.404  -0.321  1.00 4.20  ? 41  ILE A N   1 
ATOM   271  C CA  . ILE A 1 41  ? -5.012  -2.590  -0.312  1.00 4.53  ? 41  ILE A CA  1 
ATOM   272  C C   . ILE A 1 41  ? -3.614  -2.088  0.020   1.00 4.62  ? 41  ILE A C   1 
ATOM   273  O O   . ILE A 1 41  ? -3.149  -1.115  -0.572  1.00 6.27  ? 41  ILE A O   1 
ATOM   274  C CB  . ILE A 1 41  ? -4.974  -3.287  -1.692  1.00 4.67  ? 41  ILE A CB  1 
ATOM   275  C CG1 . ILE A 1 41  ? -6.376  -3.753  -2.078  1.00 6.91  ? 41  ILE A CG1 1 
ATOM   276  C CG2 . ILE A 1 41  ? -4.043  -4.504  -1.638  1.00 5.48  ? 41  ILE A CG2 1 
ATOM   277  C CD1 . ILE A 1 41  ? -6.475  -4.281  -3.497  1.00 5.66  ? 41  ILE A CD1 1 
ATOM   278  N N   . VAL A 1 42  ? -2.958  -2.744  0.972   1.00 5.36  ? 42  VAL A N   1 
ATOM   279  C CA  . VAL A 1 42  ? -1.613  -2.359  1.394   1.00 5.94  ? 42  VAL A CA  1 
ATOM   280  C C   . VAL A 1 42  ? -0.619  -3.460  1.028   1.00 5.73  ? 42  VAL A C   1 
ATOM   281  O O   . VAL A 1 42  ? -0.772  -4.605  1.457   1.00 6.34  ? 42  VAL A O   1 
ATOM   282  C CB  . VAL A 1 42  ? -1.562  -2.120  2.926   1.00 6.18  ? 42  VAL A CB  1 
ATOM   283  C CG1 . VAL A 1 42  ? -0.161  -1.686  3.343   1.00 7.21  ? 42  VAL A CG1 1 
ATOM   284  C CG2 . VAL A 1 42  ? -2.587  -1.064  3.322   1.00 7.93  ? 42  VAL A CG2 1 
ATOM   285  N N   . CYS A 1 43  ? 0.395   -3.105  0.239   1.00 6.06  ? 43  CYS A N   1 
ATOM   286  C CA  . CYS A 1 43  ? 1.411   -4.057  -0.217  1.00 6.26  ? 43  CYS A CA  1 
ATOM   287  C C   . CYS A 1 43  ? 2.663   -4.045  0.662   1.00 6.66  ? 43  CYS A C   1 
ATOM   288  O O   . CYS A 1 43  ? 3.127   -2.981  1.079   1.00 6.71  ? 43  CYS A O   1 
ATOM   289  C CB  . CYS A 1 43  ? 1.795   -3.755  -1.667  1.00 6.69  ? 43  CYS A CB  1 
ATOM   290  S SG  . CYS A 1 43  ? 0.403   -3.817  -2.847  1.00 5.51  ? 43  CYS A SG  1 
ATOM   291  N N   . HIS A 1 44  ? 3.216   -5.231  0.907   1.00 5.87  ? 44  HIS A N   1 
ATOM   292  C CA  . HIS A 1 44  ? 4.385   -5.382  1.768   1.00 6.54  ? 44  HIS A CA  1 
ATOM   293  C C   . HIS A 1 44  ? 5.754   -5.273  1.077   1.00 6.45  ? 44  HIS A C   1 
ATOM   294  O O   . HIS A 1 44  ? 5.857   -5.314  -0.151  1.00 7.44  ? 44  HIS A O   1 
ATOM   295  C CB  . HIS A 1 44  ? 4.282   -6.710  2.546   1.00 5.91  ? 44  HIS A CB  1 
ATOM   296  C CG  . HIS A 1 44  ? 4.519   -7.933  1.713   1.00 5.79  ? 44  HIS A CG  1 
ATOM   297  N ND1 . HIS A 1 44  ? 3.531   -8.850  1.427   1.00 8.54  ? 44  HIS A ND1 1 
ATOM   298  C CD2 . HIS A 1 44  ? 5.646   -8.401  1.130   1.00 4.04  ? 44  HIS A CD2 1 
ATOM   299  C CE1 . HIS A 1 44  ? 4.042   -9.831  0.702   1.00 4.70  ? 44  HIS A CE1 1 
ATOM   300  N NE2 . HIS A 1 44  ? 5.325   -9.582  0.508   1.00 8.84  ? 44  HIS A NE2 1 
ATOM   301  N N   . PRO A 1 45  ? 6.827   -5.123  1.873   1.00 7.44  ? 45  PRO A N   1 
ATOM   302  C CA  . PRO A 1 45  ? 8.197   -5.000  1.364   1.00 7.42  ? 45  PRO A CA  1 
ATOM   303  C C   . PRO A 1 45  ? 8.831   -6.301  0.872   1.00 9.18  ? 45  PRO A C   1 
ATOM   304  O O   . PRO A 1 45  ? 8.221   -7.368  0.964   1.00 7.67  ? 45  PRO A O   1 
ATOM   305  C CB  . PRO A 1 45  ? 8.940   -4.374  2.547   1.00 8.77  ? 45  PRO A CB  1 
ATOM   306  C CG  . PRO A 1 45  ? 8.249   -4.968  3.718   1.00 7.83  ? 45  PRO A CG  1 
ATOM   307  C CD  . PRO A 1 45  ? 6.789   -4.856  3.323   1.00 8.30  ? 45  PRO A CD  1 
ATOM   308  N N   . LEU A 1 46  ? 10.060  -6.208  0.363   1.00 10.44 ? 46  LEU A N   1 
ATOM   309  C CA  . LEU A 1 46  ? 10.751  -7.374  -0.189  1.00 12.98 ? 46  LEU A CA  1 
ATOM   310  C C   . LEU A 1 46  ? 10.464  -8.714  0.438   1.00 15.56 ? 46  LEU A C   1 
ATOM   311  O O   . LEU A 1 46  ? 10.710  -8.945  1.627   1.00 14.78 ? 46  LEU A O   1 
ATOM   312  C CB  . LEU A 1 46  ? 12.264  -7.165  -0.229  1.00 12.33 ? 46  LEU A CB  1 
ATOM   313  C CG  . LEU A 1 46  ? 12.810  -6.771  -1.608  1.00 15.21 ? 46  LEU A CG  1 
ATOM   314  C CD1 . LEU A 1 46  ? 12.185  -7.627  -2.710  1.00 14.75 ? 46  LEU A CD1 1 
ATOM   315  C CD2 . LEU A 1 46  ? 12.508  -5.318  -1.856  1.00 17.95 ? 46  LEU A CD2 1 
ATOM   316  N N   . SER A 1 47  ? 9.956   -9.606  -0.406  1.00 17.00 ? 47  SER A N   1 
ATOM   317  C CA  . SER A 1 47  ? 9.600   -10.958 -0.022  1.00 18.26 ? 47  SER A CA  1 
ATOM   318  C C   . SER A 1 47  ? 10.841  -11.748 0.369   1.00 18.89 ? 47  SER A C   1 
ATOM   319  O O   . SER A 1 47  ? 10.825  -12.522 1.328   1.00 18.54 ? 47  SER A O   1 
ATOM   320  C CB  . SER A 1 47  ? 8.897   -11.656 -1.191  1.00 18.80 ? 47  SER A CB  1 
ATOM   321  O OG  . SER A 1 47  ? 7.758   -10.923 -1.635  1.00 17.79 ? 47  SER A OG  1 
ATOM   322  N N   . THR A 1 48  ? 11.917  -11.539 -0.381  1.00 18.81 ? 48  THR A N   1 
ATOM   323  C CA  . THR A 1 48  ? 13.159  -12.241 -0.123  1.00 20.42 ? 48  THR A CA  1 
ATOM   324  C C   . THR A 1 48  ? 13.814  -11.814 1.192   1.00 20.62 ? 48  THR A C   1 
ATOM   325  O O   . THR A 1 48  ? 14.764  -12.458 1.640   1.00 22.62 ? 48  THR A O   1 
ATOM   326  C CB  . THR A 1 48  ? 14.149  -12.072 -1.308  1.00 20.15 ? 48  THR A CB  1 
ATOM   327  O OG1 . THR A 1 48  ? 14.423  -10.684 -1.528  1.00 22.77 ? 48  THR A OG1 1 
ATOM   328  C CG2 . THR A 1 48  ? 13.546  -12.662 -2.578  1.00 21.17 ? 48  THR A CG2 1 
ATOM   329  N N   . GLU A 1 49  ? 13.314  -10.738 1.804   1.00 19.89 ? 49  GLU A N   1 
ATOM   330  C CA  . GLU A 1 49  ? 13.843  -10.267 3.088   1.00 21.07 ? 49  GLU A CA  1 
ATOM   331  C C   . GLU A 1 49  ? 12.724  -10.263 4.137   1.00 20.52 ? 49  GLU A C   1 
ATOM   332  O O   . GLU A 1 49  ? 11.976  -11.231 4.243   1.00 20.18 ? 49  GLU A O   1 
ATOM   333  C CB  . GLU A 1 49  ? 14.462  -8.876  2.947   1.00 22.75 ? 49  GLU A CB  1 
ATOM   334  C CG  . GLU A 1 49  ? 15.829  -8.883  2.280   1.00 25.34 ? 49  GLU A CG  1 
ATOM   335  C CD  . GLU A 1 49  ? 15.805  -9.578  0.952   1.00 26.47 ? 49  GLU A CD  1 
ATOM   336  O OE1 . GLU A 1 49  ? 14.975  -9.184  0.113   1.00 27.56 ? 49  GLU A OE1 1 
ATOM   337  O OE2 . GLU A 1 49  ? 16.609  -10.522 0.735   1.00 29.43 ? 49  GLU A OE2 1 
ATOM   338  N N   . GLY A 1 50  ? 12.584  -9.180  4.897   1.00 22.42 ? 50  GLY A N   1 
ATOM   339  C CA  . GLY A 1 50  ? 11.546  -9.157  5.923   1.00 22.78 ? 50  GLY A CA  1 
ATOM   340  C C   . GLY A 1 50  ? 10.143  -8.696  5.546   1.00 22.53 ? 50  GLY A C   1 
ATOM   341  O O   . GLY A 1 50  ? 9.494   -8.001  6.337   1.00 23.59 ? 50  GLY A O   1 
ATOM   342  N N   . GLY A 1 51  ? 9.640   -9.110  4.384   1.00 20.32 ? 51  GLY A N   1 
ATOM   343  C CA  . GLY A 1 51  ? 8.319   -8.656  3.982   1.00 15.71 ? 51  GLY A CA  1 
ATOM   344  C C   . GLY A 1 51  ? 7.157   -9.633  4.006   1.00 12.91 ? 51  GLY A C   1 
ATOM   345  O O   . GLY A 1 51  ? 7.263   -10.764 3.531   1.00 14.21 ? 51  GLY A O   1 
ATOM   346  N N   . SER A 1 52  ? 6.038   -9.170  4.556   1.00 10.53 ? 52  SER A N   1 
ATOM   347  C CA  . SER A 1 52  ? 4.804   -9.952  4.642   1.00 9.78  ? 52  SER A CA  1 
ATOM   348  C C   . SER A 1 52  ? 3.664   -9.055  5.106   1.00 8.83  ? 52  SER A C   1 
ATOM   349  O O   . SER A 1 52  ? 3.884   -7.891  5.467   1.00 7.76  ? 52  SER A O   1 
ATOM   350  C CB  . SER A 1 52  ? 4.950   -11.114 5.625   1.00 11.00 ? 52  SER A CB  1 
ATOM   351  O OG  . SER A 1 52  ? 4.906   -10.656 6.967   1.00 10.56 ? 52  SER A OG  1 
ATOM   352  N N   . MET A 1 53  ? 2.452   -9.606  5.101   1.00 8.69  ? 53  MET A N   1 
ATOM   353  C CA  . MET A 1 53  ? 1.258   -8.881  5.530   1.00 9.28  ? 53  MET A CA  1 
ATOM   354  C C   . MET A 1 53  ? 1.379   -8.492  7.002   1.00 10.04 ? 53  MET A C   1 
ATOM   355  O O   . MET A 1 53  ? 0.627   -7.654  7.482   1.00 9.24  ? 53  MET A O   1 
ATOM   356  C CB  . MET A 1 53  ? -0.001  -9.757  5.364   1.00 10.28 ? 53  MET A CB  1 
ATOM   357  C CG  . MET A 1 53  ? -0.212  -10.759 6.530   1.00 10.10 ? 53  MET A CG  1 
ATOM   358  S SD  . MET A 1 53  ? -1.742  -11.768 6.519   1.00 16.60 ? 53  MET A SD  1 
ATOM   359  C CE  . MET A 1 53  ? -1.418  -12.546 5.035   1.00 4.22  ? 53  MET A CE  1 
ATOM   360  N N   . HIS A 1 54  ? 2.320   -9.108  7.711   1.00 8.40  ? 54  HIS A N   1 
ATOM   361  C CA  . HIS A 1 54  ? 2.503   -8.847  9.136   1.00 9.35  ? 54  HIS A CA  1 
ATOM   362  C C   . HIS A 1 54  ? 3.582   -7.827  9.490   1.00 8.93  ? 54  HIS A C   1 
ATOM   363  O O   . HIS A 1 54  ? 3.779   -7.516  10.664  1.00 9.79  ? 54  HIS A O   1 
ATOM   364  C CB  . HIS A 1 54  ? 2.764   -10.170 9.861   1.00 10.01 ? 54  HIS A CB  1 
ATOM   365  C CG  . HIS A 1 54  ? 1.705   -11.203 9.616   1.00 10.42 ? 54  HIS A CG  1 
ATOM   366  N ND1 . HIS A 1 54  ? 1.925   -12.334 8.859   1.00 13.69 ? 54  HIS A ND1 1 
ATOM   367  C CD2 . HIS A 1 54  ? 0.409   -11.260 10.007  1.00 11.02 ? 54  HIS A CD2 1 
ATOM   368  C CE1 . HIS A 1 54  ? 0.811   -13.043 8.795   1.00 11.67 ? 54  HIS A CE1 1 
ATOM   369  N NE2 . HIS A 1 54  ? -0.123  -12.412 9.482   1.00 12.83 ? 54  HIS A NE2 1 
ATOM   370  N N   . ASN A 1 55  ? 4.269   -7.307  8.478   1.00 8.77  ? 55  ASN A N   1 
ATOM   371  C CA  . ASN A 1 55  ? 5.310   -6.300  8.674   1.00 9.54  ? 55  ASN A CA  1 
ATOM   372  C C   . ASN A 1 55  ? 4.697   -5.147  9.483   1.00 9.34  ? 55  ASN A C   1 
ATOM   373  O O   . ASN A 1 55  ? 3.574   -4.729  9.206   1.00 8.00  ? 55  ASN A O   1 
ATOM   374  C CB  . ASN A 1 55  ? 5.778   -5.801  7.302   1.00 9.44  ? 55  ASN A CB  1 
ATOM   375  C CG  . ASN A 1 55  ? 6.782   -4.680  7.396   1.00 10.18 ? 55  ASN A CG  1 
ATOM   376  O OD1 . ASN A 1 55  ? 7.993   -4.911  7.520   1.00 13.60 ? 55  ASN A OD1 1 
ATOM   377  N ND2 . ASN A 1 55  ? 6.285   -3.450  7.349   1.00 9.29  ? 55  ASN A ND2 1 
ATOM   378  N N   . LYS A 1 56  ? 5.433   -4.641  10.476  1.00 9.88  ? 56  LYS A N   1 
ATOM   379  C CA  . LYS A 1 56  ? 4.945   -3.559  11.338  1.00 9.03  ? 56  LYS A CA  1 
ATOM   380  C C   . LYS A 1 56  ? 4.584   -2.258  10.606  1.00 9.31  ? 56  LYS A C   1 
ATOM   381  O O   . LYS A 1 56  ? 3.630   -1.570  10.985  1.00 8.45  ? 56  LYS A O   1 
ATOM   382  C CB  . LYS A 1 56  ? 5.974   -3.269  12.435  1.00 11.87 ? 56  LYS A CB  1 
ATOM   383  C CG  . LYS A 1 56  ? 6.313   -4.464  13.336  1.00 14.78 ? 56  LYS A CG  1 
ATOM   384  C CD  . LYS A 1 56  ? 7.522   -4.133  14.228  1.00 18.80 ? 56  LYS A CD  1 
ATOM   385  C CE  . LYS A 1 56  ? 7.995   -5.318  15.075  1.00 19.59 ? 56  LYS A CE  1 
ATOM   386  N NZ  . LYS A 1 56  ? 6.979   -5.792  16.053  1.00 22.54 ? 56  LYS A NZ  1 
ATOM   387  N N   . VAL A 1 57  ? 5.345   -1.901  9.577   1.00 8.13  ? 57  VAL A N   1 
ATOM   388  C CA  . VAL A 1 57  ? 5.035   -0.685  8.824   1.00 7.70  ? 57  VAL A CA  1 
ATOM   389  C C   . VAL A 1 57  ? 3.731   -0.913  8.053   1.00 7.30  ? 57  VAL A C   1 
ATOM   390  O O   . VAL A 1 57  ? 2.882   -0.028  7.966   1.00 7.83  ? 57  VAL A O   1 
ATOM   391  C CB  . VAL A 1 57  ? 6.172   -0.339  7.835   1.00 5.74  ? 57  VAL A CB  1 
ATOM   392  C CG1 . VAL A 1 57  ? 5.806   0.888   7.013   1.00 6.34  ? 57  VAL A CG1 1 
ATOM   393  C CG2 . VAL A 1 57  ? 7.452   -0.103  8.604   1.00 7.91  ? 57  VAL A CG2 1 
ATOM   394  N N   . VAL A 1 58  ? 3.581   -2.109  7.488   1.00 6.73  ? 58  VAL A N   1 
ATOM   395  C CA  . VAL A 1 58  ? 2.378   -2.455  6.746   1.00 6.80  ? 58  VAL A CA  1 
ATOM   396  C C   . VAL A 1 58  ? 1.141   -2.407  7.643   1.00 7.12  ? 58  VAL A C   1 
ATOM   397  O O   . VAL A 1 58  ? 0.116   -1.843  7.257   1.00 6.86  ? 58  VAL A O   1 
ATOM   398  C CB  . VAL A 1 58  ? 2.494   -3.872  6.131   1.00 6.82  ? 58  VAL A CB  1 
ATOM   399  C CG1 . VAL A 1 58  ? 1.146   -4.326  5.584   1.00 6.81  ? 58  VAL A CG1 1 
ATOM   400  C CG2 . VAL A 1 58  ? 3.533   -3.864  5.019   1.00 8.92  ? 58  VAL A CG2 1 
ATOM   401  N N   . THR A 1 59  ? 1.228   -2.994  8.835   1.00 6.42  ? 59  THR A N   1 
ATOM   402  C CA  . THR A 1 59  ? 0.069   -2.991  9.719   1.00 7.06  ? 59  THR A CA  1 
ATOM   403  C C   . THR A 1 59  ? -0.249  -1.627  10.318  1.00 7.74  ? 59  THR A C   1 
ATOM   404  O O   . THR A 1 59  ? -1.406  -1.355  10.614  1.00 7.53  ? 59  THR A O   1 
ATOM   405  C CB  . THR A 1 59  ? 0.193   -4.041  10.847  1.00 7.84  ? 59  THR A CB  1 
ATOM   406  O OG1 . THR A 1 59  ? 1.370   -3.802  11.622  1.00 8.93  ? 59  THR A OG1 1 
ATOM   407  C CG2 . THR A 1 59  ? 0.247   -5.440  10.246  1.00 9.76  ? 59  THR A CG2 1 
ATOM   408  N N   . MET A 1 60  ? 0.752   -0.766  10.497  1.00 7.97  ? 60  MET A N   1 
ATOM   409  C CA  . MET A 1 60  ? 0.450   0.561   11.031  1.00 7.75  ? 60  MET A CA  1 
ATOM   410  C C   . MET A 1 60  ? -0.182  1.394   9.922   1.00 7.65  ? 60  MET A C   1 
ATOM   411  O O   . MET A 1 60  ? -1.025  2.244   10.186  1.00 6.95  ? 60  MET A O   1 
ATOM   412  C CB  . MET A 1 60  ? 1.697   1.268   11.565  1.00 8.96  ? 60  MET A CB  1 
ATOM   413  C CG  . MET A 1 60  ? 1.411   2.683   12.075  1.00 8.24  ? 60  MET A CG  1 
ATOM   414  S SD  . MET A 1 60  ? 0.107   2.754   13.379  1.00 7.28  ? 60  MET A SD  1 
ATOM   415  C CE  . MET A 1 60  ? 1.040   3.497   14.760  1.00 12.79 ? 60  MET A CE  1 
ATOM   416  N N   . ALA A 1 61  ? 0.228   1.150   8.680   1.00 7.46  ? 61  ALA A N   1 
ATOM   417  C CA  . ALA A 1 61  ? -0.353  1.881   7.563   1.00 6.89  ? 61  ALA A CA  1 
ATOM   418  C C   . ALA A 1 61  ? -1.810  1.453   7.474   1.00 6.40  ? 61  ALA A C   1 
ATOM   419  O O   . ALA A 1 61  ? -2.692  2.270   7.215   1.00 7.19  ? 61  ALA A O   1 
ATOM   420  C CB  . ALA A 1 61  ? 0.378   1.545   6.258   1.00 7.24  ? 61  ALA A CB  1 
ATOM   421  N N   . ALA A 1 62  ? -2.056  0.166   7.699   1.00 6.39  ? 62  ALA A N   1 
ATOM   422  C CA  . ALA A 1 62  ? -3.412  -0.359  7.642   1.00 6.62  ? 62  ALA A CA  1 
ATOM   423  C C   . ALA A 1 62  ? -4.256  0.251   8.753   1.00 7.96  ? 62  ALA A C   1 
ATOM   424  O O   . ALA A 1 62  ? -5.393  0.653   8.524   1.00 9.44  ? 62  ALA A O   1 
ATOM   425  C CB  . ALA A 1 62  ? -3.393  -1.888  7.767   1.00 6.68  ? 62  ALA A CB  1 
ATOM   426  N N   . ARG A 1 63  ? -3.686  0.327   9.951   1.00 7.79  ? 63  ARG A N   1 
ATOM   427  C CA  . ARG A 1 63  ? -4.391  0.881   11.100  1.00 8.95  ? 63  ARG A CA  1 
ATOM   428  C C   . ARG A 1 63  ? -4.715  2.350   10.882  1.00 8.29  ? 63  ARG A C   1 
ATOM   429  O O   . ARG A 1 63  ? -5.790  2.816   11.247  1.00 9.06  ? 63  ARG A O   1 
ATOM   430  C CB  . ARG A 1 63  ? -3.541  0.733   12.361  1.00 10.32 ? 63  ARG A CB  1 
ATOM   431  C CG  . ARG A 1 63  ? -4.282  1.074   13.645  1.00 15.41 ? 63  ARG A CG  1 
ATOM   432  C CD  . ARG A 1 63  ? -3.374  0.878   14.841  1.00 18.43 ? 63  ARG A CD  1 
ATOM   433  N NE  . ARG A 1 63  ? -2.706  -0.422  14.822  1.00 22.63 ? 63  ARG A NE  1 
ATOM   434  C CZ  . ARG A 1 63  ? -1.732  -0.763  15.659  1.00 24.51 ? 63  ARG A CZ  1 
ATOM   435  N NH1 . ARG A 1 63  ? -1.325  0.103   16.577  1.00 24.54 ? 63  ARG A NH1 1 
ATOM   436  N NH2 . ARG A 1 63  ? -1.160  -1.959  15.573  1.00 26.55 ? 63  ARG A NH2 1 
ATOM   437  N N   . ALA A 1 64  ? -3.769  3.078   10.298  1.00 6.71  ? 64  ALA A N   1 
ATOM   438  C CA  . ALA A 1 64  ? -3.944  4.497   10.029  1.00 7.13  ? 64  ALA A CA  1 
ATOM   439  C C   . ALA A 1 64  ? -5.165  4.747   9.149   1.00 7.16  ? 64  ALA A C   1 
ATOM   440  O O   . ALA A 1 64  ? -5.913  5.702   9.357   1.00 6.36  ? 64  ALA A O   1 
ATOM   441  C CB  . ALA A 1 64  ? -2.690  5.043   9.358   1.00 6.32  ? 64  ALA A CB  1 
ATOM   442  N N   . LEU A 1 65  ? -5.364  3.882   8.160   1.00 8.40  ? 65  LEU A N   1 
ATOM   443  C CA  . LEU A 1 65  ? -6.495  4.015   7.249   1.00 7.72  ? 65  LEU A CA  1 
ATOM   444  C C   . LEU A 1 65  ? -7.793  3.540   7.892   1.00 8.10  ? 65  LEU A C   1 
ATOM   445  O O   . LEU A 1 65  ? -8.844  4.138   7.680   1.00 7.61  ? 65  LEU A O   1 
ATOM   446  C CB  . LEU A 1 65  ? -6.227  3.233   5.969   1.00 6.55  ? 65  LEU A CB  1 
ATOM   447  C CG  . LEU A 1 65  ? -5.028  3.729   5.156   1.00 6.92  ? 65  LEU A CG  1 
ATOM   448  C CD1 . LEU A 1 65  ? -4.791  2.793   3.975   1.00 9.33  ? 65  LEU A CD1 1 
ATOM   449  C CD2 . LEU A 1 65  ? -5.284  5.140   4.678   1.00 7.93  ? 65  LEU A CD2 1 
ATOM   450  N N   . ARG A 1 66  ? -7.721  2.467   8.674   1.00 8.80  ? 66  ARG A N   1 
ATOM   451  C CA  . ARG A 1 66  ? -8.906  1.944   9.351   1.00 8.66  ? 66  ARG A CA  1 
ATOM   452  C C   . ARG A 1 66  ? -9.483  2.995   10.297  1.00 9.54  ? 66  ARG A C   1 
ATOM   453  O O   . ARG A 1 66  ? -10.704 3.124   10.439  1.00 8.51  ? 66  ARG A O   1 
ATOM   454  C CB  . ARG A 1 66  ? -8.546  0.697   10.164  1.00 10.28 ? 66  ARG A CB  1 
ATOM   455  C CG  . ARG A 1 66  ? -8.082  -0.481  9.331   1.00 12.38 ? 66  ARG A CG  1 
ATOM   456  C CD  . ARG A 1 66  ? -7.497  -1.588  10.208  1.00 14.49 ? 66  ARG A CD  1 
ATOM   457  N NE  . ARG A 1 66  ? -8.507  -2.224  11.051  1.00 17.41 ? 66  ARG A NE  1 
ATOM   458  C CZ  . ARG A 1 66  ? -8.229  -3.136  11.981  1.00 18.56 ? 66  ARG A CZ  1 
ATOM   459  N NH1 . ARG A 1 66  ? -9.208  -3.671  12.699  1.00 20.28 ? 66  ARG A NH1 1 
ATOM   460  N NH2 . ARG A 1 66  ? -6.972  -3.502  12.204  1.00 19.79 ? 66  ARG A NH2 1 
ATOM   461  N N   . GLU A 1 67  ? -8.600  3.743   10.947  1.00 9.43  ? 67  GLU A N   1 
ATOM   462  C CA  . GLU A 1 67  ? -9.021  4.773   11.891  1.00 9.61  ? 67  GLU A CA  1 
ATOM   463  C C   . GLU A 1 67  ? -9.734  5.922   11.186  1.00 10.20 ? 67  GLU A C   1 
ATOM   464  O O   . GLU A 1 67  ? -10.368 6.761   11.830  1.00 11.36 ? 67  GLU A O   1 
ATOM   465  C CB  . GLU A 1 67  ? -7.818  5.296   12.682  1.00 9.61  ? 67  GLU A CB  1 
ATOM   466  C CG  . GLU A 1 67  ? -7.174  4.234   13.569  1.00 9.34  ? 67  GLU A CG  1 
ATOM   467  C CD  . GLU A 1 67  ? -5.992  4.750   14.375  1.00 12.26 ? 67  GLU A CD  1 
ATOM   468  O OE1 . GLU A 1 67  ? -5.495  5.856   14.072  1.00 12.58 ? 67  GLU A OE1 1 
ATOM   469  O OE2 . GLU A 1 67  ? -5.546  4.037   15.303  1.00 12.13 ? 67  GLU A OE2 1 
ATOM   470  N N   . LEU A 1 68  ? -9.627  5.957   9.862   1.00 9.30  ? 68  LEU A N   1 
ATOM   471  C CA  . LEU A 1 68  ? -10.292 6.985   9.077   1.00 8.87  ? 68  LEU A CA  1 
ATOM   472  C C   . LEU A 1 68  ? -11.596 6.442   8.488   1.00 8.54  ? 68  LEU A C   1 
ATOM   473  O O   . LEU A 1 68  ? -12.253 7.118   7.695   1.00 9.62  ? 68  LEU A O   1 
ATOM   474  C CB  . LEU A 1 68  ? -9.383  7.471   7.951   1.00 10.32 ? 68  LEU A CB  1 
ATOM   475  C CG  . LEU A 1 68  ? -8.094  8.169   8.389   1.00 11.45 ? 68  LEU A CG  1 
ATOM   476  C CD1 . LEU A 1 68  ? -7.342  8.631   7.160   1.00 10.99 ? 68  LEU A CD1 1 
ATOM   477  C CD2 . LEU A 1 68  ? -8.423  9.345   9.287   1.00 12.03 ? 68  LEU A CD2 1 
ATOM   478  N N   . GLY A 1 69  ? -11.948 5.217   8.875   1.00 7.73  ? 69  GLY A N   1 
ATOM   479  C CA  . GLY A 1 69  ? -13.173 4.589   8.398   1.00 8.43  ? 69  GLY A CA  1 
ATOM   480  C C   . GLY A 1 69  ? -13.028 3.778   7.121   1.00 8.49  ? 69  GLY A C   1 
ATOM   481  O O   . GLY A 1 69  ? -14.016 3.419   6.478   1.00 7.75  ? 69  GLY A O   1 
ATOM   482  N N   . ILE A 1 70  ? -11.790 3.473   6.755   1.00 7.47  ? 70  ILE A N   1 
ATOM   483  C CA  . ILE A 1 70  ? -11.519 2.715   5.542   1.00 7.27  ? 70  ILE A CA  1 
ATOM   484  C C   . ILE A 1 70  ? -11.286 1.231   5.824   1.00 7.37  ? 70  ILE A C   1 
ATOM   485  O O   . ILE A 1 70  ? -10.595 0.877   6.774   1.00 7.73  ? 70  ILE A O   1 
ATOM   486  C CB  . ILE A 1 70  ? -10.276 3.297   4.820   1.00 5.73  ? 70  ILE A CB  1 
ATOM   487  C CG1 . ILE A 1 70  ? -10.579 4.722   4.346   1.00 5.80  ? 70  ILE A CG1 1 
ATOM   488  C CG2 . ILE A 1 70  ? -9.870  2.407   3.649   1.00 7.37  ? 70  ILE A CG2 1 
ATOM   489  C CD1 . ILE A 1 70  ? -9.361  5.477   3.835   1.00 6.82  ? 70  ILE A CD1 1 
ATOM   490  N N   . THR A 1 71  ? -11.885 0.370   5.004   1.00 7.15  ? 71  THR A N   1 
ATOM   491  C CA  . THR A 1 71  ? -11.698 -1.075  5.142   1.00 7.65  ? 71  THR A CA  1 
ATOM   492  C C   . THR A 1 71  ? -10.360 -1.372  4.467   1.00 7.86  ? 71  THR A C   1 
ATOM   493  O O   . THR A 1 71  ? -10.103 -0.909  3.353   1.00 7.35  ? 71  THR A O   1 
ATOM   494  C CB  . THR A 1 71  ? -12.813 -1.866  4.424   1.00 7.86  ? 71  THR A CB  1 
ATOM   495  O OG1 . THR A 1 71  ? -14.077 -1.547  5.016   1.00 10.56 ? 71  THR A OG1 1 
ATOM   496  C CG2 . THR A 1 71  ? -12.571 -3.374  4.535   1.00 8.94  ? 71  THR A CG2 1 
ATOM   497  N N   . VAL A 1 72  ? -9.509  -2.145  5.130   1.00 7.19  ? 72  VAL A N   1 
ATOM   498  C CA  . VAL A 1 72  ? -8.198  -2.420  4.566   1.00 7.90  ? 72  VAL A CA  1 
ATOM   499  C C   . VAL A 1 72  ? -7.917  -3.882  4.276   1.00 8.55  ? 72  VAL A C   1 
ATOM   500  O O   . VAL A 1 72  ? -8.261  -4.763  5.058   1.00 9.33  ? 72  VAL A O   1 
ATOM   501  C CB  . VAL A 1 72  ? -7.083  -1.865  5.483   1.00 9.22  ? 72  VAL A CB  1 
ATOM   502  C CG1 . VAL A 1 72  ? -7.278  -0.371  5.672   1.00 10.16 ? 72  VAL A CG1 1 
ATOM   503  C CG2 . VAL A 1 72  ? -7.109  -2.557  6.826   1.00 14.53 ? 72  VAL A CG2 1 
ATOM   504  N N   . VAL A 1 73  ? -7.294  -4.124  3.130   1.00 6.89  ? 73  VAL A N   1 
ATOM   505  C CA  . VAL A 1 73  ? -6.942  -5.475  2.722   1.00 6.22  ? 73  VAL A CA  1 
ATOM   506  C C   . VAL A 1 73  ? -5.430  -5.605  2.643   1.00 6.98  ? 73  VAL A C   1 
ATOM   507  O O   . VAL A 1 73  ? -4.765  -4.786  2.010   1.00 6.31  ? 73  VAL A O   1 
ATOM   508  C CB  . VAL A 1 73  ? -7.533  -5.812  1.332   1.00 5.93  ? 73  VAL A CB  1 
ATOM   509  C CG1 . VAL A 1 73  ? -7.074  -7.201  0.889   1.00 7.00  ? 73  VAL A CG1 1 
ATOM   510  C CG2 . VAL A 1 73  ? -9.049  -5.750  1.387   1.00 8.76  ? 73  VAL A CG2 1 
ATOM   511  N N   . ARG A 1 74  ? -4.898  -6.623  3.311   1.00 5.40  ? 74  ARG A N   1 
ATOM   512  C CA  . ARG A 1 74  ? -3.473  -6.911  3.285   1.00 5.50  ? 74  ARG A CA  1 
ATOM   513  C C   . ARG A 1 74  ? -3.350  -8.282  2.632   1.00 4.77  ? 74  ARG A C   1 
ATOM   514  O O   . ARG A 1 74  ? -4.309  -9.059  2.628   1.00 5.56  ? 74  ARG A O   1 
ATOM   515  C CB  . ARG A 1 74  ? -2.899  -6.960  4.703   1.00 5.00  ? 74  ARG A CB  1 
ATOM   516  C CG  . ARG A 1 74  ? -2.821  -5.604  5.383   1.00 5.97  ? 74  ARG A CG  1 
ATOM   517  C CD  . ARG A 1 74  ? -2.341  -5.746  6.818   1.00 8.94  ? 74  ARG A CD  1 
ATOM   518  N NE  . ARG A 1 74  ? -3.356  -6.359  7.670   1.00 8.97  ? 74  ARG A NE  1 
ATOM   519  C CZ  . ARG A 1 74  ? -3.200  -7.494  8.349   1.00 8.55  ? 74  ARG A CZ  1 
ATOM   520  N NH1 . ARG A 1 74  ? -4.194  -7.953  9.095   1.00 10.27 ? 74  ARG A NH1 1 
ATOM   521  N NH2 . ARG A 1 74  ? -2.058  -8.172  8.283   1.00 10.77 ? 74  ARG A NH2 1 
ATOM   522  N N   . PHE A 1 75  ? -2.189  -8.578  2.066   1.00 6.56  ? 75  PHE A N   1 
ATOM   523  C CA  . PHE A 1 75  ? -2.001  -9.878  1.439   1.00 6.33  ? 75  PHE A CA  1 
ATOM   524  C C   . PHE A 1 75  ? -0.529  -10.177 1.225   1.00 7.25  ? 75  PHE A C   1 
ATOM   525  O O   . PHE A 1 75  ? 0.311   -9.270  1.186   1.00 7.80  ? 75  PHE A O   1 
ATOM   526  C CB  . PHE A 1 75  ? -2.766  -9.942  0.100   1.00 7.60  ? 75  PHE A CB  1 
ATOM   527  C CG  . PHE A 1 75  ? -2.098  -9.207  -1.034  1.00 5.78  ? 75  PHE A CG  1 
ATOM   528  C CD1 . PHE A 1 75  ? -1.292  -9.887  -1.943  1.00 5.95  ? 75  PHE A CD1 1 
ATOM   529  C CD2 . PHE A 1 75  ? -2.294  -7.838  -1.205  1.00 4.28  ? 75  PHE A CD2 1 
ATOM   530  C CE1 . PHE A 1 75  ? -0.690  -9.219  -3.011  1.00 5.12  ? 75  PHE A CE1 1 
ATOM   531  C CE2 . PHE A 1 75  ? -1.700  -7.160  -2.262  1.00 7.06  ? 75  PHE A CE2 1 
ATOM   532  C CZ  . PHE A 1 75  ? -0.896  -7.849  -3.171  1.00 6.56  ? 75  PHE A CZ  1 
ATOM   533  N N   . ASN A 1 76  ? -0.219  -11.463 1.114   1.00 6.07  ? 76  ASN A N   1 
ATOM   534  C CA  . ASN A 1 76  ? 1.146   -11.887 0.883   1.00 7.12  ? 76  ASN A CA  1 
ATOM   535  C C   . ASN A 1 76  ? 1.391   -12.094 -0.605  1.00 6.97  ? 76  ASN A C   1 
ATOM   536  O O   . ASN A 1 76  ? 0.606   -12.753 -1.284  1.00 6.34  ? 76  ASN A O   1 
ATOM   537  C CB  . ASN A 1 76  ? 1.434   -13.196 1.626   1.00 8.56  ? 76  ASN A CB  1 
ATOM   538  C CG  . ASN A 1 76  ? 1.668   -12.985 3.102   1.00 8.24  ? 76  ASN A CG  1 
ATOM   539  O OD1 . ASN A 1 76  ? 2.113   -11.921 3.514   1.00 8.49  ? 76  ASN A OD1 1 
ATOM   540  N ND2 . ASN A 1 76  ? 1.390   -14.008 3.907   1.00 7.90  ? 76  ASN A ND2 1 
ATOM   541  N N   . PHE A 1 77  ? 2.466   -11.497 -1.113  1.00 7.69  ? 77  PHE A N   1 
ATOM   542  C CA  . PHE A 1 77  ? 2.834   -11.667 -2.512  1.00 8.20  ? 77  PHE A CA  1 
ATOM   543  C C   . PHE A 1 77  ? 3.253   -13.123 -2.675  1.00 8.27  ? 77  PHE A C   1 
ATOM   544  O O   . PHE A 1 77  ? 3.528   -13.812 -1.689  1.00 7.83  ? 77  PHE A O   1 
ATOM   545  C CB  . PHE A 1 77  ? 4.021   -10.768 -2.877  1.00 8.82  ? 77  PHE A CB  1 
ATOM   546  C CG  . PHE A 1 77  ? 3.657   -9.328  -3.120  1.00 6.88  ? 77  PHE A CG  1 
ATOM   547  C CD1 . PHE A 1 77  ? 2.719   -8.983  -4.085  1.00 6.05  ? 77  PHE A CD1 1 
ATOM   548  C CD2 . PHE A 1 77  ? 4.285   -8.309  -2.405  1.00 8.14  ? 77  PHE A CD2 1 
ATOM   549  C CE1 . PHE A 1 77  ? 2.408   -7.636  -4.339  1.00 6.77  ? 77  PHE A CE1 1 
ATOM   550  C CE2 . PHE A 1 77  ? 3.985   -6.968  -2.650  1.00 7.95  ? 77  PHE A CE2 1 
ATOM   551  C CZ  . PHE A 1 77  ? 3.045   -6.629  -3.620  1.00 7.57  ? 77  PHE A CZ  1 
ATOM   552  N N   . ARG A 1 78  ? 3.302   -13.592 -3.915  1.00 7.95  ? 78  ARG A N   1 
ATOM   553  C CA  . ARG A 1 78  ? 3.706   -14.967 -4.176  1.00 8.34  ? 78  ARG A CA  1 
ATOM   554  C C   . ARG A 1 78  ? 5.008   -15.312 -3.429  1.00 8.85  ? 78  ARG A C   1 
ATOM   555  O O   . ARG A 1 78  ? 5.899   -14.474 -3.298  1.00 8.39  ? 78  ARG A O   1 
ATOM   556  C CB  . ARG A 1 78  ? 3.901   -15.169 -5.681  1.00 7.82  ? 78  ARG A CB  1 
ATOM   557  C CG  . ARG A 1 78  ? 4.957   -14.265 -6.287  1.00 7.75  ? 78  ARG A CG  1 
ATOM   558  C CD  . ARG A 1 78  ? 4.963   -14.365 -7.803  1.00 7.71  ? 78  ARG A CD  1 
ATOM   559  N NE  . ARG A 1 78  ? 3.662   -14.041 -8.377  1.00 9.74  ? 78  ARG A NE  1 
ATOM   560  C CZ  . ARG A 1 78  ? 3.358   -14.209 -9.659  1.00 8.56  ? 78  ARG A CZ  1 
ATOM   561  N NH1 . ARG A 1 78  ? 4.271   -14.699 -10.490 1.00 10.21 ? 78  ARG A NH1 1 
ATOM   562  N NH2 . ARG A 1 78  ? 2.151   -13.889 -10.107 1.00 8.63  ? 78  ARG A NH2 1 
ATOM   563  N N   . SER A 1 79  ? 5.092   -16.553 -2.950  1.00 9.21  ? 79  SER A N   1 
ATOM   564  C CA  . SER A 1 79  ? 6.248   -17.083 -2.224  1.00 10.78 ? 79  SER A CA  1 
ATOM   565  C C   . SER A 1 79  ? 6.345   -16.702 -0.749  1.00 11.62 ? 79  SER A C   1 
ATOM   566  O O   . SER A 1 79  ? 7.153   -17.271 -0.021  1.00 13.23 ? 79  SER A O   1 
ATOM   567  C CB  . SER A 1 79  ? 7.563   -16.696 -2.924  1.00 10.87 ? 79  SER A CB  1 
ATOM   568  O OG  . SER A 1 79  ? 8.058   -15.451 -2.464  1.00 12.63 ? 79  SER A OG  1 
ATOM   569  N N   . VAL A 1 80  ? 5.522   -15.755 -0.303  1.00 10.21 ? 80  VAL A N   1 
ATOM   570  C CA  . VAL A 1 80  ? 5.545   -15.331 1.094   1.00 11.98 ? 80  VAL A CA  1 
ATOM   571  C C   . VAL A 1 80  ? 4.438   -16.023 1.894   1.00 11.64 ? 80  VAL A C   1 
ATOM   572  O O   . VAL A 1 80  ? 3.315   -16.182 1.411   1.00 11.20 ? 80  VAL A O   1 
ATOM   573  C CB  . VAL A 1 80  ? 5.396   -13.798 1.200   1.00 12.89 ? 80  VAL A CB  1 
ATOM   574  C CG1 . VAL A 1 80  ? 5.280   -13.374 2.658   1.00 14.33 ? 80  VAL A CG1 1 
ATOM   575  C CG2 . VAL A 1 80  ? 6.599   -13.128 0.557   1.00 13.84 ? 80  VAL A CG2 1 
ATOM   576  N N   . GLY A 1 81  ? 4.766   -16.445 3.115   1.00 11.26 ? 81  GLY A N   1 
ATOM   577  C CA  . GLY A 1 81  ? 3.794   -17.132 3.948   1.00 12.46 ? 81  GLY A CA  1 
ATOM   578  C C   . GLY A 1 81  ? 3.341   -18.370 3.206   1.00 13.47 ? 81  GLY A C   1 
ATOM   579  O O   . GLY A 1 81  ? 4.178   -19.178 2.789   1.00 14.05 ? 81  GLY A O   1 
ATOM   580  N N   . THR A 1 82  ? 2.034   -18.537 3.043   1.00 12.17 ? 82  THR A N   1 
ATOM   581  C CA  . THR A 1 82  ? 1.535   -19.681 2.292   1.00 13.24 ? 82  THR A CA  1 
ATOM   582  C C   . THR A 1 82  ? 0.990   -19.283 0.919   1.00 11.12 ? 82  THR A C   1 
ATOM   583  O O   . THR A 1 82  ? 0.180   -19.995 0.320   1.00 12.77 ? 82  THR A O   1 
ATOM   584  C CB  . THR A 1 82  ? 0.481   -20.500 3.093   1.00 13.93 ? 82  THR A CB  1 
ATOM   585  O OG1 . THR A 1 82  ? -0.515  -19.637 3.657   1.00 15.17 ? 82  THR A OG1 1 
ATOM   586  C CG2 . THR A 1 82  ? 1.179   -21.275 4.218   1.00 14.73 ? 82  THR A CG2 1 
ATOM   587  N N   . SER A 1 83  ? 1.431   -18.130 0.420   1.00 10.04 ? 83  SER A N   1 
ATOM   588  C CA  . SER A 1 83  ? 1.030   -17.699 -0.911  1.00 9.29  ? 83  SER A CA  1 
ATOM   589  C C   . SER A 1 83  ? 1.962   -18.512 -1.797  1.00 8.71  ? 83  SER A C   1 
ATOM   590  O O   . SER A 1 83  ? 3.178   -18.491 -1.607  1.00 10.07 ? 83  SER A O   1 
ATOM   591  C CB  . SER A 1 83  ? 1.290   -16.202 -1.121  1.00 9.63  ? 83  SER A CB  1 
ATOM   592  O OG  . SER A 1 83  ? 0.254   -15.419 -0.547  1.00 9.26  ? 83  SER A OG  1 
ATOM   593  N N   . ALA A 1 84  ? 1.390   -19.237 -2.749  1.00 9.13  ? 84  ALA A N   1 
ATOM   594  C CA  . ALA A 1 84  ? 2.181   -20.075 -3.638  1.00 10.19 ? 84  ALA A CA  1 
ATOM   595  C C   . ALA A 1 84  ? 3.067   -19.281 -4.598  1.00 11.50 ? 84  ALA A C   1 
ATOM   596  O O   . ALA A 1 84  ? 2.909   -18.064 -4.759  1.00 10.31 ? 84  ALA A O   1 
ATOM   597  C CB  . ALA A 1 84  ? 1.260   -20.986 -4.425  1.00 10.69 ? 84  ALA A CB  1 
ATOM   598  N N   . GLY A 1 85  ? 4.008   -19.984 -5.226  1.00 10.29 ? 85  GLY A N   1 
ATOM   599  C CA  . GLY A 1 85  ? 4.887   -19.360 -6.198  1.00 11.47 ? 85  GLY A CA  1 
ATOM   600  C C   . GLY A 1 85  ? 6.253   -18.919 -5.720  1.00 11.04 ? 85  GLY A C   1 
ATOM   601  O O   . GLY A 1 85  ? 6.653   -19.173 -4.586  1.00 10.87 ? 85  GLY A O   1 
ATOM   602  N N   . SER A 1 86  ? 6.975   -18.252 -6.615  1.00 11.92 ? 86  SER A N   1 
ATOM   603  C CA  . SER A 1 86  ? 8.305   -17.747 -6.302  1.00 12.53 ? 86  SER A CA  1 
ATOM   604  C C   . SER A 1 86  ? 8.445   -16.263 -6.652  1.00 11.51 ? 86  SER A C   1 
ATOM   605  O O   . SER A 1 86  ? 7.793   -15.755 -7.568  1.00 11.30 ? 86  SER A O   1 
ATOM   606  C CB  . SER A 1 86  ? 9.370   -18.568 -7.039  1.00 15.44 ? 86  SER A CB  1 
ATOM   607  O OG  . SER A 1 86  ? 9.055   -18.686 -8.412  1.00 18.38 ? 86  SER A OG  1 
ATOM   608  N N   . PHE A 1 87  ? 9.305   -15.581 -5.905  1.00 10.51 ? 87  PHE A N   1 
ATOM   609  C CA  . PHE A 1 87  ? 9.573   -14.162 -6.096  1.00 9.46  ? 87  PHE A CA  1 
ATOM   610  C C   . PHE A 1 87  ? 9.808   -13.865 -7.574  1.00 9.96  ? 87  PHE A C   1 
ATOM   611  O O   . PHE A 1 87  ? 10.567  -14.570 -8.231  1.00 11.17 ? 87  PHE A O   1 
ATOM   612  C CB  . PHE A 1 87  ? 10.799  -13.778 -5.265  1.00 9.48  ? 87  PHE A CB  1 
ATOM   613  C CG  . PHE A 1 87  ? 11.193  -12.338 -5.386  1.00 9.34  ? 87  PHE A CG  1 
ATOM   614  C CD1 . PHE A 1 87  ? 10.348  -11.326 -4.936  1.00 9.27  ? 87  PHE A CD1 1 
ATOM   615  C CD2 . PHE A 1 87  ? 12.419  -11.987 -5.950  1.00 8.73  ? 87  PHE A CD2 1 
ATOM   616  C CE1 . PHE A 1 87  ? 10.716  -9.992  -5.047  1.00 9.65  ? 87  PHE A CE1 1 
ATOM   617  C CE2 . PHE A 1 87  ? 12.794  -10.650 -6.065  1.00 9.79  ? 87  PHE A CE2 1 
ATOM   618  C CZ  . PHE A 1 87  ? 11.944  -9.656  -5.614  1.00 10.10 ? 87  PHE A CZ  1 
ATOM   619  N N   . ASP A 1 88  ? 9.166   -12.821 -8.094  1.00 9.09  ? 88  ASP A N   1 
ATOM   620  C CA  . ASP A 1 88  ? 9.307   -12.475 -9.504  1.00 8.49  ? 88  ASP A CA  1 
ATOM   621  C C   . ASP A 1 88  ? 9.749   -11.026 -9.740  1.00 8.35  ? 88  ASP A C   1 
ATOM   622  O O   . ASP A 1 88  ? 9.394   -10.415 -10.742 1.00 6.84  ? 88  ASP A O   1 
ATOM   623  C CB  . ASP A 1 88  ? 7.990   -12.771 -10.237 1.00 8.46  ? 88  ASP A CB  1 
ATOM   624  C CG  . ASP A 1 88  ? 8.152   -12.835 -11.749 1.00 9.09  ? 88  ASP A CG  1 
ATOM   625  O OD1 . ASP A 1 88  ? 9.151   -13.422 -12.222 1.00 10.68 ? 88  ASP A OD1 1 
ATOM   626  O OD2 . ASP A 1 88  ? 7.271   -12.315 -12.467 1.00 8.61  ? 88  ASP A OD2 1 
ATOM   627  N N   . HIS A 1 89  ? 10.521  -10.487 -8.801  1.00 9.13  ? 89  HIS A N   1 
ATOM   628  C CA  . HIS A 1 89  ? 11.073  -9.137  -8.920  1.00 9.22  ? 89  HIS A CA  1 
ATOM   629  C C   . HIS A 1 89  ? 10.123  -7.989  -9.247  1.00 10.09 ? 89  HIS A C   1 
ATOM   630  O O   . HIS A 1 89  ? 10.529  -6.989  -9.859  1.00 11.56 ? 89  HIS A O   1 
ATOM   631  C CB  . HIS A 1 89  ? 12.215  -9.139  -9.949  1.00 10.11 ? 89  HIS A CB  1 
ATOM   632  C CG  . HIS A 1 89  ? 13.448  -9.852  -9.485  1.00 10.95 ? 89  HIS A CG  1 
ATOM   633  N ND1 . HIS A 1 89  ? 13.539  -11.226 -9.419  1.00 12.01 ? 89  HIS A ND1 1 
ATOM   634  C CD2 . HIS A 1 89  ? 14.633  -9.374  -9.036  1.00 11.93 ? 89  HIS A CD2 1 
ATOM   635  C CE1 . HIS A 1 89  ? 14.726  -11.563 -8.945  1.00 11.18 ? 89  HIS A CE1 1 
ATOM   636  N NE2 . HIS A 1 89  ? 15.409  -10.458 -8.705  1.00 13.19 ? 89  HIS A NE2 1 
ATOM   637  N N   . GLY A 1 90  ? 8.866   -8.116  -8.844  1.00 9.74  ? 90  GLY A N   1 
ATOM   638  C CA  . GLY A 1 90  ? 7.919   -7.047  -9.091  1.00 9.71  ? 90  GLY A CA  1 
ATOM   639  C C   . GLY A 1 90  ? 7.052   -7.189  -10.319 1.00 10.70 ? 90  GLY A C   1 
ATOM   640  O O   . GLY A 1 90  ? 6.133   -6.396  -10.520 1.00 10.24 ? 90  GLY A O   1 
ATOM   641  N N   . ASP A 1 91  ? 7.325   -8.180  -11.158 1.00 10.09 ? 91  ASP A N   1 
ATOM   642  C CA  . ASP A 1 91  ? 6.502   -8.359  -12.343 1.00 10.02 ? 91  ASP A CA  1 
ATOM   643  C C   . ASP A 1 91  ? 5.241   -9.149  -12.016 1.00 9.60  ? 91  ASP A C   1 
ATOM   644  O O   . ASP A 1 91  ? 4.139   -8.608  -12.051 1.00 9.30  ? 91  ASP A O   1 
ATOM   645  C CB  . ASP A 1 91  ? 7.303   -9.033  -13.459 1.00 12.13 ? 91  ASP A CB  1 
ATOM   646  C CG  . ASP A 1 91  ? 8.251   -8.071  -14.152 1.00 14.37 ? 91  ASP A CG  1 
ATOM   647  O OD1 . ASP A 1 91  ? 8.168   -6.848  -13.881 1.00 16.71 ? 91  ASP A OD1 1 
ATOM   648  O OD2 . ASP A 1 91  ? 9.075   -8.528  -14.979 1.00 15.79 ? 91  ASP A OD2 1 
ATOM   649  N N   . GLY A 1 92  ? 5.405   -10.420 -11.671 1.00 8.85  ? 92  GLY A N   1 
ATOM   650  C CA  . GLY A 1 92  ? 4.252   -11.229 -11.337 1.00 7.97  ? 92  GLY A CA  1 
ATOM   651  C C   . GLY A 1 92  ? 3.518   -10.686 -10.121 1.00 8.19  ? 92  GLY A C   1 
ATOM   652  O O   . GLY A 1 92  ? 2.324   -10.929 -9.958  1.00 8.13  ? 92  GLY A O   1 
ATOM   653  N N   . GLU A 1 93  ? 4.227   -9.953  -9.267  1.00 7.87  ? 93  GLU A N   1 
ATOM   654  C CA  . GLU A 1 93  ? 3.605   -9.394  -8.075  1.00 7.90  ? 93  GLU A CA  1 
ATOM   655  C C   . GLU A 1 93  ? 2.538   -8.372  -8.455  1.00 8.60  ? 93  GLU A C   1 
ATOM   656  O O   . GLU A 1 93  ? 1.572   -8.179  -7.722  1.00 6.83  ? 93  GLU A O   1 
ATOM   657  C CB  . GLU A 1 93  ? 4.658   -8.765  -7.150  1.00 8.13  ? 93  GLU A CB  1 
ATOM   658  C CG  . GLU A 1 93  ? 5.478   -9.793  -6.348  1.00 7.37  ? 93  GLU A CG  1 
ATOM   659  C CD  . GLU A 1 93  ? 6.603   -10.442 -7.142  1.00 7.25  ? 93  GLU A CD  1 
ATOM   660  O OE1 . GLU A 1 93  ? 7.198   -11.413 -6.623  1.00 6.75  ? 93  GLU A OE1 1 
ATOM   661  O OE2 . GLU A 1 93  ? 6.898   -9.981  -8.265  1.00 9.56  ? 93  GLU A OE2 1 
ATOM   662  N N   . GLN A 1 94  ? 2.705   -7.720  -9.602  1.00 8.82  ? 94  GLN A N   1 
ATOM   663  C CA  . GLN A 1 94  ? 1.706   -6.757  -10.052 1.00 7.01  ? 94  GLN A CA  1 
ATOM   664  C C   . GLN A 1 94  ? 0.435   -7.511  -10.407 1.00 7.39  ? 94  GLN A C   1 
ATOM   665  O O   . GLN A 1 94  ? -0.672  -7.001  -10.235 1.00 6.97  ? 94  GLN A O   1 
ATOM   666  C CB  . GLN A 1 94  ? 2.192   -6.000  -11.283 1.00 8.12  ? 94  GLN A CB  1 
ATOM   667  C CG  . GLN A 1 94  ? 3.278   -4.983  -11.013 1.00 8.39  ? 94  GLN A CG  1 
ATOM   668  C CD  . GLN A 1 94  ? 3.762   -4.339  -12.295 1.00 9.89  ? 94  GLN A CD  1 
ATOM   669  O OE1 . GLN A 1 94  ? 2.985   -3.710  -13.014 1.00 11.94 ? 94  GLN A OE1 1 
ATOM   670  N NE2 . GLN A 1 94  ? 5.044   -4.506  -12.595 1.00 10.53 ? 94  GLN A NE2 1 
ATOM   671  N N   . ASP A 1 95  ? 0.598   -8.731  -10.911 1.00 7.31  ? 95  ASP A N   1 
ATOM   672  C CA  . ASP A 1 95  ? -0.550  -9.547  -11.279 1.00 7.83  ? 95  ASP A CA  1 
ATOM   673  C C   . ASP A 1 95  ? -1.244  -10.042 -10.017 1.00 7.04  ? 95  ASP A C   1 
ATOM   674  O O   . ASP A 1 95  ? -2.468  -10.171 -9.993  1.00 8.08  ? 95  ASP A O   1 
ATOM   675  C CB  . ASP A 1 95  ? -0.122  -10.733 -12.149 1.00 8.76  ? 95  ASP A CB  1 
ATOM   676  C CG  . ASP A 1 95  ? 0.587   -10.297 -13.424 1.00 11.02 ? 95  ASP A CG  1 
ATOM   677  O OD1 . ASP A 1 95  ? 0.235   -9.225  -13.965 1.00 12.12 ? 95  ASP A OD1 1 
ATOM   678  O OD2 . ASP A 1 95  ? 1.485   -11.038 -13.893 1.00 13.03 ? 95  ASP A OD2 1 
ATOM   679  N N   . ASP A 1 96  ? -0.465  -10.321 -8.972  1.00 7.51  ? 96  ASP A N   1 
ATOM   680  C CA  . ASP A 1 96  ? -1.035  -10.773 -7.703  1.00 7.30  ? 96  ASP A CA  1 
ATOM   681  C C   . ASP A 1 96  ? -1.901  -9.643  -7.160  1.00 6.96  ? 96  ASP A C   1 
ATOM   682  O O   . ASP A 1 96  ? -3.018  -9.865  -6.693  1.00 6.76  ? 96  ASP A O   1 
ATOM   683  C CB  . ASP A 1 96  ? 0.053   -11.078 -6.664  1.00 7.62  ? 96  ASP A CB  1 
ATOM   684  C CG  . ASP A 1 96  ? 0.901   -12.278 -7.020  1.00 6.21  ? 96  ASP A CG  1 
ATOM   685  O OD1 . ASP A 1 96  ? 0.427   -13.153 -7.769  1.00 7.36  ? 96  ASP A OD1 1 
ATOM   686  O OD2 . ASP A 1 96  ? 2.047   -12.351 -6.522  1.00 7.85  ? 96  ASP A OD2 1 
ATOM   687  N N   . LEU A 1 97  ? -1.367  -8.427  -7.222  1.00 7.42  ? 97  LEU A N   1 
ATOM   688  C CA  . LEU A 1 97  ? -2.083  -7.248  -6.750  1.00 7.47  ? 97  LEU A CA  1 
ATOM   689  C C   . LEU A 1 97  ? -3.371  -7.073  -7.558  1.00 7.81  ? 97  LEU A C   1 
ATOM   690  O O   . LEU A 1 97  ? -4.416  -6.742  -7.000  1.00 7.32  ? 97  LEU A O   1 
ATOM   691  C CB  . LEU A 1 97  ? -1.206  -5.999  -6.908  1.00 7.83  ? 97  LEU A CB  1 
ATOM   692  C CG  . LEU A 1 97  ? -1.264  -4.873  -5.865  1.00 13.11 ? 97  LEU A CG  1 
ATOM   693  C CD1 . LEU A 1 97  ? -0.853  -3.585  -6.541  1.00 7.92  ? 97  LEU A CD1 1 
ATOM   694  C CD2 . LEU A 1 97  ? -2.639  -4.734  -5.239  1.00 9.04  ? 97  LEU A CD2 1 
ATOM   695  N N   . ARG A 1 98  ? -3.299  -7.296  -8.871  1.00 7.21  ? 98  ARG A N   1 
ATOM   696  C CA  . ARG A 1 98  ? -4.488  -7.152  -9.709  1.00 8.71  ? 98  ARG A CA  1 
ATOM   697  C C   . ARG A 1 98  ? -5.587  -8.124  -9.294  1.00 9.24  ? 98  ARG A C   1 
ATOM   698  O O   . ARG A 1 98  ? -6.764  -7.772  -9.311  1.00 8.72  ? 98  ARG A O   1 
ATOM   699  C CB  . ARG A 1 98  ? -4.160  -7.363  -11.197 1.00 11.08 ? 98  ARG A CB  1 
ATOM   700  C CG  . ARG A 1 98  ? -5.408  -7.281  -12.095 1.00 12.56 ? 98  ARG A CG  1 
ATOM   701  C CD  . ARG A 1 98  ? -5.124  -6.739  -13.491 1.00 16.80 ? 98  ARG A CD  1 
ATOM   702  N NE  . ARG A 1 98  ? -4.450  -7.688  -14.376 1.00 19.36 ? 98  ARG A NE  1 
ATOM   703  C CZ  . ARG A 1 98  ? -5.021  -8.785  -14.870 1.00 20.81 ? 98  ARG A CZ  1 
ATOM   704  N NH1 . ARG A 1 98  ? -6.278  -9.080  -14.561 1.00 22.43 ? 98  ARG A NH1 1 
ATOM   705  N NH2 . ARG A 1 98  ? -4.342  -9.571  -15.694 1.00 20.79 ? 98  ARG A NH2 1 
ATOM   706  N N   . ALA A 1 99  ? -5.207  -9.348  -8.939  1.00 8.11  ? 99  ALA A N   1 
ATOM   707  C CA  . ALA A 1 99  ? -6.187  -10.347 -8.529  1.00 7.29  ? 99  ALA A CA  1 
ATOM   708  C C   . ALA A 1 99  ? -6.914  -9.891  -7.268  1.00 6.70  ? 99  ALA A C   1 
ATOM   709  O O   . ALA A 1 99  ? -8.125  -10.076 -7.130  1.00 6.13  ? 99  ALA A O   1 
ATOM   710  C CB  . ALA A 1 99  ? -5.494  -11.682 -8.276  1.00 7.47  ? 99  ALA A CB  1 
ATOM   711  N N   . VAL A 1 100 ? -6.163  -9.295  -6.347  1.00 7.43  ? 100 VAL A N   1 
ATOM   712  C CA  . VAL A 1 100 ? -6.749  -8.811  -5.112  1.00 6.91  ? 100 VAL A CA  1 
ATOM   713  C C   . VAL A 1 100 ? -7.648  -7.617  -5.424  1.00 7.58  ? 100 VAL A C   1 
ATOM   714  O O   . VAL A 1 100 ? -8.774  -7.535  -4.938  1.00 7.21  ? 100 VAL A O   1 
ATOM   715  C CB  . VAL A 1 100 ? -5.648  -8.406  -4.099  1.00 7.68  ? 100 VAL A CB  1 
ATOM   716  C CG1 . VAL A 1 100 ? -6.281  -7.933  -2.789  1.00 7.54  ? 100 VAL A CG1 1 
ATOM   717  C CG2 . VAL A 1 100 ? -4.731  -9.599  -3.834  1.00 8.28  ? 100 VAL A CG2 1 
ATOM   718  N N   . ALA A 1 101 ? -7.155  -6.699  -6.248  1.00 7.21  ? 101 ALA A N   1 
ATOM   719  C CA  . ALA A 1 101 ? -7.926  -5.518  -6.609  1.00 7.12  ? 101 ALA A CA  1 
ATOM   720  C C   . ALA A 1 101 ? -9.235  -5.884  -7.306  1.00 7.90  ? 101 ALA A C   1 
ATOM   721  O O   . ALA A 1 101 ? -10.281 -5.288  -7.036  1.00 8.38  ? 101 ALA A O   1 
ATOM   722  C CB  . ALA A 1 101 ? -7.094  -4.605  -7.515  1.00 7.19  ? 101 ALA A CB  1 
ATOM   723  N N   . GLU A 1 102 ? -9.183  -6.857  -8.210  1.00 7.72  ? 102 GLU A N   1 
ATOM   724  C CA  . GLU A 1 102 ? -10.382 -7.260  -8.934  1.00 8.43  ? 102 GLU A CA  1 
ATOM   725  C C   . GLU A 1 102 ? -11.399 -7.944  -8.023  1.00 7.89  ? 102 GLU A C   1 
ATOM   726  O O   . GLU A 1 102 ? -12.606 -7.823  -8.232  1.00 8.94  ? 102 GLU A O   1 
ATOM   727  C CB  . GLU A 1 102 ? -10.014 -8.164  -10.120 1.00 9.18  ? 102 GLU A CB  1 
ATOM   728  C CG  . GLU A 1 102 ? -9.212  -7.430  -11.198 1.00 12.00 ? 102 GLU A CG  1 
ATOM   729  C CD  . GLU A 1 102 ? -8.938  -8.264  -12.442 1.00 15.10 ? 102 GLU A CD  1 
ATOM   730  O OE1 . GLU A 1 102 ? -9.042  -9.507  -12.378 1.00 17.18 ? 102 GLU A OE1 1 
ATOM   731  O OE2 . GLU A 1 102 ? -8.608  -7.664  -13.490 1.00 17.30 ? 102 GLU A OE2 1 
ATOM   732  N N   . TRP A 1 103 ? -10.909 -8.663  -7.016  1.00 7.74  ? 103 TRP A N   1 
ATOM   733  C CA  . TRP A 1 103 ? -11.797 -9.333  -6.064  1.00 7.09  ? 103 TRP A CA  1 
ATOM   734  C C   . TRP A 1 103 ? -12.480 -8.262  -5.205  1.00 6.45  ? 103 TRP A C   1 
ATOM   735  O O   . TRP A 1 103 ? -13.678 -8.329  -4.932  1.00 7.80  ? 103 TRP A O   1 
ATOM   736  C CB  . TRP A 1 103 ? -10.993 -10.299 -5.182  1.00 7.46  ? 103 TRP A CB  1 
ATOM   737  C CG  . TRP A 1 103 ? -11.780 -10.901 -4.043  1.00 8.49  ? 103 TRP A CG  1 
ATOM   738  C CD1 . TRP A 1 103 ? -12.790 -11.818 -4.128  1.00 8.88  ? 103 TRP A CD1 1 
ATOM   739  C CD2 . TRP A 1 103 ? -11.633 -10.595 -2.654  1.00 8.50  ? 103 TRP A CD2 1 
ATOM   740  N NE1 . TRP A 1 103 ? -13.282 -12.098 -2.879  1.00 8.38  ? 103 TRP A NE1 1 
ATOM   741  C CE2 . TRP A 1 103 ? -12.590 -11.361 -1.953  1.00 9.43  ? 103 TRP A CE2 1 
ATOM   742  C CE3 . TRP A 1 103 ? -10.786 -9.745  -1.932  1.00 9.69  ? 103 TRP A CE3 1 
ATOM   743  C CZ2 . TRP A 1 103 ? -12.723 -11.303 -0.561  1.00 9.50  ? 103 TRP A CZ2 1 
ATOM   744  C CZ3 . TRP A 1 103 ? -10.919 -9.687  -0.547  1.00 9.48  ? 103 TRP A CZ3 1 
ATOM   745  C CH2 . TRP A 1 103 ? -11.882 -10.464 0.122   1.00 9.20  ? 103 TRP A CH2 1 
ATOM   746  N N   . VAL A 1 104 ? -11.709 -7.270  -4.776  1.00 6.05  ? 104 VAL A N   1 
ATOM   747  C CA  . VAL A 1 104 ? -12.257 -6.184  -3.971  1.00 6.34  ? 104 VAL A CA  1 
ATOM   748  C C   . VAL A 1 104 ? -13.363 -5.442  -4.728  1.00 7.54  ? 104 VAL A C   1 
ATOM   749  O O   . VAL A 1 104 ? -14.462 -5.240  -4.207  1.00 8.73  ? 104 VAL A O   1 
ATOM   750  C CB  . VAL A 1 104 ? -11.146 -5.175  -3.588  1.00 5.40  ? 104 VAL A CB  1 
ATOM   751  C CG1 . VAL A 1 104 ? -11.754 -3.923  -2.984  1.00 6.98  ? 104 VAL A CG1 1 
ATOM   752  C CG2 . VAL A 1 104 ? -10.188 -5.820  -2.595  1.00 6.25  ? 104 VAL A CG2 1 
ATOM   753  N N   . ARG A 1 105 ? -13.072 -5.050  -5.963  1.00 8.19  ? 105 ARG A N   1 
ATOM   754  C CA  . ARG A 1 105 ? -14.038 -4.312  -6.762  1.00 8.25  ? 105 ARG A CA  1 
ATOM   755  C C   . ARG A 1 105 ? -15.295 -5.108  -7.074  1.00 8.58  ? 105 ARG A C   1 
ATOM   756  O O   . ARG A 1 105 ? -16.361 -4.527  -7.259  1.00 10.25 ? 105 ARG A O   1 
ATOM   757  C CB  . ARG A 1 105 ? -13.382 -3.825  -8.059  1.00 9.53  ? 105 ARG A CB  1 
ATOM   758  C CG  . ARG A 1 105 ? -12.591 -2.545  -7.861  1.00 10.73 ? 105 ARG A CG  1 
ATOM   759  C CD  . ARG A 1 105 ? -11.837 -2.103  -9.100  1.00 12.60 ? 105 ARG A CD  1 
ATOM   760  N NE  . ARG A 1 105 ? -11.391 -0.717  -8.957  1.00 15.62 ? 105 ARG A NE  1 
ATOM   761  C CZ  . ARG A 1 105 ? -10.301 -0.215  -9.521  1.00 16.98 ? 105 ARG A CZ  1 
ATOM   762  N NH1 . ARG A 1 105 ? -9.991  1.059   -9.328  1.00 14.88 ? 105 ARG A NH1 1 
ATOM   763  N NH2 . ARG A 1 105 ? -9.515  -0.989  -10.264 1.00 17.66 ? 105 ARG A NH2 1 
ATOM   764  N N   . ALA A 1 106 ? -15.167 -6.430  -7.134  1.00 8.09  ? 106 ALA A N   1 
ATOM   765  C CA  . ALA A 1 106 ? -16.313 -7.282  -7.422  1.00 9.03  ? 106 ALA A CA  1 
ATOM   766  C C   . ALA A 1 106 ? -17.182 -7.427  -6.184  1.00 9.83  ? 106 ALA A C   1 
ATOM   767  O O   . ALA A 1 106 ? -18.414 -7.397  -6.264  1.00 10.72 ? 106 ALA A O   1 
ATOM   768  C CB  . ALA A 1 106 ? -15.843 -8.660  -7.898  1.00 7.97  ? 106 ALA A CB  1 
ATOM   769  N N   . GLN A 1 107 ? -16.531 -7.573  -5.037  1.00 9.27  ? 107 GLN A N   1 
ATOM   770  C CA  . GLN A 1 107 ? -17.231 -7.750  -3.768  1.00 9.84  ? 107 GLN A CA  1 
ATOM   771  C C   . GLN A 1 107 ? -17.758 -6.450  -3.165  1.00 9.56  ? 107 GLN A C   1 
ATOM   772  O O   . GLN A 1 107 ? -18.714 -6.466  -2.394  1.00 11.17 ? 107 GLN A O   1 
ATOM   773  C CB  . GLN A 1 107 ? -16.301 -8.434  -2.765  1.00 9.49  ? 107 GLN A CB  1 
ATOM   774  C CG  . GLN A 1 107 ? -15.915 -9.850  -3.153  1.00 12.03 ? 107 GLN A CG  1 
ATOM   775  C CD  . GLN A 1 107 ? -17.013 -10.849 -2.860  1.00 13.63 ? 107 GLN A CD  1 
ATOM   776  O OE1 . GLN A 1 107 ? -17.257 -11.765 -3.642  1.00 17.10 ? 107 GLN A OE1 1 
ATOM   777  N NE2 . GLN A 1 107 ? -17.676 -10.683 -1.716  1.00 12.29 ? 107 GLN A NE2 1 
ATOM   778  N N   . ARG A 1 108 ? -17.122 -5.334  -3.507  1.00 9.50  ? 108 ARG A N   1 
ATOM   779  C CA  . ARG A 1 108 ? -17.512 -4.018  -3.005  1.00 10.54 ? 108 ARG A CA  1 
ATOM   780  C C   . ARG A 1 108 ? -17.650 -3.071  -4.199  1.00 9.74  ? 108 ARG A C   1 
ATOM   781  O O   . ARG A 1 108 ? -16.868 -2.130  -4.345  1.00 8.99  ? 108 ARG A O   1 
ATOM   782  C CB  . ARG A 1 108 ? -16.431 -3.491  -2.059  1.00 11.58 ? 108 ARG A CB  1 
ATOM   783  C CG  . ARG A 1 108 ? -16.185 -4.349  -0.824  1.00 13.86 ? 108 ARG A CG  1 
ATOM   784  C CD  . ARG A 1 108 ? -17.325 -4.216  0.158   1.00 16.63 ? 108 ARG A CD  1 
ATOM   785  N NE  . ARG A 1 108 ? -17.627 -2.808  0.402   1.00 17.52 ? 108 ARG A NE  1 
ATOM   786  C CZ  . ARG A 1 108 ? -18.719 -2.367  1.021   1.00 19.50 ? 108 ARG A CZ  1 
ATOM   787  N NH1 . ARG A 1 108 ? -19.627 -3.223  1.479   1.00 19.45 ? 108 ARG A NH1 1 
ATOM   788  N NH2 . ARG A 1 108 ? -18.923 -1.059  1.146   1.00 19.32 ? 108 ARG A NH2 1 
ATOM   789  N N   . PRO A 1 109 ? -18.649 -3.309  -5.067  1.00 11.03 ? 109 PRO A N   1 
ATOM   790  C CA  . PRO A 1 109 ? -18.891 -2.492  -6.259  1.00 11.14 ? 109 PRO A CA  1 
ATOM   791  C C   . PRO A 1 109 ? -19.214 -1.021  -6.048  1.00 10.81 ? 109 PRO A C   1 
ATOM   792  O O   . PRO A 1 109 ? -19.083 -0.238  -6.986  1.00 12.38 ? 109 PRO A O   1 
ATOM   793  C CB  . PRO A 1 109 ? -20.019 -3.243  -6.968  1.00 12.25 ? 109 PRO A CB  1 
ATOM   794  C CG  . PRO A 1 109 ? -20.771 -3.840  -5.836  1.00 11.18 ? 109 PRO A CG  1 
ATOM   795  C CD  . PRO A 1 109 ? -19.664 -4.374  -4.961  1.00 11.93 ? 109 PRO A CD  1 
ATOM   796  N N   . THR A 1 110 ? -19.623 -0.622  -4.843  1.00 9.46  ? 110 THR A N   1 
ATOM   797  C CA  . THR A 1 110 ? -19.919 0.795   -4.637  1.00 8.95  ? 110 THR A CA  1 
ATOM   798  C C   . THR A 1 110 ? -18.796 1.565   -3.937  1.00 9.02  ? 110 THR A C   1 
ATOM   799  O O   . THR A 1 110 ? -18.920 2.764   -3.696  1.00 8.97  ? 110 THR A O   1 
ATOM   800  C CB  . THR A 1 110 ? -21.243 1.018   -3.854  1.00 9.42  ? 110 THR A CB  1 
ATOM   801  O OG1 . THR A 1 110 ? -21.141 0.456   -2.541  1.00 10.87 ? 110 THR A OG1 1 
ATOM   802  C CG2 . THR A 1 110 ? -22.414 0.387   -4.594  1.00 12.27 ? 110 THR A CG2 1 
ATOM   803  N N   . ASP A 1 111 ? -17.702 0.877   -3.618  1.00 9.06  ? 111 ASP A N   1 
ATOM   804  C CA  . ASP A 1 111 ? -16.551 1.517   -2.971  1.00 7.75  ? 111 ASP A CA  1 
ATOM   805  C C   . ASP A 1 111 ? -15.572 1.991   -4.026  1.00 7.66  ? 111 ASP A C   1 
ATOM   806  O O   . ASP A 1 111 ? -15.630 1.561   -5.179  1.00 8.25  ? 111 ASP A O   1 
ATOM   807  C CB  . ASP A 1 111 ? -15.759 0.524   -2.109  1.00 7.76  ? 111 ASP A CB  1 
ATOM   808  C CG  . ASP A 1 111 ? -16.376 0.276   -0.758  1.00 9.94  ? 111 ASP A CG  1 
ATOM   809  O OD1 . ASP A 1 111 ? -17.460 0.820   -0.474  1.00 10.86 ? 111 ASP A OD1 1 
ATOM   810  O OD2 . ASP A 1 111 ? -15.751 -0.475  0.024   1.00 11.81 ? 111 ASP A OD2 1 
ATOM   811  N N   . THR A 1 112 ? -14.669 2.880   -3.625  1.00 7.10  ? 112 THR A N   1 
ATOM   812  C CA  . THR A 1 112 ? -13.612 3.311   -4.528  1.00 6.84  ? 112 THR A CA  1 
ATOM   813  C C   . THR A 1 112 ? -12.374 2.582   -4.008  1.00 7.05  ? 112 THR A C   1 
ATOM   814  O O   . THR A 1 112 ? -12.378 2.051   -2.891  1.00 8.23  ? 112 THR A O   1 
ATOM   815  C CB  . THR A 1 112 ? -13.382 4.838   -4.522  1.00 8.37  ? 112 THR A CB  1 
ATOM   816  O OG1 . THR A 1 112 ? -13.392 5.337   -3.181  1.00 8.93  ? 112 THR A OG1 1 
ATOM   817  C CG2 . THR A 1 112 ? -14.455 5.534   -5.342  1.00 10.20 ? 112 THR A CG2 1 
ATOM   818  N N   . LEU A 1 113 ? -11.319 2.548   -4.808  1.00 7.49  ? 113 LEU A N   1 
ATOM   819  C CA  . LEU A 1 113 ? -10.117 1.836   -4.408  1.00 6.90  ? 113 LEU A CA  1 
ATOM   820  C C   . LEU A 1 113 ? -8.882  2.682   -4.130  1.00 6.79  ? 113 LEU A C   1 
ATOM   821  O O   . LEU A 1 113 ? -8.490  3.532   -4.930  1.00 7.19  ? 113 LEU A O   1 
ATOM   822  C CB  . LEU A 1 113 ? -9.770  0.800   -5.476  1.00 7.73  ? 113 LEU A CB  1 
ATOM   823  C CG  . LEU A 1 113 ? -8.526  -0.047  -5.219  1.00 8.72  ? 113 LEU A CG  1 
ATOM   824  C CD1 . LEU A 1 113 ? -8.817  -1.080  -4.149  1.00 8.84  ? 113 LEU A CD1 1 
ATOM   825  C CD2 . LEU A 1 113 ? -8.112  -0.728  -6.516  1.00 8.33  ? 113 LEU A CD2 1 
ATOM   826  N N   . TRP A 1 114 ? -8.265  2.428   -2.982  1.00 6.93  ? 114 TRP A N   1 
ATOM   827  C CA  . TRP A 1 114 ? -7.037  3.116   -2.608  1.00 6.37  ? 114 TRP A CA  1 
ATOM   828  C C   . TRP A 1 114 ? -5.935  2.060   -2.570  1.00 6.83  ? 114 TRP A C   1 
ATOM   829  O O   . TRP A 1 114 ? -6.176  0.926   -2.175  1.00 7.31  ? 114 TRP A O   1 
ATOM   830  C CB  . TRP A 1 114 ? -7.166  3.751   -1.222  1.00 7.72  ? 114 TRP A CB  1 
ATOM   831  C CG  . TRP A 1 114 ? -7.958  5.029   -1.186  1.00 6.77  ? 114 TRP A CG  1 
ATOM   832  C CD1 . TRP A 1 114 ? -8.944  5.416   -2.051  1.00 8.94  ? 114 TRP A CD1 1 
ATOM   833  C CD2 . TRP A 1 114 ? -7.890  6.038   -0.175  1.00 8.92  ? 114 TRP A CD2 1 
ATOM   834  N NE1 . TRP A 1 114 ? -9.501  6.606   -1.630  1.00 9.00  ? 114 TRP A NE1 1 
ATOM   835  C CE2 . TRP A 1 114 ? -8.871  7.007   -0.482  1.00 8.06  ? 114 TRP A CE2 1 
ATOM   836  C CE3 . TRP A 1 114 ? -7.097  6.217   0.967   1.00 8.87  ? 114 TRP A CE3 1 
ATOM   837  C CZ2 . TRP A 1 114 ? -9.082  8.143   0.315   1.00 8.48  ? 114 TRP A CZ2 1 
ATOM   838  C CZ3 . TRP A 1 114 ? -7.306  7.343   1.758   1.00 9.84  ? 114 TRP A CZ3 1 
ATOM   839  C CH2 . TRP A 1 114 ? -8.291  8.290   1.426   1.00 8.61  ? 114 TRP A CH2 1 
ATOM   840  N N   . LEU A 1 115 ? -4.734  2.433   -2.998  1.00 6.48  ? 115 LEU A N   1 
ATOM   841  C CA  . LEU A 1 115 ? -3.601  1.519   -2.984  1.00 6.27  ? 115 LEU A CA  1 
ATOM   842  C C   . LEU A 1 115 ? -2.476  2.154   -2.185  1.00 6.50  ? 115 LEU A C   1 
ATOM   843  O O   . LEU A 1 115 ? -2.271  3.366   -2.238  1.00 7.78  ? 115 LEU A O   1 
ATOM   844  C CB  . LEU A 1 115 ? -3.106  1.225   -4.409  1.00 8.02  ? 115 LEU A CB  1 
ATOM   845  C CG  . LEU A 1 115 ? -4.004  0.437   -5.368  1.00 8.13  ? 115 LEU A CG  1 
ATOM   846  C CD1 . LEU A 1 115 ? -3.282  0.254   -6.706  1.00 8.72  ? 115 LEU A CD1 1 
ATOM   847  C CD2 . LEU A 1 115 ? -4.343  -0.914  -4.767  1.00 10.62 ? 115 LEU A CD2 1 
ATOM   848  N N   . ALA A 1 116 ? -1.758  1.332   -1.430  1.00 5.97  ? 116 ALA A N   1 
ATOM   849  C CA  . ALA A 1 116 ? -0.632  1.814   -0.644  1.00 5.41  ? 116 ALA A CA  1 
ATOM   850  C C   . ALA A 1 116 ? 0.401   0.704   -0.606  1.00 5.31  ? 116 ALA A C   1 
ATOM   851  O O   . ALA A 1 116 ? 0.079   -0.467  -0.802  1.00 5.95  ? 116 ALA A O   1 
ATOM   852  C CB  . ALA A 1 116 ? -1.074  2.165   0.779   1.00 6.59  ? 116 ALA A CB  1 
ATOM   853  N N   . GLY A 1 117 ? 1.647   1.072   -0.357  1.00 5.11  ? 117 GLY A N   1 
ATOM   854  C CA  . GLY A 1 117 ? 2.682   0.067   -0.296  1.00 6.34  ? 117 GLY A CA  1 
ATOM   855  C C   . GLY A 1 117 ? 3.911   0.611   0.382   1.00 6.96  ? 117 GLY A C   1 
ATOM   856  O O   . GLY A 1 117 ? 4.140   1.816   0.388   1.00 6.94  ? 117 GLY A O   1 
ATOM   857  N N   . PHE A 1 118 ? 4.691   -0.292  0.958   1.00 6.21  ? 118 PHE A N   1 
ATOM   858  C CA  . PHE A 1 118 ? 5.927   0.063   1.633   1.00 6.22  ? 118 PHE A CA  1 
ATOM   859  C C   . PHE A 1 118 ? 7.114   -0.556  0.896   1.00 7.34  ? 118 PHE A C   1 
ATOM   860  O O   . PHE A 1 118 ? 7.158   -1.771  0.690   1.00 7.52  ? 118 PHE A O   1 
ATOM   861  C CB  . PHE A 1 118 ? 5.872   -0.427  3.085   1.00 6.23  ? 118 PHE A CB  1 
ATOM   862  C CG  . PHE A 1 118 ? 7.190   -0.344  3.816   1.00 6.82  ? 118 PHE A CG  1 
ATOM   863  C CD1 . PHE A 1 118 ? 8.002   0.783   3.708   1.00 9.08  ? 118 PHE A CD1 1 
ATOM   864  C CD2 . PHE A 1 118 ? 7.603   -1.394  4.632   1.00 7.27  ? 118 PHE A CD2 1 
ATOM   865  C CE1 . PHE A 1 118 ? 9.208   0.861   4.400   1.00 7.24  ? 118 PHE A CE1 1 
ATOM   866  C CE2 . PHE A 1 118 ? 8.813   -1.327  5.333   1.00 7.62  ? 118 PHE A CE2 1 
ATOM   867  C CZ  . PHE A 1 118 ? 9.617   -0.199  5.218   1.00 7.63  ? 118 PHE A CZ  1 
ATOM   868  N N   . SER A 1 119 ? 8.051   0.301   0.496   1.00 7.56  ? 119 SER A N   1 
ATOM   869  C CA  . SER A 1 119 ? 9.280   -0.086  -0.205  1.00 8.93  ? 119 SER A CA  1 
ATOM   870  C C   . SER A 1 119 ? 8.970   -0.909  -1.461  1.00 8.41  ? 119 SER A C   1 
ATOM   871  O O   . SER A 1 119 ? 8.416   -0.375  -2.423  1.00 8.68  ? 119 SER A O   1 
ATOM   872  C CB  . SER A 1 119 ? 10.202  -0.852  0.757   1.00 9.88  ? 119 SER A CB  1 
ATOM   873  O OG  . SER A 1 119 ? 11.569  -0.700  0.410   1.00 13.16 ? 119 SER A OG  1 
ATOM   874  N N   . PHE A 1 120 ? 9.332   -2.190  -1.475  1.00 7.26  ? 120 PHE A N   1 
ATOM   875  C CA  . PHE A 1 120 ? 9.030   -3.023  -2.639  1.00 7.70  ? 120 PHE A CA  1 
ATOM   876  C C   . PHE A 1 120 ? 7.538   -2.933  -2.941  1.00 7.10  ? 120 PHE A C   1 
ATOM   877  O O   . PHE A 1 120 ? 7.132   -2.923  -4.101  1.00 7.11  ? 120 PHE A O   1 
ATOM   878  C CB  . PHE A 1 120 ? 9.427   -4.482  -2.377  1.00 8.01  ? 120 PHE A CB  1 
ATOM   879  C CG  . PHE A 1 120 ? 8.956   -5.448  -3.439  1.00 8.43  ? 120 PHE A CG  1 
ATOM   880  C CD1 . PHE A 1 120 ? 7.843   -6.257  -3.216  1.00 8.81  ? 120 PHE A CD1 1 
ATOM   881  C CD2 . PHE A 1 120 ? 9.622   -5.548  -4.657  1.00 7.89  ? 120 PHE A CD2 1 
ATOM   882  C CE1 . PHE A 1 120 ? 7.399   -7.157  -4.190  1.00 9.21  ? 120 PHE A CE1 1 
ATOM   883  C CE2 . PHE A 1 120 ? 9.187   -6.446  -5.637  1.00 8.60  ? 120 PHE A CE2 1 
ATOM   884  C CZ  . PHE A 1 120 ? 8.072   -7.250  -5.401  1.00 9.75  ? 120 PHE A CZ  1 
ATOM   885  N N   . GLY A 1 121 ? 6.726   -2.857  -1.889  1.00 7.22  ? 121 GLY A N   1 
ATOM   886  C CA  . GLY A 1 121 ? 5.289   -2.768  -2.072  1.00 7.56  ? 121 GLY A CA  1 
ATOM   887  C C   . GLY A 1 121 ? 4.867   -1.458  -2.715  1.00 6.82  ? 121 GLY A C   1 
ATOM   888  O O   . GLY A 1 121 ? 3.816   -1.381  -3.351  1.00 6.85  ? 121 GLY A O   1 
ATOM   889  N N   . ALA A 1 122 ? 5.671   -0.420  -2.527  1.00 7.09  ? 122 ALA A N   1 
ATOM   890  C CA  . ALA A 1 122 ? 5.376   0.876   -3.127  1.00 7.41  ? 122 ALA A CA  1 
ATOM   891  C C   . ALA A 1 122 ? 5.715   0.791   -4.613  1.00 7.32  ? 122 ALA A C   1 
ATOM   892  O O   . ALA A 1 122 ? 5.038   1.389   -5.454  1.00 7.46  ? 122 ALA A O   1 
ATOM   893  C CB  . ALA A 1 122 ? 6.198   1.971   -2.452  1.00 6.78  ? 122 ALA A CB  1 
ATOM   894  N N   . TYR A 1 123 ? 6.767   0.048   -4.935  1.00 8.39  ? 123 TYR A N   1 
ATOM   895  C CA  . TYR A 1 123 ? 7.161   -0.118  -6.329  1.00 8.21  ? 123 TYR A CA  1 
ATOM   896  C C   . TYR A 1 123 ? 6.058   -0.869  -7.069  1.00 8.13  ? 123 TYR A C   1 
ATOM   897  O O   . TYR A 1 123 ? 5.633   -0.447  -8.137  1.00 7.98  ? 123 TYR A O   1 
ATOM   898  C CB  . TYR A 1 123 ? 8.483   -0.893  -6.424  1.00 9.33  ? 123 TYR A CB  1 
ATOM   899  C CG  . TYR A 1 123 ? 8.811   -1.422  -7.809  1.00 10.46 ? 123 TYR A CG  1 
ATOM   900  C CD1 . TYR A 1 123 ? 9.100   -0.553  -8.865  1.00 13.34 ? 123 TYR A CD1 1 
ATOM   901  C CD2 . TYR A 1 123 ? 8.850   -2.794  -8.055  1.00 13.56 ? 123 TYR A CD2 1 
ATOM   902  C CE1 . TYR A 1 123 ? 9.426   -1.040  -10.140 1.00 14.75 ? 123 TYR A CE1 1 
ATOM   903  C CE2 . TYR A 1 123 ? 9.172   -3.292  -9.319  1.00 14.67 ? 123 TYR A CE2 1 
ATOM   904  C CZ  . TYR A 1 123 ? 9.461   -2.408  -10.358 1.00 15.29 ? 123 TYR A CZ  1 
ATOM   905  O OH  . TYR A 1 123 ? 9.798   -2.897  -11.605 1.00 16.20 ? 123 TYR A OH  1 
ATOM   906  N N   . VAL A 1 124 ? 5.585   -1.970  -6.492  1.00 7.87  ? 124 VAL A N   1 
ATOM   907  C CA  . VAL A 1 124 ? 4.542   -2.762  -7.140  1.00 7.19  ? 124 VAL A CA  1 
ATOM   908  C C   . VAL A 1 124 ? 3.229   -2.004  -7.310  1.00 7.52  ? 124 VAL A C   1 
ATOM   909  O O   . VAL A 1 124 ? 2.597   -2.089  -8.365  1.00 7.63  ? 124 VAL A O   1 
ATOM   910  C CB  . VAL A 1 124 ? 4.269   -4.084  -6.365  1.00 6.79  ? 124 VAL A CB  1 
ATOM   911  C CG1 . VAL A 1 124 ? 3.103   -4.840  -7.003  1.00 6.69  ? 124 VAL A CG1 1 
ATOM   912  C CG2 . VAL A 1 124 ? 5.507   -4.951  -6.388  1.00 8.76  ? 124 VAL A CG2 1 
ATOM   913  N N   . SER A 1 125 ? 2.801   -1.270  -6.284  1.00 6.24  ? 125 SER A N   1 
ATOM   914  C CA  . SER A 1 125 ? 1.551   -0.537  -6.405  1.00 7.06  ? 125 SER A CA  1 
ATOM   915  C C   . SER A 1 125 ? 1.658   0.640   -7.370  1.00 7.48  ? 125 SER A C   1 
ATOM   916  O O   . SER A 1 125 ? 0.707   0.940   -8.081  1.00 7.74  ? 125 SER A O   1 
ATOM   917  C CB  . SER A 1 125 ? 1.046   -0.073  -5.031  1.00 6.18  ? 125 SER A CB  1 
ATOM   918  O OG  . SER A 1 125 ? 2.010   0.656   -4.307  1.00 6.74  ? 125 SER A OG  1 
ATOM   919  N N   . LEU A 1 126 ? 2.814   1.299   -7.409  1.00 8.03  ? 126 LEU A N   1 
ATOM   920  C CA  . LEU A 1 126 ? 2.995   2.422   -8.326  1.00 7.85  ? 126 LEU A CA  1 
ATOM   921  C C   . LEU A 1 126 ? 2.991   1.912   -9.773  1.00 8.98  ? 126 LEU A C   1 
ATOM   922  O O   . LEU A 1 126 ? 2.339   2.487   -10.647 1.00 9.25  ? 126 LEU A O   1 
ATOM   923  C CB  . LEU A 1 126 ? 4.312   3.153   -8.027  1.00 9.27  ? 126 LEU A CB  1 
ATOM   924  C CG  . LEU A 1 126 ? 4.640   4.329   -8.949  1.00 10.44 ? 126 LEU A CG  1 
ATOM   925  C CD1 . LEU A 1 126 ? 3.533   5.368   -8.884  1.00 11.66 ? 126 LEU A CD1 1 
ATOM   926  C CD2 . LEU A 1 126 ? 5.974   4.942   -8.548  1.00 12.35 ? 126 LEU A CD2 1 
ATOM   927  N N   . ARG A 1 127 ? 3.714   0.824   -10.018 1.00 8.72  ? 127 ARG A N   1 
ATOM   928  C CA  . ARG A 1 127 ? 3.769   0.249   -11.355 1.00 9.07  ? 127 ARG A CA  1 
ATOM   929  C C   . ARG A 1 127 ? 2.389   -0.245  -11.779 1.00 8.59  ? 127 ARG A C   1 
ATOM   930  O O   . ARG A 1 127 ? 2.043   -0.198  -12.956 1.00 10.38 ? 127 ARG A O   1 
ATOM   931  C CB  . ARG A 1 127 ? 4.777   -0.906  -11.401 1.00 10.44 ? 127 ARG A CB  1 
ATOM   932  C CG  . ARG A 1 127 ? 6.246   -0.454  -11.420 1.00 13.00 ? 127 ARG A CG  1 
ATOM   933  C CD  . ARG A 1 127 ? 6.952   -0.972  -12.670 1.00 13.95 ? 127 ARG A CD  1 
ATOM   934  N NE  . ARG A 1 127 ? 6.366   -0.429  -13.891 1.00 16.74 ? 127 ARG A NE  1 
ATOM   935  C CZ  . ARG A 1 127 ? 6.788   0.667   -14.520 1.00 16.90 ? 127 ARG A CZ  1 
ATOM   936  N NH1 . ARG A 1 127 ? 7.819   1.361   -14.052 1.00 16.89 ? 127 ARG A NH1 1 
ATOM   937  N NH2 . ARG A 1 127 ? 6.172   1.072   -15.624 1.00 18.03 ? 127 ARG A NH2 1 
ATOM   938  N N   . ALA A 1 128 ? 1.599   -0.710  -10.818 1.00 8.92  ? 128 ALA A N   1 
ATOM   939  C CA  . ALA A 1 128 ? 0.269   -1.217  -11.127 1.00 7.99  ? 128 ALA A CA  1 
ATOM   940  C C   . ALA A 1 128 ? -0.802  -0.132  -11.190 1.00 8.20  ? 128 ALA A C   1 
ATOM   941  O O   . ALA A 1 128 ? -1.943  -0.406  -11.558 1.00 7.83  ? 128 ALA A O   1 
ATOM   942  C CB  . ALA A 1 128 ? -0.128  -2.291  -10.109 1.00 8.95  ? 128 ALA A CB  1 
ATOM   943  N N   . ALA A 1 129 ? -0.435  1.098   -10.849 1.00 8.40  ? 129 ALA A N   1 
ATOM   944  C CA  . ALA A 1 129 ? -1.398  2.197   -10.846 1.00 10.08 ? 129 ALA A CA  1 
ATOM   945  C C   . ALA A 1 129 ? -2.099  2.423   -12.185 1.00 10.63 ? 129 ALA A C   1 
ATOM   946  O O   . ALA A 1 129 ? -3.312  2.622   -12.221 1.00 11.46 ? 129 ALA A O   1 
ATOM   947  C CB  . ALA A 1 129 ? -0.717  3.485   -10.390 1.00 10.16 ? 129 ALA A CB  1 
ATOM   948  N N   . ALA A 1 130 ? -1.346  2.394   -13.280 1.00 10.58 ? 130 ALA A N   1 
ATOM   949  C CA  . ALA A 1 130 ? -1.944  2.621   -14.599 1.00 11.85 ? 130 ALA A CA  1 
ATOM   950  C C   . ALA A 1 130 ? -3.071  1.641   -14.875 1.00 13.01 ? 130 ALA A C   1 
ATOM   951  O O   . ALA A 1 130 ? -4.151  2.032   -15.313 1.00 15.23 ? 130 ALA A O   1 
ATOM   952  C CB  . ALA A 1 130 ? -0.887  2.500   -15.689 1.00 12.56 ? 130 ALA A CB  1 
ATOM   953  N N   . ALA A 1 131 ? -2.813  0.363   -14.626 1.00 12.13 ? 131 ALA A N   1 
ATOM   954  C CA  . ALA A 1 131 ? -3.812  -0.666  -14.872 1.00 12.36 ? 131 ALA A CA  1 
ATOM   955  C C   . ALA A 1 131 ? -4.971  -0.697  -13.875 1.00 12.53 ? 131 ALA A C   1 
ATOM   956  O O   . ALA A 1 131 ? -6.109  -0.948  -14.256 1.00 13.52 ? 131 ALA A O   1 
ATOM   957  C CB  . ALA A 1 131 ? -3.136  -2.034  -14.918 1.00 12.08 ? 131 ALA A CB  1 
ATOM   958  N N   . LEU A 1 132 ? -4.691  -0.426  -12.604 1.00 11.64 ? 132 LEU A N   1 
ATOM   959  C CA  . LEU A 1 132 ? -5.722  -0.486  -11.569 1.00 11.15 ? 132 LEU A CA  1 
ATOM   960  C C   . LEU A 1 132 ? -6.497  0.798   -11.268 1.00 12.07 ? 132 LEU A C   1 
ATOM   961  O O   . LEU A 1 132 ? -7.520  0.758   -10.585 1.00 12.99 ? 132 LEU A O   1 
ATOM   962  C CB  . LEU A 1 132 ? -5.105  -1.047  -10.289 1.00 10.30 ? 132 LEU A CB  1 
ATOM   963  C CG  . LEU A 1 132 ? -4.471  -2.432  -10.467 1.00 9.51  ? 132 LEU A CG  1 
ATOM   964  C CD1 . LEU A 1 132 ? -3.900  -2.910  -9.133  1.00 10.15 ? 132 LEU A CD1 1 
ATOM   965  C CD2 . LEU A 1 132 ? -5.509  -3.419  -11.003 1.00 10.22 ? 132 LEU A CD2 1 
ATOM   966  N N   . GLU A 1 133 ? -6.010  1.923   -11.781 1.00 11.94 ? 133 GLU A N   1 
ATOM   967  C CA  . GLU A 1 133 ? -6.654  3.221   -11.607 1.00 13.65 ? 133 GLU A CA  1 
ATOM   968  C C   . GLU A 1 133 ? -7.221  3.511   -10.215 1.00 12.57 ? 133 GLU A C   1 
ATOM   969  O O   . GLU A 1 133 ? -8.429  3.738   -10.050 1.00 13.88 ? 133 GLU A O   1 
ATOM   970  C CB  . GLU A 1 133 ? -7.760  3.389   -12.649 1.00 16.89 ? 133 GLU A CB  1 
ATOM   971  C CG  . GLU A 1 133 ? -7.294  3.185   -14.083 1.00 20.86 ? 133 GLU A CG  1 
ATOM   972  C CD  . GLU A 1 133 ? -8.371  3.516   -15.103 1.00 22.82 ? 133 GLU A CD  1 
ATOM   973  O OE1 . GLU A 1 133 ? -8.301  2.983   -16.236 1.00 24.53 ? 133 GLU A OE1 1 
ATOM   974  O OE2 . GLU A 1 133 ? -9.280  4.320   -14.776 1.00 25.54 ? 133 GLU A OE2 1 
ATOM   975  N N   . PRO A 1 134 ? -6.360  3.512   -9.189  1.00 11.27 ? 134 PRO A N   1 
ATOM   976  C CA  . PRO A 1 134 ? -6.803  3.787   -7.819  1.00 10.06 ? 134 PRO A CA  1 
ATOM   977  C C   . PRO A 1 134 ? -7.184  5.263   -7.662  1.00 9.47  ? 134 PRO A C   1 
ATOM   978  O O   . PRO A 1 134 ? -6.703  6.122   -8.405  1.00 10.45 ? 134 PRO A O   1 
ATOM   979  C CB  . PRO A 1 134 ? -5.584  3.416   -6.988  1.00 10.39 ? 134 PRO A CB  1 
ATOM   980  C CG  . PRO A 1 134 ? -4.441  3.799   -7.908  1.00 9.81  ? 134 PRO A CG  1 
ATOM   981  C CD  . PRO A 1 134 ? -4.916  3.223   -9.225  1.00 11.90 ? 134 PRO A CD  1 
ATOM   982  N N   . GLN A 1 135 ? -8.048  5.551   -6.697  1.00 8.92  ? 135 GLN A N   1 
ATOM   983  C CA  . GLN A 1 135 ? -8.475  6.921   -6.442  1.00 8.64  ? 135 GLN A CA  1 
ATOM   984  C C   . GLN A 1 135 ? -7.363  7.643   -5.687  1.00 8.67  ? 135 GLN A C   1 
ATOM   985  O O   . GLN A 1 135 ? -7.146  8.841   -5.874  1.00 8.98  ? 135 GLN A O   1 
ATOM   986  C CB  . GLN A 1 135 ? -9.780  6.914   -5.632  1.00 8.94  ? 135 GLN A CB  1 
ATOM   987  C CG  . GLN A 1 135 ? -10.225 8.266   -5.076  1.00 11.68 ? 135 GLN A CG  1 
ATOM   988  C CD  . GLN A 1 135 ? -11.650 8.223   -4.525  1.00 12.86 ? 135 GLN A CD  1 
ATOM   989  O OE1 . GLN A 1 135 ? -12.608 8.648   -5.194  1.00 15.34 ? 135 GLN A OE1 1 
ATOM   990  N NE2 . GLN A 1 135 ? -11.800 7.693   -3.310  1.00 9.94  ? 135 GLN A NE2 1 
ATOM   991  N N   . VAL A 1 136 ? -6.663  6.893   -4.840  1.00 7.69  ? 136 VAL A N   1 
ATOM   992  C CA  . VAL A 1 136 ? -5.558  7.415   -4.049  1.00 6.58  ? 136 VAL A CA  1 
ATOM   993  C C   . VAL A 1 136 ? -4.427  6.393   -4.022  1.00 6.35  ? 136 VAL A C   1 
ATOM   994  O O   . VAL A 1 136 ? -4.676  5.188   -3.929  1.00 6.22  ? 136 VAL A O   1 
ATOM   995  C CB  . VAL A 1 136 ? -5.984  7.689   -2.582  1.00 6.60  ? 136 VAL A CB  1 
ATOM   996  C CG1 . VAL A 1 136 ? -4.746  7.867   -1.692  1.00 7.80  ? 136 VAL A CG1 1 
ATOM   997  C CG2 . VAL A 1 136 ? -6.849  8.928   -2.510  1.00 7.02  ? 136 VAL A CG2 1 
ATOM   998  N N   . LEU A 1 137 ? -3.190  6.877   -4.119  1.00 4.98  ? 137 LEU A N   1 
ATOM   999  C CA  . LEU A 1 137 ? -2.014  6.012   -4.058  1.00 5.97  ? 137 LEU A CA  1 
ATOM   1000 C C   . LEU A 1 137 ? -1.115  6.521   -2.939  1.00 6.48  ? 137 LEU A C   1 
ATOM   1001 O O   . LEU A 1 137 ? -0.867  7.720   -2.845  1.00 6.02  ? 137 LEU A O   1 
ATOM   1002 C CB  . LEU A 1 137 ? -1.231  6.048   -5.370  1.00 5.46  ? 137 LEU A CB  1 
ATOM   1003 C CG  . LEU A 1 137 ? 0.062   5.222   -5.400  1.00 6.41  ? 137 LEU A CG  1 
ATOM   1004 C CD1 . LEU A 1 137 ? -0.261  3.734   -5.298  1.00 8.49  ? 137 LEU A CD1 1 
ATOM   1005 C CD2 . LEU A 1 137 ? 0.816   5.510   -6.690  1.00 6.91  ? 137 LEU A CD2 1 
ATOM   1006 N N   . ILE A 1 138 ? -0.639  5.615   -2.089  1.00 4.95  ? 138 ILE A N   1 
ATOM   1007 C CA  . ILE A 1 138 ? 0.250   6.000   -0.997  1.00 6.21  ? 138 ILE A CA  1 
ATOM   1008 C C   . ILE A 1 138 ? 1.535   5.200   -1.126  1.00 6.26  ? 138 ILE A C   1 
ATOM   1009 O O   . ILE A 1 138 ? 1.501   3.970   -1.167  1.00 6.22  ? 138 ILE A O   1 
ATOM   1010 C CB  . ILE A 1 138 ? -0.386  5.705   0.374   1.00 6.00  ? 138 ILE A CB  1 
ATOM   1011 C CG1 . ILE A 1 138 ? -1.670  6.517   0.531   1.00 7.63  ? 138 ILE A CG1 1 
ATOM   1012 C CG2 . ILE A 1 138 ? 0.593   6.046   1.486   1.00 7.09  ? 138 ILE A CG2 1 
ATOM   1013 C CD1 . ILE A 1 138 ? -2.575  5.997   1.622   1.00 7.31  ? 138 ILE A CD1 1 
ATOM   1014 N N   . SER A 1 139 ? 2.663   5.903   -1.210  1.00 6.46  ? 139 SER A N   1 
ATOM   1015 C CA  . SER A 1 139 ? 3.960   5.248   -1.339  1.00 5.59  ? 139 SER A CA  1 
ATOM   1016 C C   . SER A 1 139 ? 4.822   5.552   -0.128  1.00 6.96  ? 139 SER A C   1 
ATOM   1017 O O   . SER A 1 139 ? 5.171   6.701   0.107   1.00 6.44  ? 139 SER A O   1 
ATOM   1018 C CB  . SER A 1 139 ? 4.691   5.743   -2.592  1.00 6.92  ? 139 SER A CB  1 
ATOM   1019 O OG  . SER A 1 139 ? 3.882   5.605   -3.742  1.00 7.37  ? 139 SER A OG  1 
ATOM   1020 N N   . ILE A 1 140 ? 5.157   4.523   0.636   1.00 5.42  ? 140 ILE A N   1 
ATOM   1021 C CA  . ILE A 1 140 ? 5.996   4.684   1.809   1.00 6.22  ? 140 ILE A CA  1 
ATOM   1022 C C   . ILE A 1 140 ? 7.379   4.156   1.439   1.00 6.87  ? 140 ILE A C   1 
ATOM   1023 O O   . ILE A 1 140 ? 7.543   2.976   1.150   1.00 7.18  ? 140 ILE A O   1 
ATOM   1024 C CB  . ILE A 1 140 ? 5.431   3.888   3.002   1.00 6.20  ? 140 ILE A CB  1 
ATOM   1025 C CG1 . ILE A 1 140 ? 3.983   4.328   3.275   1.00 8.07  ? 140 ILE A CG1 1 
ATOM   1026 C CG2 . ILE A 1 140 ? 6.306   4.108   4.228   1.00 7.84  ? 140 ILE A CG2 1 
ATOM   1027 C CD1 . ILE A 1 140 ? 3.266   3.492   4.331   1.00 7.02  ? 140 ILE A CD1 1 
ATOM   1028 N N   . ALA A 1 141 ? 8.363   5.047   1.446   1.00 7.11  ? 141 ALA A N   1 
ATOM   1029 C CA  . ALA A 1 141 ? 9.733   4.705   1.097   1.00 6.96  ? 141 ALA A CA  1 
ATOM   1030 C C   . ALA A 1 141 ? 9.849   4.081   -0.295  1.00 8.43  ? 141 ALA A C   1 
ATOM   1031 O O   . ALA A 1 141 ? 10.381  2.975   -0.449  1.00 8.74  ? 141 ALA A O   1 
ATOM   1032 C CB  . ALA A 1 141 ? 10.326  3.769   2.145   1.00 7.23  ? 141 ALA A CB  1 
ATOM   1033 N N   . PRO A 1 142 ? 9.354   4.783   -1.333  1.00 8.40  ? 142 PRO A N   1 
ATOM   1034 C CA  . PRO A 1 142 ? 9.450   4.222   -2.686  1.00 8.58  ? 142 PRO A CA  1 
ATOM   1035 C C   . PRO A 1 142 ? 10.930  4.006   -2.948  1.00 10.35 ? 142 PRO A C   1 
ATOM   1036 O O   . PRO A 1 142 ? 11.721  4.932   -2.828  1.00 10.15 ? 142 PRO A O   1 
ATOM   1037 C CB  . PRO A 1 142 ? 8.849   5.319   -3.564  1.00 8.78  ? 142 PRO A CB  1 
ATOM   1038 C CG  . PRO A 1 142 ? 9.140   6.580   -2.785  1.00 8.36  ? 142 PRO A CG  1 
ATOM   1039 C CD  . PRO A 1 142 ? 8.828   6.158   -1.367  1.00 8.57  ? 142 PRO A CD  1 
ATOM   1040 N N   . PRO A 1 143 ? 11.318  2.779   -3.307  1.00 11.38 ? 143 PRO A N   1 
ATOM   1041 C CA  . PRO A 1 143 ? 12.722  2.457   -3.566  1.00 11.97 ? 143 PRO A CA  1 
ATOM   1042 C C   . PRO A 1 143 ? 13.356  3.037   -4.821  1.00 13.38 ? 143 PRO A C   1 
ATOM   1043 O O   . PRO A 1 143 ? 13.814  2.291   -5.681  1.00 11.99 ? 143 PRO A O   1 
ATOM   1044 C CB  . PRO A 1 143 ? 12.716  0.932   -3.566  1.00 12.12 ? 143 PRO A CB  1 
ATOM   1045 C CG  . PRO A 1 143 ? 11.400  0.627   -4.192  1.00 14.17 ? 143 PRO A CG  1 
ATOM   1046 C CD  . PRO A 1 143 ? 10.463  1.588   -3.483  1.00 11.99 ? 143 PRO A CD  1 
ATOM   1047 N N   . ALA A 1 144 ? 13.388  4.364   -4.927  1.00 13.40 ? 144 ALA A N   1 
ATOM   1048 C CA  . ALA A 1 144 ? 14.013  5.000   -6.081  1.00 15.08 ? 144 ALA A CA  1 
ATOM   1049 C C   . ALA A 1 144 ? 15.498  4.665   -6.039  1.00 17.15 ? 144 ALA A C   1 
ATOM   1050 O O   . ALA A 1 144 ? 16.093  4.534   -4.961  1.00 17.59 ? 144 ALA A O   1 
ATOM   1051 C CB  . ALA A 1 144 ? 13.816  6.502   -6.030  1.00 13.73 ? 144 ALA A CB  1 
ATOM   1052 N N   . GLY A 1 145 ? 16.093  4.523   -7.215  1.00 18.71 ? 145 GLY A N   1 
ATOM   1053 C CA  . GLY A 1 145 ? 17.501  4.188   -7.277  1.00 21.79 ? 145 GLY A CA  1 
ATOM   1054 C C   . GLY A 1 145 ? 17.750  2.695   -7.423  1.00 23.00 ? 145 GLY A C   1 
ATOM   1055 O O   . GLY A 1 145 ? 18.850  2.297   -7.813  1.00 25.37 ? 145 GLY A O   1 
ATOM   1056 N N   . ARG A 1 146 ? 16.752  1.862   -7.127  1.00 23.38 ? 146 ARG A N   1 
ATOM   1057 C CA  . ARG A 1 146 ? 16.925  0.412   -7.243  1.00 23.68 ? 146 ARG A CA  1 
ATOM   1058 C C   . ARG A 1 146 ? 15.937  -0.246  -8.219  1.00 23.70 ? 146 ARG A C   1 
ATOM   1059 O O   . ARG A 1 146 ? 16.260  -1.258  -8.848  1.00 25.16 ? 146 ARG A O   1 
ATOM   1060 C CB  . ARG A 1 146 ? 16.803  -0.235  -5.860  1.00 24.35 ? 146 ARG A CB  1 
ATOM   1061 C CG  . ARG A 1 146 ? 17.543  -1.572  -5.716  1.00 25.73 ? 146 ARG A CG  1 
ATOM   1062 C CD  . ARG A 1 146 ? 19.039  -1.403  -5.989  1.00 27.49 ? 146 ARG A CD  1 
ATOM   1063 N NE  . ARG A 1 146 ? 19.640  -0.435  -5.074  1.00 28.37 ? 146 ARG A NE  1 
ATOM   1064 C CZ  . ARG A 1 146 ? 20.890  0.011   -5.165  1.00 27.93 ? 146 ARG A CZ  1 
ATOM   1065 N NH1 . ARG A 1 146 ? 21.687  -0.419  -6.138  1.00 28.01 ? 146 ARG A NH1 1 
ATOM   1066 N NH2 . ARG A 1 146 ? 21.339  0.896   -4.282  1.00 27.77 ? 146 ARG A NH2 1 
ATOM   1067 N N   . TRP A 1 147 ? 14.746  0.333   -8.348  1.00 22.59 ? 147 TRP A N   1 
ATOM   1068 C CA  . TRP A 1 147 ? 13.714  -0.181  -9.248  1.00 21.34 ? 147 TRP A CA  1 
ATOM   1069 C C   . TRP A 1 147 ? 13.370  0.860   -10.313 1.00 21.70 ? 147 TRP A C   1 
ATOM   1070 O O   . TRP A 1 147 ? 13.635  2.055   -10.141 1.00 22.72 ? 147 TRP A O   1 
ATOM   1071 C CB  . TRP A 1 147 ? 12.447  -0.542  -8.467  1.00 20.79 ? 147 TRP A CB  1 
ATOM   1072 C CG  . TRP A 1 147 ? 12.636  -1.619  -7.439  1.00 20.46 ? 147 TRP A CG  1 
ATOM   1073 C CD1 . TRP A 1 147 ? 12.779  -1.449  -6.094  1.00 20.62 ? 147 TRP A CD1 1 
ATOM   1074 C CD2 . TRP A 1 147 ? 12.696  -3.030  -7.674  1.00 19.57 ? 147 TRP A CD2 1 
ATOM   1075 N NE1 . TRP A 1 147 ? 12.918  -2.667  -5.469  1.00 20.89 ? 147 TRP A NE1 1 
ATOM   1076 C CE2 . TRP A 1 147 ? 12.875  -3.656  -6.418  1.00 20.65 ? 147 TRP A CE2 1 
ATOM   1077 C CE3 . TRP A 1 147 ? 12.618  -3.829  -8.824  1.00 19.93 ? 147 TRP A CE3 1 
ATOM   1078 C CZ2 . TRP A 1 147 ? 12.977  -5.044  -6.279  1.00 18.91 ? 147 TRP A CZ2 1 
ATOM   1079 C CZ3 . TRP A 1 147 ? 12.720  -5.215  -8.685  1.00 20.49 ? 147 TRP A CZ3 1 
ATOM   1080 C CH2 . TRP A 1 147 ? 12.897  -5.805  -7.418  1.00 19.88 ? 147 TRP A CH2 1 
ATOM   1081 N N   . ASP A 1 148 ? 12.762  0.414   -11.409 1.00 21.57 ? 148 ASP A N   1 
ATOM   1082 C CA  . ASP A 1 148 ? 12.408  1.322   -12.489 1.00 20.85 ? 148 ASP A CA  1 
ATOM   1083 C C   . ASP A 1 148 ? 11.017  1.925   -12.337 1.00 19.65 ? 148 ASP A C   1 
ATOM   1084 O O   . ASP A 1 148 ? 10.017  1.205   -12.373 1.00 20.87 ? 148 ASP A O   1 
ATOM   1085 C CB  . ASP A 1 148 ? 12.508  0.601   -13.830 1.00 22.54 ? 148 ASP A CB  1 
ATOM   1086 C CG  . ASP A 1 148 ? 11.996  1.438   -14.969 1.00 23.96 ? 148 ASP A CG  1 
ATOM   1087 O OD1 . ASP A 1 148 ? 12.419  2.615   -15.068 1.00 23.84 ? 148 ASP A OD1 1 
ATOM   1088 O OD2 . ASP A 1 148 ? 11.178  0.919   -15.764 1.00 27.27 ? 148 ASP A OD2 1 
ATOM   1089 N N   . PHE A 1 149 ? 10.966  3.252   -12.182 1.00 18.88 ? 149 PHE A N   1 
ATOM   1090 C CA  . PHE A 1 149 ? 9.706   3.990   -12.021 1.00 17.41 ? 149 PHE A CA  1 
ATOM   1091 C C   . PHE A 1 149 ? 9.303   4.746   -13.283 1.00 17.66 ? 149 PHE A C   1 
ATOM   1092 O O   . PHE A 1 149 ? 8.423   5.610   -13.242 1.00 17.33 ? 149 PHE A O   1 
ATOM   1093 C CB  . PHE A 1 149 ? 9.819   5.012   -10.881 1.00 17.77 ? 149 PHE A CB  1 
ATOM   1094 C CG  . PHE A 1 149 ? 10.006  4.401   -9.516  1.00 17.44 ? 149 PHE A CG  1 
ATOM   1095 C CD1 . PHE A 1 149 ? 10.448  5.190   -8.458  1.00 19.19 ? 149 PHE A CD1 1 
ATOM   1096 C CD2 . PHE A 1 149 ? 9.755   3.053   -9.283  1.00 20.01 ? 149 PHE A CD2 1 
ATOM   1097 C CE1 . PHE A 1 149 ? 10.640  4.645   -7.183  1.00 18.93 ? 149 PHE A CE1 1 
ATOM   1098 C CE2 . PHE A 1 149 ? 9.946   2.496   -8.008  1.00 19.59 ? 149 PHE A CE2 1 
ATOM   1099 C CZ  . PHE A 1 149 ? 10.390  3.296   -6.961  1.00 18.20 ? 149 PHE A CZ  1 
ATOM   1100 N N   . SER A 1 150 ? 9.949   4.441   -14.402 1.00 17.96 ? 150 SER A N   1 
ATOM   1101 C CA  . SER A 1 150 ? 9.627   5.125   -15.647 1.00 18.09 ? 150 SER A CA  1 
ATOM   1102 C C   . SER A 1 150 ? 8.302   4.654   -16.235 1.00 18.22 ? 150 SER A C   1 
ATOM   1103 O O   . SER A 1 150 ? 7.878   3.520   -16.028 1.00 18.17 ? 150 SER A O   1 
ATOM   1104 C CB  . SER A 1 150 ? 10.755  4.943   -16.672 1.00 18.18 ? 150 SER A CB  1 
ATOM   1105 O OG  . SER A 1 150 ? 11.023  3.579   -16.925 1.00 20.32 ? 150 SER A OG  1 
ATOM   1106 N N   . ASP A 1 151 ? 7.638   5.548   -16.953 1.00 18.87 ? 151 ASP A N   1 
ATOM   1107 C CA  . ASP A 1 151 ? 6.361   5.234   -17.579 1.00 20.28 ? 151 ASP A CA  1 
ATOM   1108 C C   . ASP A 1 151 ? 5.309   4.701   -16.596 1.00 19.65 ? 151 ASP A C   1 
ATOM   1109 O O   . ASP A 1 151 ? 4.641   3.698   -16.863 1.00 20.93 ? 151 ASP A O   1 
ATOM   1110 C CB  . ASP A 1 151 ? 6.565   4.231   -18.724 1.00 22.42 ? 151 ASP A CB  1 
ATOM   1111 C CG  . ASP A 1 151 ? 5.391   4.200   -19.691 1.00 25.48 ? 151 ASP A CG  1 
ATOM   1112 O OD1 . ASP A 1 151 ? 5.450   3.452   -20.696 1.00 26.32 ? 151 ASP A OD1 1 
ATOM   1113 O OD2 . ASP A 1 151 ? 4.404   4.928   -19.450 1.00 27.04 ? 151 ASP A OD2 1 
ATOM   1114 N N   . VAL A 1 152 ? 5.182   5.364   -15.453 1.00 19.10 ? 152 VAL A N   1 
ATOM   1115 C CA  . VAL A 1 152 ? 4.178   5.000   -14.460 1.00 17.25 ? 152 VAL A CA  1 
ATOM   1116 C C   . VAL A 1 152 ? 3.105   6.082   -14.530 1.00 16.70 ? 152 VAL A C   1 
ATOM   1117 O O   . VAL A 1 152 ? 3.392   7.226   -14.902 1.00 15.51 ? 152 VAL A O   1 
ATOM   1118 C CB  . VAL A 1 152 ? 4.768   4.945   -13.035 1.00 18.03 ? 152 VAL A CB  1 
ATOM   1119 C CG1 . VAL A 1 152 ? 3.656   4.816   -12.018 1.00 20.00 ? 152 VAL A CG1 1 
ATOM   1120 C CG2 . VAL A 1 152 ? 5.704   3.762   -12.905 1.00 18.56 ? 152 VAL A CG2 1 
ATOM   1121 N N   . GLN A 1 153 ? 1.874   5.728   -14.179 1.00 15.72 ? 153 GLN A N   1 
ATOM   1122 C CA  . GLN A 1 153 ? 0.769   6.682   -14.219 1.00 14.54 ? 153 GLN A CA  1 
ATOM   1123 C C   . GLN A 1 153 ? -0.053  6.694   -12.939 1.00 13.55 ? 153 GLN A C   1 
ATOM   1124 O O   . GLN A 1 153 ? -1.178  6.189   -12.888 1.00 12.70 ? 153 GLN A O   1 
ATOM   1125 C CB  . GLN A 1 153 ? -0.115  6.389   -15.432 1.00 17.84 ? 153 GLN A CB  1 
ATOM   1126 C CG  . GLN A 1 153 ? 0.597   6.671   -16.749 1.00 21.98 ? 153 GLN A CG  1 
ATOM   1127 C CD  . GLN A 1 153 ? -0.054  5.991   -17.937 1.00 24.21 ? 153 GLN A CD  1 
ATOM   1128 O OE1 . GLN A 1 153 ? 0.460   6.060   -19.061 1.00 27.01 ? 153 GLN A OE1 1 
ATOM   1129 N NE2 . GLN A 1 153 ? -1.180  5.323   -17.702 1.00 26.22 ? 153 GLN A NE2 1 
ATOM   1130 N N   . PRO A 1 154 ? 0.505   7.295   -11.878 1.00 12.10 ? 154 PRO A N   1 
ATOM   1131 C CA  . PRO A 1 154 ? -0.189  7.371   -10.594 1.00 11.41 ? 154 PRO A CA  1 
ATOM   1132 C C   . PRO A 1 154 ? -1.393  8.293   -10.680 1.00 11.60 ? 154 PRO A C   1 
ATOM   1133 O O   . PRO A 1 154 ? -1.513  9.103   -11.607 1.00 13.58 ? 154 PRO A O   1 
ATOM   1134 C CB  . PRO A 1 154 ? 0.883   7.922   -9.663  1.00 11.17 ? 154 PRO A CB  1 
ATOM   1135 C CG  . PRO A 1 154 ? 1.645   8.830   -10.556 1.00 11.25 ? 154 PRO A CG  1 
ATOM   1136 C CD  . PRO A 1 154 ? 1.802   7.993   -11.805 1.00 11.40 ? 154 PRO A CD  1 
ATOM   1137 N N   . PRO A 1 155 ? -2.312  8.178   -9.718  1.00 11.44 ? 155 PRO A N   1 
ATOM   1138 C CA  . PRO A 1 155 ? -3.494  9.035   -9.726  1.00 11.34 ? 155 PRO A CA  1 
ATOM   1139 C C   . PRO A 1 155 ? -3.080  10.431  -9.279  1.00 10.87 ? 155 PRO A C   1 
ATOM   1140 O O   . PRO A 1 155 ? -1.982  10.621  -8.752  1.00 11.96 ? 155 PRO A O   1 
ATOM   1141 C CB  . PRO A 1 155 ? -4.415  8.357   -8.720  1.00 11.55 ? 155 PRO A CB  1 
ATOM   1142 C CG  . PRO A 1 155 ? -3.437  7.790   -7.722  1.00 10.09 ? 155 PRO A CG  1 
ATOM   1143 C CD  . PRO A 1 155 ? -2.356  7.217   -8.602  1.00 9.59  ? 155 PRO A CD  1 
ATOM   1144 N N   . ALA A 1 156 ? -3.959  11.403  -9.501  1.00 12.95 ? 156 ALA A N   1 
ATOM   1145 C CA  . ALA A 1 156 ? -3.693  12.779  -9.114  1.00 12.60 ? 156 ALA A CA  1 
ATOM   1146 C C   . ALA A 1 156 ? -3.462  12.890  -7.614  1.00 11.63 ? 156 ALA A C   1 
ATOM   1147 O O   . ALA A 1 156 ? -2.631  13.670  -7.165  1.00 13.88 ? 156 ALA A O   1 
ATOM   1148 C CB  . ALA A 1 156 ? -4.853  13.665  -9.524  1.00 13.70 ? 156 ALA A CB  1 
ATOM   1149 N N   . GLN A 1 157 ? -4.214  12.117  -6.840  1.00 10.30 ? 157 GLN A N   1 
ATOM   1150 C CA  . GLN A 1 157 ? -4.071  12.117  -5.390  1.00 9.72  ? 157 GLN A CA  1 
ATOM   1151 C C   . GLN A 1 157 ? -3.066  11.034  -5.011  1.00 8.17  ? 157 GLN A C   1 
ATOM   1152 O O   . GLN A 1 157 ? -3.416  9.865   -4.865  1.00 9.39  ? 157 GLN A O   1 
ATOM   1153 C CB  . GLN A 1 157 ? -5.433  11.872  -4.736  1.00 9.57  ? 157 GLN A CB  1 
ATOM   1154 C CG  . GLN A 1 157 ? -6.407  13.024  -5.010  1.00 11.51 ? 157 GLN A CG  1 
ATOM   1155 C CD  . GLN A 1 157 ? -7.851  12.740  -4.617  1.00 11.64 ? 157 GLN A CD  1 
ATOM   1156 O OE1 . GLN A 1 157 ? -8.654  13.664  -4.518  1.00 14.56 ? 157 GLN A OE1 1 
ATOM   1157 N NE2 . GLN A 1 157 ? -8.193  11.473  -4.413  1.00 11.32 ? 157 GLN A NE2 1 
ATOM   1158 N N   . TRP A 1 158 ? -1.813  11.453  -4.863  1.00 7.43  ? 158 TRP A N   1 
ATOM   1159 C CA  . TRP A 1 158 ? -0.705  10.565  -4.539  1.00 7.56  ? 158 TRP A CA  1 
ATOM   1160 C C   . TRP A 1 158 ? 0.125   11.146  -3.397  1.00 8.05  ? 158 TRP A C   1 
ATOM   1161 O O   . TRP A 1 158 ? 0.530   12.312  -3.433  1.00 8.49  ? 158 TRP A O   1 
ATOM   1162 C CB  . TRP A 1 158 ? 0.142   10.372  -5.802  1.00 7.18  ? 158 TRP A CB  1 
ATOM   1163 C CG  . TRP A 1 158 ? 1.379   9.532   -5.662  1.00 8.10  ? 158 TRP A CG  1 
ATOM   1164 C CD1 . TRP A 1 158 ? 1.626   8.562   -4.730  1.00 7.51  ? 158 TRP A CD1 1 
ATOM   1165 C CD2 . TRP A 1 158 ? 2.531   9.573   -6.513  1.00 9.12  ? 158 TRP A CD2 1 
ATOM   1166 N NE1 . TRP A 1 158 ? 2.866   8.000   -4.949  1.00 8.82  ? 158 TRP A NE1 1 
ATOM   1167 C CE2 . TRP A 1 158 ? 3.440   8.602   -6.038  1.00 9.37  ? 158 TRP A CE2 1 
ATOM   1168 C CE3 . TRP A 1 158 ? 2.880   10.337  -7.638  1.00 9.51  ? 158 TRP A CE3 1 
ATOM   1169 C CZ2 . TRP A 1 158 ? 4.682   8.378   -6.645  1.00 10.01 ? 158 TRP A CZ2 1 
ATOM   1170 C CZ3 . TRP A 1 158 ? 4.114   10.113  -8.242  1.00 10.13 ? 158 TRP A CZ3 1 
ATOM   1171 C CH2 . TRP A 1 158 ? 5.000   9.142   -7.742  1.00 10.91 ? 158 TRP A CH2 1 
ATOM   1172 N N   . LEU A 1 159 ? 0.364   10.322  -2.381  1.00 7.12  ? 159 LEU A N   1 
ATOM   1173 C CA  . LEU A 1 159 ? 1.127   10.730  -1.209  1.00 6.76  ? 159 LEU A CA  1 
ATOM   1174 C C   . LEU A 1 159 ? 2.387   9.889   -1.041  1.00 5.56  ? 159 LEU A C   1 
ATOM   1175 O O   . LEU A 1 159 ? 2.331   8.661   -1.118  1.00 8.23  ? 159 LEU A O   1 
ATOM   1176 C CB  . LEU A 1 159 ? 0.263   10.592  0.048   1.00 6.87  ? 159 LEU A CB  1 
ATOM   1177 C CG  . LEU A 1 159 ? 0.937   10.770  1.411   1.00 7.82  ? 159 LEU A CG  1 
ATOM   1178 C CD1 . LEU A 1 159 ? 1.402   12.205  1.591   1.00 10.11 ? 159 LEU A CD1 1 
ATOM   1179 C CD2 . LEU A 1 159 ? -0.053  10.396  2.507   1.00 9.28  ? 159 LEU A CD2 1 
ATOM   1180 N N   . VAL A 1 160 ? 3.513   10.560  -0.816  1.00 6.37  ? 160 VAL A N   1 
ATOM   1181 C CA  . VAL A 1 160 ? 4.790   9.888   -0.605  1.00 6.21  ? 160 VAL A CA  1 
ATOM   1182 C C   . VAL A 1 160 ? 5.322   10.256  0.779   1.00 7.53  ? 160 VAL A C   1 
ATOM   1183 O O   . VAL A 1 160 ? 5.352   11.432  1.150   1.00 6.69  ? 160 VAL A O   1 
ATOM   1184 C CB  . VAL A 1 160 ? 5.843   10.306  -1.660  1.00 6.84  ? 160 VAL A CB  1 
ATOM   1185 C CG1 . VAL A 1 160 ? 7.208   9.724   -1.288  1.00 9.18  ? 160 VAL A CG1 1 
ATOM   1186 C CG2 . VAL A 1 160 ? 5.430   9.813   -3.035  1.00 6.33  ? 160 VAL A CG2 1 
ATOM   1187 N N   . ILE A 1 161 ? 5.719   9.245   1.543   1.00 6.66  ? 161 ILE A N   1 
ATOM   1188 C CA  . ILE A 1 161 ? 6.279   9.448   2.872   1.00 7.54  ? 161 ILE A CA  1 
ATOM   1189 C C   . ILE A 1 161 ? 7.666   8.819   2.881   1.00 7.65  ? 161 ILE A C   1 
ATOM   1190 O O   . ILE A 1 161 ? 7.830   7.644   2.547   1.00 7.87  ? 161 ILE A O   1 
ATOM   1191 C CB  . ILE A 1 161 ? 5.398   8.797   3.954   1.00 7.39  ? 161 ILE A CB  1 
ATOM   1192 C CG1 . ILE A 1 161 ? 4.022   9.469   3.939   1.00 9.94  ? 161 ILE A CG1 1 
ATOM   1193 C CG2 . ILE A 1 161 ? 6.061   8.924   5.322   1.00 8.24  ? 161 ILE A CG2 1 
ATOM   1194 C CD1 . ILE A 1 161 ? 2.997   8.797   4.805   1.00 11.23 ? 161 ILE A CD1 1 
ATOM   1195 N N   . GLN A 1 162 ? 8.665   9.608   3.258   1.00 6.85  ? 162 GLN A N   1 
ATOM   1196 C CA  . GLN A 1 162 ? 10.035  9.121   3.264   1.00 8.06  ? 162 GLN A CA  1 
ATOM   1197 C C   . GLN A 1 162 ? 10.820  9.441   4.527   1.00 9.10  ? 162 GLN A C   1 
ATOM   1198 O O   . GLN A 1 162 ? 10.841  10.582  4.976   1.00 10.17 ? 162 GLN A O   1 
ATOM   1199 C CB  . GLN A 1 162 ? 10.776  9.709   2.058   1.00 8.17  ? 162 GLN A CB  1 
ATOM   1200 C CG  . GLN A 1 162 ? 12.261  9.363   2.003   1.00 8.50  ? 162 GLN A CG  1 
ATOM   1201 C CD  . GLN A 1 162 ? 12.488  7.887   1.767   1.00 8.65  ? 162 GLN A CD  1 
ATOM   1202 O OE1 . GLN A 1 162 ? 13.320  7.253   2.424   1.00 10.67 ? 162 GLN A OE1 1 
ATOM   1203 N NE2 . GLN A 1 162 ? 11.758  7.332   0.819   1.00 5.50  ? 162 GLN A NE2 1 
ATOM   1204 N N   . GLY A 1 163 ? 11.471  8.429   5.093   1.00 9.71  ? 163 GLY A N   1 
ATOM   1205 C CA  . GLY A 1 163 ? 12.289  8.668   6.270   1.00 9.55  ? 163 GLY A CA  1 
ATOM   1206 C C   . GLY A 1 163 ? 13.579  9.302   5.787   1.00 10.81 ? 163 GLY A C   1 
ATOM   1207 O O   . GLY A 1 163 ? 14.209  8.794   4.864   1.00 10.36 ? 163 GLY A O   1 
ATOM   1208 N N   . ASP A 1 164 ? 13.981  10.413  6.393   1.00 10.86 ? 164 ASP A N   1 
ATOM   1209 C CA  . ASP A 1 164 ? 15.196  11.088  5.962   1.00 12.48 ? 164 ASP A CA  1 
ATOM   1210 C C   . ASP A 1 164 ? 16.511  10.506  6.458   1.00 12.66 ? 164 ASP A C   1 
ATOM   1211 O O   . ASP A 1 164 ? 17.578  11.046  6.164   1.00 14.80 ? 164 ASP A O   1 
ATOM   1212 C CB  . ASP A 1 164 ? 15.114  12.572  6.305   1.00 12.72 ? 164 ASP A CB  1 
ATOM   1213 C CG  . ASP A 1 164 ? 14.854  13.425  5.084   1.00 15.69 ? 164 ASP A CG  1 
ATOM   1214 O OD1 . ASP A 1 164 ? 14.144  14.438  5.211   1.00 16.66 ? 164 ASP A OD1 1 
ATOM   1215 O OD2 . ASP A 1 164 ? 15.374  13.089  3.994   1.00 17.14 ? 164 ASP A OD2 1 
ATOM   1216 N N   . ALA A 1 165 ? 16.437  9.406   7.199   1.00 11.78 ? 165 ALA A N   1 
ATOM   1217 C CA  . ALA A 1 165 ? 17.628  8.721   7.695   1.00 11.01 ? 165 ALA A CA  1 
ATOM   1218 C C   . ALA A 1 165 ? 17.549  7.258   7.252   1.00 10.34 ? 165 ALA A C   1 
ATOM   1219 O O   . ALA A 1 165 ? 18.074  6.361   7.912   1.00 10.26 ? 165 ALA A O   1 
ATOM   1220 C CB  . ALA A 1 165 ? 17.706  8.818   9.214   1.00 12.48 ? 165 ALA A CB  1 
ATOM   1221 N N   . ASP A 1 166 ? 16.882  7.040   6.119   1.00 9.59  ? 166 ASP A N   1 
ATOM   1222 C CA  . ASP A 1 166 ? 16.701  5.713   5.531   1.00 10.19 ? 166 ASP A CA  1 
ATOM   1223 C C   . ASP A 1 166 ? 18.066  5.200   5.041   1.00 10.23 ? 166 ASP A C   1 
ATOM   1224 O O   . ASP A 1 166 ? 18.723  5.857   4.234   1.00 10.46 ? 166 ASP A O   1 
ATOM   1225 C CB  . ASP A 1 166 ? 15.727  5.819   4.352   1.00 11.01 ? 166 ASP A CB  1 
ATOM   1226 C CG  . ASP A 1 166 ? 15.179  4.471   3.911   1.00 12.07 ? 166 ASP A CG  1 
ATOM   1227 O OD1 . ASP A 1 166 ? 15.854  3.422   3.867   1.00 11.43 ? 166 ASP A OD1 1 
ATOM   1228 O OD2 . ASP A 1 166 ? 13.967  4.516   3.598   1.00 9.59  ? 166 ASP A OD2 1 
ATOM   1229 N N   . GLU A 1 167 ? 18.480  4.029   5.527   1.00 10.34 ? 167 GLU A N   1 
ATOM   1230 C CA  . GLU A 1 167 ? 19.771  3.426   5.175   1.00 12.01 ? 167 GLU A CA  1 
ATOM   1231 C C   . GLU A 1 167 ? 19.679  2.497   3.971   1.00 11.72 ? 167 GLU A C   1 
ATOM   1232 O O   . GLU A 1 167 ? 20.692  2.170   3.353   1.00 13.03 ? 167 GLU A O   1 
ATOM   1233 C CB  . GLU A 1 167 ? 20.309  2.621   6.369   1.00 14.29 ? 167 GLU A CB  1 
ATOM   1234 C CG  . GLU A 1 167 ? 21.616  1.866   6.127   1.00 18.76 ? 167 GLU A CG  1 
ATOM   1235 C CD  . GLU A 1 167 ? 22.815  2.781   6.085   1.00 20.73 ? 167 GLU A CD  1 
ATOM   1236 O OE1 . GLU A 1 167 ? 22.700  3.920   6.589   1.00 22.14 ? 167 GLU A OE1 1 
ATOM   1237 O OE2 . GLU A 1 167 ? 23.874  2.357   5.560   1.00 20.39 ? 167 GLU A OE2 1 
ATOM   1238 N N   . ILE A 1 168 ? 18.461  2.067   3.658   1.00 11.22 ? 168 ILE A N   1 
ATOM   1239 C CA  . ILE A 1 168 ? 18.216  1.155   2.548   1.00 12.32 ? 168 ILE A CA  1 
ATOM   1240 C C   . ILE A 1 168 ? 17.904  1.936   1.274   1.00 13.49 ? 168 ILE A C   1 
ATOM   1241 O O   . ILE A 1 168 ? 18.538  1.728   0.237   1.00 16.27 ? 168 ILE A O   1 
ATOM   1242 C CB  . ILE A 1 168 ? 17.041  0.200   2.891   1.00 11.83 ? 168 ILE A CB  1 
ATOM   1243 C CG1 . ILE A 1 168 ? 17.368  -0.597  4.159   1.00 13.70 ? 168 ILE A CG1 1 
ATOM   1244 C CG2 . ILE A 1 168 ? 16.741  -0.711  1.720   1.00 11.77 ? 168 ILE A CG2 1 
ATOM   1245 C CD1 . ILE A 1 168 ? 18.659  -1.398  4.099   1.00 13.67 ? 168 ILE A CD1 1 
ATOM   1246 N N   . VAL A 1 169 ? 16.921  2.828   1.355   1.00 13.30 ? 169 VAL A N   1 
ATOM   1247 C CA  . VAL A 1 169 ? 16.536  3.657   0.220   1.00 13.08 ? 169 VAL A CA  1 
ATOM   1248 C C   . VAL A 1 169 ? 17.176  5.022   0.417   1.00 12.19 ? 169 VAL A C   1 
ATOM   1249 O O   . VAL A 1 169 ? 17.008  5.640   1.462   1.00 10.69 ? 169 VAL A O   1 
ATOM   1250 C CB  . VAL A 1 169 ? 15.011  3.848   0.134   1.00 13.45 ? 169 VAL A CB  1 
ATOM   1251 C CG1 . VAL A 1 169 ? 14.675  4.828   -0.977  1.00 12.96 ? 169 VAL A CG1 1 
ATOM   1252 C CG2 . VAL A 1 169 ? 14.333  2.512   -0.111  1.00 13.61 ? 169 VAL A CG2 1 
ATOM   1253 N N   . ASP A 1 170 ? 17.922  5.477   -0.583  1.00 12.58 ? 170 ASP A N   1 
ATOM   1254 C CA  . ASP A 1 170 ? 18.589  6.778   -0.521  1.00 12.04 ? 170 ASP A CA  1 
ATOM   1255 C C   . ASP A 1 170 ? 17.552  7.885   -0.647  1.00 10.28 ? 170 ASP A C   1 
ATOM   1256 O O   . ASP A 1 170 ? 17.004  8.094   -1.727  1.00 9.87  ? 170 ASP A O   1 
ATOM   1257 C CB  . ASP A 1 170 ? 19.583  6.907   -1.673  1.00 14.41 ? 170 ASP A CB  1 
ATOM   1258 C CG  . ASP A 1 170 ? 20.437  8.155   -1.570  1.00 15.76 ? 170 ASP A CG  1 
ATOM   1259 O OD1 . ASP A 1 170 ? 20.173  9.003   -0.697  1.00 15.19 ? 170 ASP A OD1 1 
ATOM   1260 O OD2 . ASP A 1 170 ? 21.389  8.284   -2.369  1.00 17.47 ? 170 ASP A OD2 1 
ATOM   1261 N N   . PRO A 1 171 ? 17.283  8.619   0.447   1.00 10.49 ? 171 PRO A N   1 
ATOM   1262 C CA  . PRO A 1 171 ? 16.292  9.699   0.386   1.00 11.34 ? 171 PRO A CA  1 
ATOM   1263 C C   . PRO A 1 171 ? 16.539  10.660  -0.776  1.00 12.08 ? 171 PRO A C   1 
ATOM   1264 O O   . PRO A 1 171 ? 15.598  11.074  -1.463  1.00 11.33 ? 171 PRO A O   1 
ATOM   1265 C CB  . PRO A 1 171 ? 16.453  10.395  1.737   1.00 11.87 ? 171 PRO A CB  1 
ATOM   1266 C CG  . PRO A 1 171 ? 16.890  9.277   2.645   1.00 12.30 ? 171 PRO A CG  1 
ATOM   1267 C CD  . PRO A 1 171 ? 17.895  8.543   1.786   1.00 10.08 ? 171 PRO A CD  1 
ATOM   1268 N N   . GLN A 1 172 ? 17.802  11.013  -1.006  1.00 13.14 ? 172 GLN A N   1 
ATOM   1269 C CA  . GLN A 1 172 ? 18.117  11.949  -2.073  1.00 13.32 ? 172 GLN A CA  1 
ATOM   1270 C C   . GLN A 1 172 ? 17.749  11.385  -3.438  1.00 12.06 ? 172 GLN A C   1 
ATOM   1271 O O   . GLN A 1 172 ? 17.405  12.136  -4.352  1.00 13.10 ? 172 GLN A O   1 
ATOM   1272 C CB  . GLN A 1 172 ? 19.596  12.345  -2.039  1.00 14.77 ? 172 GLN A CB  1 
ATOM   1273 C CG  . GLN A 1 172 ? 19.903  13.573  -2.883  1.00 18.04 ? 172 GLN A CG  1 
ATOM   1274 C CD  . GLN A 1 172 ? 19.009  14.751  -2.532  1.00 19.72 ? 172 GLN A CD  1 
ATOM   1275 O OE1 . GLN A 1 172 ? 18.911  15.142  -1.365  1.00 21.10 ? 172 GLN A OE1 1 
ATOM   1276 N NE2 . GLN A 1 172 ? 18.351  15.325  -3.539  1.00 21.13 ? 172 GLN A NE2 1 
ATOM   1277 N N   . ALA A 1 173 ? 17.809  10.064  -3.580  1.00 11.22 ? 173 ALA A N   1 
ATOM   1278 C CA  . ALA A 1 173 ? 17.443  9.430   -4.848  1.00 10.15 ? 173 ALA A CA  1 
ATOM   1279 C C   . ALA A 1 173 ? 15.944  9.619   -5.083  1.00 9.43  ? 173 ALA A C   1 
ATOM   1280 O O   . ALA A 1 173 ? 15.492  9.812   -6.215  1.00 9.18  ? 173 ALA A O   1 
ATOM   1281 C CB  . ALA A 1 173 ? 17.780  7.948   -4.812  1.00 10.97 ? 173 ALA A CB  1 
ATOM   1282 N N   . VAL A 1 174 ? 15.178  9.538   -4.000  1.00 8.51  ? 174 VAL A N   1 
ATOM   1283 C CA  . VAL A 1 174 ? 13.737  9.719   -4.070  1.00 8.03  ? 174 VAL A CA  1 
ATOM   1284 C C   . VAL A 1 174 ? 13.441  11.164  -4.462  1.00 8.99  ? 174 VAL A C   1 
ATOM   1285 O O   . VAL A 1 174 ? 12.678  11.427  -5.392  1.00 9.13  ? 174 VAL A O   1 
ATOM   1286 C CB  . VAL A 1 174 ? 13.077  9.419   -2.703  1.00 6.93  ? 174 VAL A CB  1 
ATOM   1287 C CG1 . VAL A 1 174 ? 11.583  9.746   -2.748  1.00 9.10  ? 174 VAL A CG1 1 
ATOM   1288 C CG2 . VAL A 1 174 ? 13.289  7.951   -2.349  1.00 9.12  ? 174 VAL A CG2 1 
ATOM   1289 N N   . TYR A 1 175 ? 14.058  12.101  -3.753  1.00 9.04  ? 175 TYR A N   1 
ATOM   1290 C CA  . TYR A 1 175 ? 13.827  13.513  -4.034  1.00 9.73  ? 175 TYR A CA  1 
ATOM   1291 C C   . TYR A 1 175 ? 14.280  13.902  -5.442  1.00 10.97 ? 175 TYR A C   1 
ATOM   1292 O O   . TYR A 1 175 ? 13.598  14.676  -6.126  1.00 10.33 ? 175 TYR A O   1 
ATOM   1293 C CB  . TYR A 1 175 ? 14.523  14.380  -2.975  1.00 9.60  ? 175 TYR A CB  1 
ATOM   1294 C CG  . TYR A 1 175 ? 14.224  13.956  -1.552  1.00 9.79  ? 175 TYR A CG  1 
ATOM   1295 C CD1 . TYR A 1 175 ? 12.983  13.410  -1.212  1.00 8.37  ? 175 TYR A CD1 1 
ATOM   1296 C CD2 . TYR A 1 175 ? 15.188  14.069  -0.548  1.00 8.00  ? 175 TYR A CD2 1 
ATOM   1297 C CE1 . TYR A 1 175 ? 12.712  12.980  0.083   1.00 10.38 ? 175 TYR A CE1 1 
ATOM   1298 C CE2 . TYR A 1 175 ? 14.925  13.642  0.759   1.00 11.67 ? 175 TYR A CE2 1 
ATOM   1299 C CZ  . TYR A 1 175 ? 13.685  13.095  1.064   1.00 9.95  ? 175 TYR A CZ  1 
ATOM   1300 O OH  . TYR A 1 175 ? 13.414  12.645  2.337   1.00 11.26 ? 175 TYR A OH  1 
ATOM   1301 N N   . ASP A 1 176 ? 15.417  13.366  -5.888  1.00 10.56 ? 176 ASP A N   1 
ATOM   1302 C CA  . ASP A 1 176 ? 15.917  13.688  -7.224  1.00 11.80 ? 176 ASP A CA  1 
ATOM   1303 C C   . ASP A 1 176 ? 14.928  13.224  -8.289  1.00 11.73 ? 176 ASP A C   1 
ATOM   1304 O O   . ASP A 1 176 ? 14.824  13.823  -9.353  1.00 13.06 ? 176 ASP A O   1 
ATOM   1305 C CB  . ASP A 1 176 ? 17.269  13.019  -7.495  1.00 12.94 ? 176 ASP A CB  1 
ATOM   1306 C CG  . ASP A 1 176 ? 18.427  13.679  -6.759  1.00 15.79 ? 176 ASP A CG  1 
ATOM   1307 O OD1 . ASP A 1 176 ? 18.242  14.758  -6.151  1.00 16.09 ? 176 ASP A OD1 1 
ATOM   1308 O OD2 . ASP A 1 176 ? 19.545  13.111  -6.800  1.00 16.62 ? 176 ASP A OD2 1 
ATOM   1309 N N   . TRP A 1 177 ? 14.216  12.140  -7.995  1.00 9.81  ? 177 TRP A N   1 
ATOM   1310 C CA  . TRP A 1 177 ? 13.235  11.586  -8.917  1.00 9.31  ? 177 TRP A CA  1 
ATOM   1311 C C   . TRP A 1 177 ? 11.939  12.392  -8.881  1.00 9.45  ? 177 TRP A C   1 
ATOM   1312 O O   . TRP A 1 177 ? 11.392  12.759  -9.925  1.00 9.93  ? 177 TRP A O   1 
ATOM   1313 C CB  . TRP A 1 177 ? 12.973  10.111  -8.555  1.00 8.51  ? 177 TRP A CB  1 
ATOM   1314 C CG  . TRP A 1 177 ? 11.693  9.536   -9.090  1.00 9.28  ? 177 TRP A CG  1 
ATOM   1315 C CD1 . TRP A 1 177 ? 11.286  9.496   -10.390 1.00 7.76  ? 177 TRP A CD1 1 
ATOM   1316 C CD2 . TRP A 1 177 ? 10.657  8.915   -8.325  1.00 9.72  ? 177 TRP A CD2 1 
ATOM   1317 N NE1 . TRP A 1 177 ? 10.055  8.886   -10.484 1.00 9.85  ? 177 TRP A NE1 1 
ATOM   1318 C CE2 . TRP A 1 177 ? 9.648   8.520   -9.228  1.00 9.90  ? 177 TRP A CE2 1 
ATOM   1319 C CE3 . TRP A 1 177 ? 10.483  8.652   -6.959  1.00 10.01 ? 177 TRP A CE3 1 
ATOM   1320 C CZ2 . TRP A 1 177 ? 8.477   7.874   -8.809  1.00 10.41 ? 177 TRP A CZ2 1 
ATOM   1321 C CZ3 . TRP A 1 177 ? 9.319   8.008   -6.542  1.00 10.35 ? 177 TRP A CZ3 1 
ATOM   1322 C CH2 . TRP A 1 177 ? 8.335   7.628   -7.467  1.00 9.54  ? 177 TRP A CH2 1 
ATOM   1323 N N   . LEU A 1 178 ? 11.458  12.684  -7.678  1.00 10.07 ? 178 LEU A N   1 
ATOM   1324 C CA  . LEU A 1 178 ? 10.220  13.434  -7.527  1.00 8.79  ? 178 LEU A CA  1 
ATOM   1325 C C   . LEU A 1 178 ? 10.285  14.847  -8.094  1.00 8.72  ? 178 LEU A C   1 
ATOM   1326 O O   . LEU A 1 178 ? 9.280   15.364  -8.585  1.00 8.77  ? 178 LEU A O   1 
ATOM   1327 C CB  . LEU A 1 178 ? 9.808   13.495  -6.054  1.00 9.70  ? 178 LEU A CB  1 
ATOM   1328 C CG  . LEU A 1 178 ? 9.333   12.170  -5.448  1.00 8.98  ? 178 LEU A CG  1 
ATOM   1329 C CD1 . LEU A 1 178 ? 8.882   12.394  -4.003  1.00 11.36 ? 178 LEU A CD1 1 
ATOM   1330 C CD2 . LEU A 1 178 ? 8.190   11.596  -6.287  1.00 11.56 ? 178 LEU A CD2 1 
ATOM   1331 N N   . GLU A 1 179 ? 11.459  15.469  -8.045  1.00 9.28  ? 179 GLU A N   1 
ATOM   1332 C CA  . GLU A 1 179 ? 11.578  16.835  -8.546  1.00 10.91 ? 179 GLU A CA  1 
ATOM   1333 C C   . GLU A 1 179 ? 11.489  16.945  -10.069 1.00 11.24 ? 179 GLU A C   1 
ATOM   1334 O O   . GLU A 1 179 ? 11.431  18.050  -10.607 1.00 11.45 ? 179 GLU A O   1 
ATOM   1335 C CB  . GLU A 1 179 ? 12.877  17.478  -8.039  1.00 12.22 ? 179 GLU A CB  1 
ATOM   1336 C CG  . GLU A 1 179 ? 14.155  16.747  -8.438  1.00 15.86 ? 179 GLU A CG  1 
ATOM   1337 C CD  . GLU A 1 179 ? 15.417  17.404  -7.882  1.00 15.18 ? 179 GLU A CD  1 
ATOM   1338 O OE1 . GLU A 1 179 ? 15.345  18.033  -6.806  1.00 16.11 ? 179 GLU A OE1 1 
ATOM   1339 O OE2 . GLU A 1 179 ? 16.487  17.275  -8.515  1.00 18.57 ? 179 GLU A OE2 1 
ATOM   1340 N N   . THR A 1 180 ? 11.447  15.808  -10.759 1.00 11.10 ? 180 THR A N   1 
ATOM   1341 C CA  . THR A 1 180 ? 11.362  15.818  -12.220 1.00 10.94 ? 180 THR A CA  1 
ATOM   1342 C C   . THR A 1 180 ? 9.950   15.546  -12.748 1.00 10.81 ? 180 THR A C   1 
ATOM   1343 O O   . THR A 1 180 ? 9.709   15.654  -13.949 1.00 10.44 ? 180 THR A O   1 
ATOM   1344 C CB  . THR A 1 180 ? 12.295  14.757  -12.854 1.00 11.67 ? 180 THR A CB  1 
ATOM   1345 O OG1 . THR A 1 180 ? 11.775  13.447  -12.588 1.00 13.64 ? 180 THR A OG1 1 
ATOM   1346 C CG2 . THR A 1 180 ? 13.703  14.867  -12.294 1.00 12.58 ? 180 THR A CG2 1 
ATOM   1347 N N   . LEU A 1 181 ? 9.020   15.192  -11.861 1.00 10.36 ? 181 LEU A N   1 
ATOM   1348 C CA  . LEU A 1 181 ? 7.655   14.871  -12.272 1.00 10.00 ? 181 LEU A CA  1 
ATOM   1349 C C   . LEU A 1 181 ? 6.775   16.091  -12.529 1.00 10.32 ? 181 LEU A C   1 
ATOM   1350 O O   . LEU A 1 181 ? 6.837   17.073  -11.793 1.00 9.63  ? 181 LEU A O   1 
ATOM   1351 C CB  . LEU A 1 181 ? 6.989   13.978  -11.221 1.00 10.75 ? 181 LEU A CB  1 
ATOM   1352 C CG  . LEU A 1 181 ? 7.720   12.673  -10.877 1.00 11.85 ? 181 LEU A CG  1 
ATOM   1353 C CD1 . LEU A 1 181 ? 6.932   11.912  -9.829  1.00 11.88 ? 181 LEU A CD1 1 
ATOM   1354 C CD2 . LEU A 1 181 ? 7.892   11.826  -12.127 1.00 13.17 ? 181 LEU A CD2 1 
ATOM   1355 N N   . GLU A 1 182 ? 5.946   16.004  -13.569 1.00 11.02 ? 182 GLU A N   1 
ATOM   1356 C CA  . GLU A 1 182 ? 5.037   17.083  -13.955 1.00 11.75 ? 182 GLU A CA  1 
ATOM   1357 C C   . GLU A 1 182 ? 3.935   17.297  -12.922 1.00 11.20 ? 182 GLU A C   1 
ATOM   1358 O O   . GLU A 1 182 ? 3.412   18.401  -12.768 1.00 10.75 ? 182 GLU A O   1 
ATOM   1359 C CB  . GLU A 1 182 ? 4.425   16.781  -15.325 1.00 14.40 ? 182 GLU A CB  1 
ATOM   1360 C CG  . GLU A 1 182 ? 5.449   16.733  -16.446 1.00 20.66 ? 182 GLU A CG  1 
ATOM   1361 C CD  . GLU A 1 182 ? 4.847   16.342  -17.786 1.00 23.61 ? 182 GLU A CD  1 
ATOM   1362 O OE1 . GLU A 1 182 ? 5.591   16.343  -18.797 1.00 26.86 ? 182 GLU A OE1 1 
ATOM   1363 O OE2 . GLU A 1 182 ? 3.633   16.032  -17.830 1.00 25.88 ? 182 GLU A OE2 1 
ATOM   1364 N N   . GLN A 1 183 ? 3.569   16.230  -12.226 1.00 10.07 ? 183 GLN A N   1 
ATOM   1365 C CA  . GLN A 1 183 ? 2.562   16.327  -11.187 1.00 9.94  ? 183 GLN A CA  1 
ATOM   1366 C C   . GLN A 1 183 ? 3.269   15.778  -9.954  1.00 10.04 ? 183 GLN A C   1 
ATOM   1367 O O   . GLN A 1 183 ? 3.401   14.568  -9.788  1.00 10.51 ? 183 GLN A O   1 
ATOM   1368 C CB  . GLN A 1 183 ? 1.336   15.478  -11.534 1.00 10.92 ? 183 GLN A CB  1 
ATOM   1369 C CG  . GLN A 1 183 ? 0.580   15.909  -12.803 1.00 14.69 ? 183 GLN A CG  1 
ATOM   1370 C CD  . GLN A 1 183 ? -0.066  17.287  -12.697 1.00 16.16 ? 183 GLN A CD  1 
ATOM   1371 O OE1 . GLN A 1 183 ? -0.631  17.652  -11.664 1.00 16.90 ? 183 GLN A OE1 1 
ATOM   1372 N NE2 . GLN A 1 183 ? -0.010  18.051  -13.791 1.00 19.11 ? 183 GLN A NE2 1 
ATOM   1373 N N   . GLN A 1 184 ? 3.749   16.672  -9.097  1.00 10.80 ? 184 GLN A N   1 
ATOM   1374 C CA  . GLN A 1 184 ? 4.474   16.245  -7.911  1.00 9.83  ? 184 GLN A CA  1 
ATOM   1375 C C   . GLN A 1 184 ? 3.552   15.805  -6.789  1.00 9.04  ? 184 GLN A C   1 
ATOM   1376 O O   . GLN A 1 184 ? 2.649   16.542  -6.392  1.00 10.81 ? 184 GLN A O   1 
ATOM   1377 C CB  . GLN A 1 184 ? 5.394   17.367  -7.418  1.00 8.53  ? 184 GLN A CB  1 
ATOM   1378 C CG  . GLN A 1 184 ? 6.239   16.973  -6.224  1.00 9.14  ? 184 GLN A CG  1 
ATOM   1379 C CD  . GLN A 1 184 ? 7.195   18.059  -5.777  1.00 9.40  ? 184 GLN A CD  1 
ATOM   1380 O OE1 . GLN A 1 184 ? 7.314   18.332  -4.584  1.00 10.72 ? 184 GLN A OE1 1 
ATOM   1381 N NE2 . GLN A 1 184 ? 7.892   18.679  -6.730  1.00 9.21  ? 184 GLN A NE2 1 
ATOM   1382 N N   . PRO A 1 185 ? 3.755   14.585  -6.268  1.00 8.39  ? 185 PRO A N   1 
ATOM   1383 C CA  . PRO A 1 185 ? 2.899   14.109  -5.183  1.00 8.34  ? 185 PRO A CA  1 
ATOM   1384 C C   . PRO A 1 185 ? 3.196   14.810  -3.868  1.00 7.80  ? 185 PRO A C   1 
ATOM   1385 O O   . PRO A 1 185 ? 4.272   15.388  -3.681  1.00 8.22  ? 185 PRO A O   1 
ATOM   1386 C CB  . PRO A 1 185 ? 3.232   12.624  -5.110  1.00 8.86  ? 185 PRO A CB  1 
ATOM   1387 C CG  . PRO A 1 185 ? 4.691   12.602  -5.473  1.00 9.95  ? 185 PRO A CG  1 
ATOM   1388 C CD  . PRO A 1 185 ? 4.728   13.546  -6.663  1.00 8.66  ? 185 PRO A CD  1 
ATOM   1389 N N   . THR A 1 186 ? 2.227   14.765  -2.964  1.00 7.80  ? 186 THR A N   1 
ATOM   1390 C CA  . THR A 1 186 ? 2.391   15.346  -1.643  1.00 8.17  ? 186 THR A CA  1 
ATOM   1391 C C   . THR A 1 186 ? 3.553   14.550  -1.052  1.00 8.44  ? 186 THR A C   1 
ATOM   1392 O O   . THR A 1 186 ? 3.605   13.330  -1.192  1.00 8.75  ? 186 THR A O   1 
ATOM   1393 C CB  . THR A 1 186 ? 1.112   15.140  -0.793  1.00 10.82 ? 186 THR A CB  1 
ATOM   1394 O OG1 . THR A 1 186 ? -0.002  15.764  -1.446  1.00 14.22 ? 186 THR A OG1 1 
ATOM   1395 C CG2 . THR A 1 186 ? 1.281   15.735  0.584   1.00 11.93 ? 186 THR A CG2 1 
ATOM   1396 N N   . LEU A 1 187 ? 4.496   15.240  -0.424  1.00 8.14  ? 187 LEU A N   1 
ATOM   1397 C CA  . LEU A 1 187 ? 5.656   14.580  0.150   1.00 8.40  ? 187 LEU A CA  1 
ATOM   1398 C C   . LEU A 1 187 ? 5.853   14.929  1.621   1.00 9.30  ? 187 LEU A C   1 
ATOM   1399 O O   . LEU A 1 187 ? 5.814   16.093  2.003   1.00 9.90  ? 187 LEU A O   1 
ATOM   1400 C CB  . LEU A 1 187 ? 6.921   14.975  -0.627  1.00 9.28  ? 187 LEU A CB  1 
ATOM   1401 C CG  . LEU A 1 187 ? 8.252   14.513  -0.021  1.00 10.16 ? 187 LEU A CG  1 
ATOM   1402 C CD1 . LEU A 1 187 ? 8.305   12.994  0.003   1.00 9.31  ? 187 LEU A CD1 1 
ATOM   1403 C CD2 . LEU A 1 187 ? 9.410   15.079  -0.830  1.00 11.27 ? 187 LEU A CD2 1 
ATOM   1404 N N   . VAL A 1 188 ? 6.044   13.912  2.448   1.00 9.38  ? 188 VAL A N   1 
ATOM   1405 C CA  . VAL A 1 188 ? 6.298   14.142  3.859   1.00 10.33 ? 188 VAL A CA  1 
ATOM   1406 C C   . VAL A 1 188 ? 7.659   13.537  4.159   1.00 10.92 ? 188 VAL A C   1 
ATOM   1407 O O   . VAL A 1 188 ? 7.858   12.330  4.022   1.00 9.71  ? 188 VAL A O   1 
ATOM   1408 C CB  . VAL A 1 188 ? 5.242   13.475  4.768   1.00 9.98  ? 188 VAL A CB  1 
ATOM   1409 C CG1 . VAL A 1 188 ? 5.681   13.567  6.232   1.00 11.40 ? 188 VAL A CG1 1 
ATOM   1410 C CG2 . VAL A 1 188 ? 3.907   14.159  4.594   1.00 11.01 ? 188 VAL A CG2 1 
ATOM   1411 N N   . ARG A 1 189 ? 8.608   14.397  4.509   1.00 10.83 ? 189 ARG A N   1 
ATOM   1412 C CA  . ARG A 1 189 ? 9.950   13.962  4.853   1.00 11.15 ? 189 ARG A CA  1 
ATOM   1413 C C   . ARG A 1 189 ? 9.993   13.892  6.374   1.00 12.20 ? 189 ARG A C   1 
ATOM   1414 O O   . ARG A 1 189 ? 9.749   14.890  7.058   1.00 12.85 ? 189 ARG A O   1 
ATOM   1415 C CB  . ARG A 1 189 ? 10.984  14.957  4.321   1.00 12.47 ? 189 ARG A CB  1 
ATOM   1416 C CG  . ARG A 1 189 ? 11.085  14.950  2.808   1.00 13.39 ? 189 ARG A CG  1 
ATOM   1417 C CD  . ARG A 1 189 ? 12.066  15.994  2.290   1.00 15.12 ? 189 ARG A CD  1 
ATOM   1418 N NE  . ARG A 1 189 ? 13.382  15.865  2.904   1.00 16.64 ? 189 ARG A NE  1 
ATOM   1419 C CZ  . ARG A 1 189 ? 14.470  16.489  2.469   1.00 17.31 ? 189 ARG A CZ  1 
ATOM   1420 N NH1 . ARG A 1 189 ? 14.398  17.289  1.408   1.00 19.89 ? 189 ARG A NH1 1 
ATOM   1421 N NH2 . ARG A 1 189 ? 15.627  16.319  3.092   1.00 14.42 ? 189 ARG A NH2 1 
ATOM   1422 N N   . MET A 1 190 ? 10.279  12.707  6.898   1.00 10.33 ? 190 MET A N   1 
ATOM   1423 C CA  . MET A 1 190 ? 10.329  12.507  8.333   1.00 10.24 ? 190 MET A CA  1 
ATOM   1424 C C   . MET A 1 190 ? 11.780  12.529  8.799   1.00 11.13 ? 190 MET A C   1 
ATOM   1425 O O   . MET A 1 190 ? 12.578  11.665  8.444   1.00 9.83  ? 190 MET A O   1 
ATOM   1426 C CB  . MET A 1 190 ? 9.635   11.184  8.693   1.00 10.22 ? 190 MET A CB  1 
ATOM   1427 C CG  . MET A 1 190 ? 8.139   11.177  8.340   1.00 10.64 ? 190 MET A CG  1 
ATOM   1428 S SD  . MET A 1 190 ? 7.282   9.648   8.796   1.00 6.54  ? 190 MET A SD  1 
ATOM   1429 C CE  . MET A 1 190 ? 7.835   9.567   10.523  1.00 6.87  ? 190 MET A CE  1 
ATOM   1430 N N   . PRO A 1 191 ? 12.147  13.546  9.586   1.00 11.39 ? 191 PRO A N   1 
ATOM   1431 C CA  . PRO A 1 191 ? 13.522  13.641  10.068  1.00 11.56 ? 191 PRO A CA  1 
ATOM   1432 C C   . PRO A 1 191 ? 13.954  12.497  10.979  1.00 12.37 ? 191 PRO A C   1 
ATOM   1433 O O   . PRO A 1 191 ? 13.148  11.945  11.722  1.00 11.81 ? 191 PRO A O   1 
ATOM   1434 C CB  . PRO A 1 191 ? 13.541  14.994  10.775  1.00 14.06 ? 191 PRO A CB  1 
ATOM   1435 C CG  . PRO A 1 191 ? 12.165  15.123  11.290  1.00 15.14 ? 191 PRO A CG  1 
ATOM   1436 C CD  . PRO A 1 191 ? 11.322  14.642  10.120  1.00 12.40 ? 191 PRO A CD  1 
ATOM   1437 N N   . ASP A 1 192 ? 15.239  12.161  10.894  1.00 13.16 ? 192 ASP A N   1 
ATOM   1438 C CA  . ASP A 1 192 ? 15.872  11.116  11.694  1.00 14.22 ? 192 ASP A CA  1 
ATOM   1439 C C   . ASP A 1 192 ? 15.075  9.825   11.754  1.00 13.36 ? 192 ASP A C   1 
ATOM   1440 O O   . ASP A 1 192 ? 15.070  9.125   12.773  1.00 15.97 ? 192 ASP A O   1 
ATOM   1441 C CB  . ASP A 1 192 ? 16.124  11.634  13.113  1.00 17.44 ? 192 ASP A CB  1 
ATOM   1442 C CG  . ASP A 1 192 ? 16.866  12.963  13.125  1.00 20.57 ? 192 ASP A CG  1 
ATOM   1443 O OD1 . ASP A 1 192 ? 17.834  13.125  12.347  1.00 23.98 ? 192 ASP A OD1 1 
ATOM   1444 O OD2 . ASP A 1 192 ? 16.488  13.844  13.919  1.00 24.11 ? 192 ASP A OD2 1 
ATOM   1445 N N   . THR A 1 193 ? 14.425  9.495   10.647  1.00 11.49 ? 193 THR A N   1 
ATOM   1446 C CA  . THR A 1 193 ? 13.605  8.297   10.573  1.00 9.67  ? 193 THR A CA  1 
ATOM   1447 C C   . THR A 1 193 ? 14.234  7.231   9.686   1.00 9.13  ? 193 THR A C   1 
ATOM   1448 O O   . THR A 1 193 ? 14.613  7.500   8.541   1.00 10.19 ? 193 THR A O   1 
ATOM   1449 C CB  . THR A 1 193 ? 12.208  8.652   10.053  1.00 9.32  ? 193 THR A CB  1 
ATOM   1450 O OG1 . THR A 1 193 ? 11.585  9.553   10.978  1.00 9.99  ? 193 THR A OG1 1 
ATOM   1451 C CG2 . THR A 1 193 ? 11.350  7.403   9.896   1.00 9.25  ? 193 THR A CG2 1 
ATOM   1452 N N   . SER A 1 194 ? 14.348  6.020   10.233  1.00 9.75  ? 194 SER A N   1 
ATOM   1453 C CA  . SER A 1 194 ? 14.938  4.899   9.514   1.00 8.83  ? 194 SER A CA  1 
ATOM   1454 C C   . SER A 1 194 ? 13.984  4.251   8.510   1.00 9.62  ? 194 SER A C   1 
ATOM   1455 O O   . SER A 1 194 ? 12.799  4.588   8.439   1.00 9.70  ? 194 SER A O   1 
ATOM   1456 C CB  . SER A 1 194 ? 15.438  3.843   10.504  1.00 10.45 ? 194 SER A CB  1 
ATOM   1457 O OG  . SER A 1 194 ? 14.372  3.268   11.243  1.00 15.14 ? 194 SER A OG  1 
ATOM   1458 N N   . HIS A 1 195 ? 14.513  3.300   7.752   1.00 9.20  ? 195 HIS A N   1 
ATOM   1459 C CA  . HIS A 1 195 ? 13.738  2.617   6.725   1.00 7.22  ? 195 HIS A CA  1 
ATOM   1460 C C   . HIS A 1 195 ? 12.458  1.966   7.241   1.00 7.74  ? 195 HIS A C   1 
ATOM   1461 O O   . HIS A 1 195 ? 11.431  1.990   6.561   1.00 7.78  ? 195 HIS A O   1 
ATOM   1462 C CB  . HIS A 1 195 ? 14.596  1.558   6.031   1.00 7.65  ? 195 HIS A CB  1 
ATOM   1463 C CG  . HIS A 1 195 ? 13.913  0.905   4.870   1.00 8.37  ? 195 HIS A CG  1 
ATOM   1464 N ND1 . HIS A 1 195 ? 13.519  1.608   3.752   1.00 6.92  ? 195 HIS A ND1 1 
ATOM   1465 C CD2 . HIS A 1 195 ? 13.531  -0.378  4.664   1.00 9.50  ? 195 HIS A CD2 1 
ATOM   1466 C CE1 . HIS A 1 195 ? 12.923  0.786   2.907   1.00 9.13  ? 195 HIS A CE1 1 
ATOM   1467 N NE2 . HIS A 1 195 ? 12.917  -0.425  3.436   1.00 9.01  ? 195 HIS A NE2 1 
ATOM   1468 N N   . PHE A 1 196 ? 12.520  1.376   8.434   1.00 7.23  ? 196 PHE A N   1 
ATOM   1469 C CA  . PHE A 1 196 ? 11.353  0.717   9.013   1.00 7.28  ? 196 PHE A CA  1 
ATOM   1470 C C   . PHE A 1 196 ? 10.658  1.588   10.058  1.00 7.50  ? 196 PHE A C   1 
ATOM   1471 O O   . PHE A 1 196 ? 9.867   1.103   10.857  1.00 8.33  ? 196 PHE A O   1 
ATOM   1472 C CB  . PHE A 1 196 ? 11.758  -0.630  9.618   1.00 7.86  ? 196 PHE A CB  1 
ATOM   1473 C CG  . PHE A 1 196 ? 12.309  -1.597  8.606   1.00 8.04  ? 196 PHE A CG  1 
ATOM   1474 C CD1 . PHE A 1 196 ? 11.460  -2.275  7.736   1.00 9.94  ? 196 PHE A CD1 1 
ATOM   1475 C CD2 . PHE A 1 196 ? 13.681  -1.797  8.495   1.00 9.53  ? 196 PHE A CD2 1 
ATOM   1476 C CE1 . PHE A 1 196 ? 11.969  -3.141  6.770   1.00 10.00 ? 196 PHE A CE1 1 
ATOM   1477 C CE2 . PHE A 1 196 ? 14.200  -2.661  7.531   1.00 9.56  ? 196 PHE A CE2 1 
ATOM   1478 C CZ  . PHE A 1 196 ? 13.345  -3.332  6.668   1.00 9.94  ? 196 PHE A CZ  1 
ATOM   1479 N N   . PHE A 1 197 ? 10.964  2.880   10.044  1.00 8.89  ? 197 PHE A N   1 
ATOM   1480 C CA  . PHE A 1 197 ? 10.336  3.823   10.969  1.00 9.99  ? 197 PHE A CA  1 
ATOM   1481 C C   . PHE A 1 197 ? 10.392  3.381   12.423  1.00 10.23 ? 197 PHE A C   1 
ATOM   1482 O O   . PHE A 1 197 ? 9.389   3.441   13.143  1.00 9.58  ? 197 PHE A O   1 
ATOM   1483 C CB  . PHE A 1 197 ? 8.879   4.054   10.558  1.00 8.73  ? 197 PHE A CB  1 
ATOM   1484 C CG  . PHE A 1 197 ? 8.722   4.559   9.148   1.00 8.57  ? 197 PHE A CG  1 
ATOM   1485 C CD1 . PHE A 1 197 ? 8.855   3.696   8.065   1.00 8.91  ? 197 PHE A CD1 1 
ATOM   1486 C CD2 . PHE A 1 197 ? 8.507   5.913   8.905   1.00 10.00 ? 197 PHE A CD2 1 
ATOM   1487 C CE1 . PHE A 1 197 ? 8.785   4.176   6.760   1.00 8.27  ? 197 PHE A CE1 1 
ATOM   1488 C CE2 . PHE A 1 197 ? 8.433   6.406   7.603   1.00 8.88  ? 197 PHE A CE2 1 
ATOM   1489 C CZ  . PHE A 1 197 ? 8.574   5.538   6.529   1.00 9.09  ? 197 PHE A CZ  1 
ATOM   1490 N N   . HIS A 1 198 ? 11.572  2.931   12.844  1.00 10.71 ? 198 HIS A N   1 
ATOM   1491 C CA  . HIS A 1 198 ? 11.801  2.477   14.211  1.00 10.72 ? 198 HIS A CA  1 
ATOM   1492 C C   . HIS A 1 198 ? 11.451  3.588   15.195  1.00 10.63 ? 198 HIS A C   1 
ATOM   1493 O O   . HIS A 1 198 ? 11.981  4.700   15.108  1.00 10.62 ? 198 HIS A O   1 
ATOM   1494 C CB  . HIS A 1 198 ? 13.271  2.077   14.379  1.00 10.19 ? 198 HIS A CB  1 
ATOM   1495 C CG  . HIS A 1 198 ? 13.642  1.669   15.772  1.00 12.70 ? 198 HIS A CG  1 
ATOM   1496 N ND1 . HIS A 1 198 ? 13.439  0.397   16.259  1.00 14.21 ? 198 HIS A ND1 1 
ATOM   1497 C CD2 . HIS A 1 198 ? 14.220  2.369   16.776  1.00 13.23 ? 198 HIS A CD2 1 
ATOM   1498 C CE1 . HIS A 1 198 ? 13.883  0.329   17.503  1.00 13.79 ? 198 HIS A CE1 1 
ATOM   1499 N NE2 . HIS A 1 198 ? 14.361  1.514   17.839  1.00 14.06 ? 198 HIS A NE2 1 
ATOM   1500 N N   . ARG A 1 199 ? 10.553  3.270   16.127  1.00 11.39 ? 199 ARG A N   1 
ATOM   1501 C CA  . ARG A 1 199 ? 10.096  4.207   17.151  1.00 12.46 ? 199 ARG A CA  1 
ATOM   1502 C C   . ARG A 1 199 ? 9.524   5.478   16.523  1.00 12.02 ? 199 ARG A C   1 
ATOM   1503 O O   . ARG A 1 199 ? 9.541   6.561   17.114  1.00 14.44 ? 199 ARG A O   1 
ATOM   1504 C CB  . ARG A 1 199 ? 11.247  4.525   18.110  1.00 12.87 ? 199 ARG A CB  1 
ATOM   1505 C CG  . ARG A 1 199 ? 11.765  3.297   18.869  1.00 16.97 ? 199 ARG A CG  1 
ATOM   1506 C CD  . ARG A 1 199 ? 10.693  2.700   19.781  1.00 20.19 ? 199 ARG A CD  1 
ATOM   1507 N NE  . ARG A 1 199 ? 11.150  1.537   20.543  1.00 23.10 ? 199 ARG A NE  1 
ATOM   1508 C CZ  . ARG A 1 199 ? 11.167  0.283   20.092  1.00 23.47 ? 199 ARG A CZ  1 
ATOM   1509 N NH1 . ARG A 1 199 ? 11.605  -0.697  20.877  1.00 25.68 ? 199 ARG A NH1 1 
ATOM   1510 N NH2 . ARG A 1 199 ? 10.754  0.000   18.863  1.00 23.56 ? 199 ARG A NH2 1 
ATOM   1511 N N   . LYS A 1 200 ? 9.005   5.330   15.311  1.00 11.42 ? 200 LYS A N   1 
ATOM   1512 C CA  . LYS A 1 200 ? 8.414   6.447   14.588  1.00 11.01 ? 200 LYS A CA  1 
ATOM   1513 C C   . LYS A 1 200 ? 7.099   6.025   13.940  1.00 10.72 ? 200 LYS A C   1 
ATOM   1514 O O   . LYS A 1 200 ? 6.566   6.746   13.101  1.00 12.53 ? 200 LYS A O   1 
ATOM   1515 C CB  . LYS A 1 200 ? 9.370   6.943   13.499  1.00 10.14 ? 200 LYS A CB  1 
ATOM   1516 C CG  . LYS A 1 200 ? 10.560  7.729   14.007  1.00 13.16 ? 200 LYS A CG  1 
ATOM   1517 C CD  . LYS A 1 200 ? 10.156  9.130   14.425  1.00 14.34 ? 200 LYS A CD  1 
ATOM   1518 C CE  . LYS A 1 200 ? 11.395  9.939   14.783  1.00 17.06 ? 200 LYS A CE  1 
ATOM   1519 N NZ  . LYS A 1 200 ? 11.103  11.377  15.015  1.00 20.26 ? 200 LYS A NZ  1 
ATOM   1520 N N   . LEU A 1 201 ? 6.569   4.869   14.334  1.00 10.44 ? 201 LEU A N   1 
ATOM   1521 C CA  . LEU A 1 201 ? 5.323   4.373   13.751  1.00 10.81 ? 201 LEU A CA  1 
ATOM   1522 C C   . LEU A 1 201 ? 4.126   5.282   14.027  1.00 11.28 ? 201 LEU A C   1 
ATOM   1523 O O   . LEU A 1 201 ? 3.223   5.405   13.194  1.00 8.68  ? 201 LEU A O   1 
ATOM   1524 C CB  . LEU A 1 201 ? 5.028   2.956   14.257  1.00 11.69 ? 201 LEU A CB  1 
ATOM   1525 C CG  . LEU A 1 201 ? 5.997   1.847   13.826  1.00 12.12 ? 201 LEU A CG  1 
ATOM   1526 C CD1 . LEU A 1 201 ? 5.607   0.550   14.510  1.00 14.25 ? 201 LEU A CD1 1 
ATOM   1527 C CD2 . LEU A 1 201 ? 5.966   1.673   12.322  1.00 13.16 ? 201 LEU A CD2 1 
ATOM   1528 N N   . ILE A 1 202 ? 4.107   5.906   15.199  1.00 10.98 ? 202 ILE A N   1 
ATOM   1529 C CA  . ILE A 1 202 ? 3.010   6.801   15.538  1.00 13.47 ? 202 ILE A CA  1 
ATOM   1530 C C   . ILE A 1 202 ? 3.115   8.057   14.673  1.00 12.86 ? 202 ILE A C   1 
ATOM   1531 O O   . ILE A 1 202 ? 2.099   8.628   14.253  1.00 11.90 ? 202 ILE A O   1 
ATOM   1532 C CB  . ILE A 1 202 ? 3.054   7.183   17.032  1.00 15.10 ? 202 ILE A CB  1 
ATOM   1533 C CG1 . ILE A 1 202 ? 1.827   8.013   17.395  1.00 15.52 ? 202 ILE A CG1 1 
ATOM   1534 C CG2 . ILE A 1 202 ? 4.334   7.964   17.339  1.00 18.39 ? 202 ILE A CG2 1 
ATOM   1535 C CD1 . ILE A 1 202 ? 1.707   8.269   18.882  1.00 18.94 ? 202 ILE A CD1 1 
ATOM   1536 N N   . ASP A 1 203 ? 4.345   8.483   14.398  1.00 12.27 ? 203 ASP A N   1 
ATOM   1537 C CA  . ASP A 1 203 ? 4.564   9.658   13.565  1.00 12.62 ? 203 ASP A CA  1 
ATOM   1538 C C   . ASP A 1 203 ? 4.140   9.327   12.141  1.00 11.07 ? 203 ASP A C   1 
ATOM   1539 O O   . ASP A 1 203 ? 3.611   10.177  11.428  1.00 11.25 ? 203 ASP A O   1 
ATOM   1540 C CB  . ASP A 1 203 ? 6.034   10.067  13.556  1.00 15.60 ? 203 ASP A CB  1 
ATOM   1541 C CG  . ASP A 1 203 ? 6.554   10.403  14.931  1.00 18.19 ? 203 ASP A CG  1 
ATOM   1542 O OD1 . ASP A 1 203 ? 6.715   9.473   15.756  1.00 21.37 ? 203 ASP A OD1 1 
ATOM   1543 O OD2 . ASP A 1 203 ? 6.802   11.598  15.183  1.00 19.41 ? 203 ASP A OD2 1 
ATOM   1544 N N   . LEU A 1 204 ? 4.407   8.091   11.725  1.00 10.41 ? 204 LEU A N   1 
ATOM   1545 C CA  . LEU A 1 204 ? 4.039   7.635   10.392  1.00 9.26  ? 204 LEU A CA  1 
ATOM   1546 C C   . LEU A 1 204 ? 2.517   7.675   10.267  1.00 8.92  ? 204 LEU A C   1 
ATOM   1547 O O   . LEU A 1 204 ? 1.973   8.113   9.254   1.00 8.40  ? 204 LEU A O   1 
ATOM   1548 C CB  . LEU A 1 204 ? 4.556   6.209   10.166  1.00 8.11  ? 204 LEU A CB  1 
ATOM   1549 C CG  . LEU A 1 204 ? 4.040   5.482   8.920   1.00 9.13  ? 204 LEU A CG  1 
ATOM   1550 C CD1 . LEU A 1 204 ? 4.503   6.202   7.657   1.00 10.26 ? 204 LEU A CD1 1 
ATOM   1551 C CD2 . LEU A 1 204 ? 4.531   4.032   8.940   1.00 10.32 ? 204 LEU A CD2 1 
ATOM   1552 N N   . ARG A 1 205 ? 1.836   7.210   11.308  1.00 9.50  ? 205 ARG A N   1 
ATOM   1553 C CA  . ARG A 1 205 ? 0.376   7.204   11.331  1.00 8.90  ? 205 ARG A CA  1 
ATOM   1554 C C   . ARG A 1 205 ? -0.146  8.623   11.111  1.00 9.05  ? 205 ARG A C   1 
ATOM   1555 O O   . ARG A 1 205 ? -1.044  8.844   10.307  1.00 8.36  ? 205 ARG A O   1 
ATOM   1556 C CB  . ARG A 1 205 ? -0.129  6.683   12.682  1.00 11.32 ? 205 ARG A CB  1 
ATOM   1557 C CG  . ARG A 1 205 ? -1.644  6.533   12.778  1.00 12.18 ? 205 ARG A CG  1 
ATOM   1558 C CD  . ARG A 1 205 ? -2.073  6.346   14.223  1.00 13.16 ? 205 ARG A CD  1 
ATOM   1559 N NE  . ARG A 1 205 ? -1.866  7.571   14.989  1.00 15.46 ? 205 ARG A NE  1 
ATOM   1560 C CZ  . ARG A 1 205 ? -1.920  7.653   16.318  1.00 15.75 ? 205 ARG A CZ  1 
ATOM   1561 N NH1 . ARG A 1 205 ? -1.722  8.823   16.911  1.00 17.09 ? 205 ARG A NH1 1 
ATOM   1562 N NH2 . ARG A 1 205 ? -2.156  6.572   17.052  1.00 13.78 ? 205 ARG A NH2 1 
ATOM   1563 N N   . GLY A 1 206 ? 0.422   9.581   11.840  1.00 8.69  ? 206 GLY A N   1 
ATOM   1564 C CA  . GLY A 1 206 ? -0.008  10.961  11.709  1.00 10.93 ? 206 GLY A CA  1 
ATOM   1565 C C   . GLY A 1 206 ? 0.210   11.538  10.323  1.00 10.24 ? 206 GLY A C   1 
ATOM   1566 O O   . GLY A 1 206 ? -0.648  12.243  9.790   1.00 11.23 ? 206 GLY A O   1 
ATOM   1567 N N   . ALA A 1 207 ? 1.366   11.238  9.736   1.00 9.97  ? 207 ALA A N   1 
ATOM   1568 C CA  . ALA A 1 207 ? 1.690   11.741  8.412   1.00 9.30  ? 207 ALA A CA  1 
ATOM   1569 C C   . ALA A 1 207 ? 0.717   11.204  7.374   1.00 10.09 ? 207 ALA A C   1 
ATOM   1570 O O   . ALA A 1 207 ? 0.296   11.932  6.477   1.00 10.37 ? 207 ALA A O   1 
ATOM   1571 C CB  . ALA A 1 207 ? 3.116   11.360  8.037   1.00 11.41 ? 207 ALA A CB  1 
ATOM   1572 N N   . LEU A 1 208 ? 0.368   9.929   7.497   1.00 8.43  ? 208 LEU A N   1 
ATOM   1573 C CA  . LEU A 1 208 ? -0.550  9.292   6.558   1.00 8.38  ? 208 LEU A CA  1 
ATOM   1574 C C   . LEU A 1 208 ? -1.944  9.883   6.677   1.00 9.03  ? 208 LEU A C   1 
ATOM   1575 O O   . LEU A 1 208 ? -2.573  10.238  5.681   1.00 9.22  ? 208 LEU A O   1 
ATOM   1576 C CB  . LEU A 1 208 ? -0.623  7.784   6.824   1.00 10.30 ? 208 LEU A CB  1 
ATOM   1577 C CG  . LEU A 1 208 ? 0.561   6.898   6.434   1.00 12.57 ? 208 LEU A CG  1 
ATOM   1578 C CD1 . LEU A 1 208 ? 0.405   5.526   7.087   1.00 13.89 ? 208 LEU A CD1 1 
ATOM   1579 C CD2 . LEU A 1 208 ? 0.631   6.761   4.913   1.00 12.89 ? 208 LEU A CD2 1 
ATOM   1580 N N   . GLN A 1 209 ? -2.423  9.993   7.912   1.00 8.88  ? 209 GLN A N   1 
ATOM   1581 C CA  . GLN A 1 209 ? -3.757  10.515  8.150   1.00 8.98  ? 209 GLN A CA  1 
ATOM   1582 C C   . GLN A 1 209 ? -3.894  11.969  7.722   1.00 10.01 ? 209 GLN A C   1 
ATOM   1583 O O   . GLN A 1 209 ? -4.867  12.340  7.065   1.00 10.50 ? 209 GLN A O   1 
ATOM   1584 C CB  . GLN A 1 209 ? -4.137  10.315  9.621   1.00 8.30  ? 209 GLN A CB  1 
ATOM   1585 C CG  . GLN A 1 209 ? -4.422  8.850   9.923   1.00 8.96  ? 209 GLN A CG  1 
ATOM   1586 C CD  . GLN A 1 209 ? -4.760  8.548   11.371  1.00 8.53  ? 209 GLN A CD  1 
ATOM   1587 O OE1 . GLN A 1 209 ? -5.261  7.466   11.676  1.00 10.01 ? 209 GLN A OE1 1 
ATOM   1588 N NE2 . GLN A 1 209 ? -4.480  9.488   12.269  1.00 8.78  ? 209 GLN A NE2 1 
ATOM   1589 N N   . HIS A 1 210 ? -2.918  12.796  8.065   1.00 10.53 ? 210 HIS A N   1 
ATOM   1590 C CA  . HIS A 1 210 ? -3.003  14.191  7.663   1.00 11.41 ? 210 HIS A CA  1 
ATOM   1591 C C   . HIS A 1 210 ? -2.855  14.319  6.154   1.00 11.56 ? 210 HIS A C   1 
ATOM   1592 O O   . HIS A 1 210 ? -3.477  15.185  5.528   1.00 12.72 ? 210 HIS A O   1 
ATOM   1593 C CB  . HIS A 1 210 ? -1.917  15.016  8.346   1.00 13.83 ? 210 HIS A CB  1 
ATOM   1594 C CG  . HIS A 1 210 ? -1.970  16.467  7.994   1.00 19.78 ? 210 HIS A CG  1 
ATOM   1595 N ND1 . HIS A 1 210 ? -3.005  17.288  8.390   1.00 20.90 ? 210 HIS A ND1 1 
ATOM   1596 C CD2 . HIS A 1 210 ? -1.144  17.236  7.246   1.00 21.32 ? 210 HIS A CD2 1 
ATOM   1597 C CE1 . HIS A 1 210 ? -2.814  18.500  7.902   1.00 21.40 ? 210 HIS A CE1 1 
ATOM   1598 N NE2 . HIS A 1 210 ? -1.691  18.494  7.202   1.00 23.50 ? 210 HIS A NE2 1 
ATOM   1599 N N   . GLY A 1 211 ? -2.035  13.452  5.565   1.00 10.01 ? 211 GLY A N   1 
ATOM   1600 C CA  . GLY A 1 211 ? -1.816  13.508  4.135   1.00 9.94  ? 211 GLY A CA  1 
ATOM   1601 C C   . GLY A 1 211 ? -3.006  13.128  3.276   1.00 8.21  ? 211 GLY A C   1 
ATOM   1602 O O   . GLY A 1 211 ? -3.196  13.691  2.198   1.00 10.37 ? 211 GLY A O   1 
ATOM   1603 N N   . VAL A 1 212 ? -3.815  12.180  3.739   1.00 7.84  ? 212 VAL A N   1 
ATOM   1604 C CA  . VAL A 1 212 ? -4.973  11.745  2.959   1.00 8.28  ? 212 VAL A CA  1 
ATOM   1605 C C   . VAL A 1 212 ? -6.312  12.329  3.417   1.00 9.67  ? 212 VAL A C   1 
ATOM   1606 O O   . VAL A 1 212 ? -7.323  12.162  2.742   1.00 9.53  ? 212 VAL A O   1 
ATOM   1607 C CB  . VAL A 1 212 ? -5.107  10.195  2.949   1.00 8.30  ? 212 VAL A CB  1 
ATOM   1608 C CG1 . VAL A 1 212 ? -3.825  9.560   2.430   1.00 9.24  ? 212 VAL A CG1 1 
ATOM   1609 C CG2 . VAL A 1 212 ? -5.447  9.677   4.342   1.00 7.48  ? 212 VAL A CG2 1 
ATOM   1610 N N   . ARG A 1 213 ? -6.310  13.014  4.554   1.00 11.01 ? 213 ARG A N   1 
ATOM   1611 C CA  . ARG A 1 213 ? -7.525  13.607  5.121   1.00 13.22 ? 213 ARG A CA  1 
ATOM   1612 C C   . ARG A 1 213 ? -8.492  14.240  4.122   1.00 12.07 ? 213 ARG A C   1 
ATOM   1613 O O   . ARG A 1 213 ? -9.685  13.916  4.097   1.00 11.46 ? 213 ARG A O   1 
ATOM   1614 C CB  . ARG A 1 213 ? -7.148  14.667  6.154   1.00 15.88 ? 213 ARG A CB  1 
ATOM   1615 C CG  . ARG A 1 213 ? -8.326  15.484  6.657   1.00 20.81 ? 213 ARG A CG  1 
ATOM   1616 C CD  . ARG A 1 213 ? -9.189  14.652  7.568   1.00 22.16 ? 213 ARG A CD  1 
ATOM   1617 N NE  . ARG A 1 213 ? -8.479  14.282  8.787   1.00 25.21 ? 213 ARG A NE  1 
ATOM   1618 C CZ  . ARG A 1 213 ? -8.881  13.334  9.627   1.00 24.85 ? 213 ARG A CZ  1 
ATOM   1619 N NH1 . ARG A 1 213 ? -8.170  13.071  10.714  1.00 26.47 ? 213 ARG A NH1 1 
ATOM   1620 N NH2 . ARG A 1 213 ? -9.976  12.628  9.367   1.00 25.69 ? 213 ARG A NH2 1 
ATOM   1621 N N   . ARG A 1 214 ? -7.978  15.157  3.312   1.00 12.22 ? 214 ARG A N   1 
ATOM   1622 C CA  . ARG A 1 214 ? -8.806  15.862  2.348   1.00 11.75 ? 214 ARG A CA  1 
ATOM   1623 C C   . ARG A 1 214 ? -9.249  15.041  1.143   1.00 11.79 ? 214 ARG A C   1 
ATOM   1624 O O   . ARG A 1 214 ? -10.032 15.517  0.319   1.00 13.22 ? 214 ARG A O   1 
ATOM   1625 C CB  . ARG A 1 214 ? -8.094  17.138  1.892   1.00 13.27 ? 214 ARG A CB  1 
ATOM   1626 C CG  . ARG A 1 214 ? -8.144  18.242  2.944   1.00 13.51 ? 214 ARG A CG  1 
ATOM   1627 C CD  . ARG A 1 214 ? -7.181  19.377  2.629   1.00 15.58 ? 214 ARG A CD  1 
ATOM   1628 N NE  . ARG A 1 214 ? -7.258  20.452  3.614   1.00 15.97 ? 214 ARG A NE  1 
ATOM   1629 C CZ  . ARG A 1 214 ? -8.246  21.340  3.684   1.00 17.44 ? 214 ARG A CZ  1 
ATOM   1630 N NH1 . ARG A 1 214 ? -8.227  22.287  4.620   1.00 18.25 ? 214 ARG A NH1 1 
ATOM   1631 N NH2 . ARG A 1 214 ? -9.253  21.292  2.823   1.00 18.02 ? 214 ARG A NH2 1 
ATOM   1632 N N   . TRP A 1 215 ? -8.758  13.812  1.027   1.00 9.88  ? 215 TRP A N   1 
ATOM   1633 C CA  . TRP A 1 215 ? -9.165  12.975  -0.094  1.00 10.31 ? 215 TRP A CA  1 
ATOM   1634 C C   . TRP A 1 215 ? -10.252 11.993  0.326   1.00 9.86  ? 215 TRP A C   1 
ATOM   1635 O O   . TRP A 1 215 ? -10.722 11.197  -0.481  1.00 10.47 ? 215 TRP A O   1 
ATOM   1636 C CB  . TRP A 1 215 ? -7.973  12.213  -0.682  1.00 9.84  ? 215 TRP A CB  1 
ATOM   1637 C CG  . TRP A 1 215 ? -6.870  13.106  -1.167  1.00 11.52 ? 215 TRP A CG  1 
ATOM   1638 C CD1 . TRP A 1 215 ? -6.987  14.393  -1.616  1.00 11.83 ? 215 TRP A CD1 1 
ATOM   1639 C CD2 . TRP A 1 215 ? -5.477  12.776  -1.255  1.00 11.51 ? 215 TRP A CD2 1 
ATOM   1640 N NE1 . TRP A 1 215 ? -5.751  14.887  -1.970  1.00 12.20 ? 215 TRP A NE1 1 
ATOM   1641 C CE2 . TRP A 1 215 ? -4.808  13.914  -1.759  1.00 11.63 ? 215 TRP A CE2 1 
ATOM   1642 C CE3 . TRP A 1 215 ? -4.729  11.629  -0.954  1.00 10.74 ? 215 TRP A CE3 1 
ATOM   1643 C CZ2 . TRP A 1 215 ? -3.420  13.936  -1.968  1.00 11.31 ? 215 TRP A CZ2 1 
ATOM   1644 C CZ3 . TRP A 1 215 ? -3.354  11.653  -1.163  1.00 11.03 ? 215 TRP A CZ3 1 
ATOM   1645 C CH2 . TRP A 1 215 ? -2.716  12.797  -1.664  1.00 12.12 ? 215 TRP A CH2 1 
ATOM   1646 N N   . LEU A 1 216 ? -10.651 12.043  1.592   1.00 10.54 ? 216 LEU A N   1 
ATOM   1647 C CA  . LEU A 1 216 ? -11.702 11.152  2.059   1.00 11.19 ? 216 LEU A CA  1 
ATOM   1648 C C   . LEU A 1 216 ? -12.995 11.554  1.359   1.00 12.50 ? 216 LEU A C   1 
ATOM   1649 O O   . LEU A 1 216 ? -13.408 12.714  1.422   1.00 13.71 ? 216 LEU A O   1 
ATOM   1650 C CB  . LEU A 1 216 ? -11.862 11.263  3.576   1.00 10.32 ? 216 LEU A CB  1 
ATOM   1651 C CG  . LEU A 1 216 ? -10.648 10.771  4.366   1.00 11.21 ? 216 LEU A CG  1 
ATOM   1652 C CD1 . LEU A 1 216 ? -10.849 11.034  5.855   1.00 11.34 ? 216 LEU A CD1 1 
ATOM   1653 C CD2 . LEU A 1 216 ? -10.441 9.287   4.099   1.00 10.67 ? 216 LEU A CD2 1 
ATOM   1654 N N   . PRO A 1 217 ? -13.644 10.605  0.665   1.00 12.36 ? 217 PRO A N   1 
ATOM   1655 C CA  . PRO A 1 217 ? -14.893 10.946  -0.028  1.00 12.35 ? 217 PRO A CA  1 
ATOM   1656 C C   . PRO A 1 217 ? -16.042 11.360  0.896   1.00 13.22 ? 217 PRO A C   1 
ATOM   1657 O O   . PRO A 1 217 ? -16.900 12.150  0.497   1.00 14.95 ? 217 PRO A O   1 
ATOM   1658 C CB  . PRO A 1 217 ? -15.191 9.687   -0.852  1.00 14.79 ? 217 PRO A CB  1 
ATOM   1659 C CG  . PRO A 1 217 ? -14.518 8.594   -0.081  1.00 16.39 ? 217 PRO A CG  1 
ATOM   1660 C CD  . PRO A 1 217 ? -13.237 9.219   0.378   1.00 13.58 ? 217 PRO A CD  1 
ATOM   1661 N N   . ALA A 1 218 ? -16.054 10.842  2.122   1.00 14.20 ? 218 ALA A N   1 
ATOM   1662 C CA  . ALA A 1 218 ? -17.101 11.182  3.086   1.00 15.11 ? 218 ALA A CA  1 
ATOM   1663 C C   . ALA A 1 218 ? -16.551 12.026  4.235   1.00 16.15 ? 218 ALA A C   1 
ATOM   1664 O O   . ALA A 1 218 ? -15.388 11.913  4.603   1.00 15.32 ? 218 ALA A O   1 
ATOM   1665 C CB  . ALA A 1 218 ? -17.746 9.912   3.630   1.00 15.69 ? 218 ALA A CB  1 
ATOM   1666 N N   . THR A 1 219 ? -17.408 12.865  4.807   1.00 18.26 ? 219 THR A N   1 
ATOM   1667 C CA  . THR A 1 219 ? -17.017 13.748  5.895   1.00 19.46 ? 219 THR A CA  1 
ATOM   1668 C C   . THR A 1 219 ? -16.912 13.013  7.228   1.00 20.24 ? 219 THR A C   1 
ATOM   1669 O O   . THR A 1 219 ? -17.901 12.475  7.725   1.00 20.96 ? 219 THR A O   1 
ATOM   1670 C CB  . THR A 1 219 ? -18.033 14.893  6.045   1.00 19.40 ? 219 THR A CB  1 
ATOM   1671 O OG1 . THR A 1 219 ? -18.162 15.584  4.794   1.00 21.62 ? 219 THR A OG1 1 
ATOM   1672 C CG2 . THR A 1 219 ? -17.587 15.864  7.134   1.00 20.46 ? 219 THR A CG2 1 
ATOM   1673 N N   . PRO A 1 220 ? -15.713 12.993  7.833   1.00 21.03 ? 220 PRO A N   1 
ATOM   1674 C CA  . PRO A 1 220 ? -15.564 12.300  9.118   1.00 21.19 ? 220 PRO A CA  1 
ATOM   1675 C C   . PRO A 1 220 ? -16.478 12.877  10.197  1.00 21.68 ? 220 PRO A C   1 
ATOM   1676 O O   . PRO A 1 220 ? -16.765 14.098  10.142  1.00 22.38 ? 220 PRO A O   1 
ATOM   1677 C CB  . PRO A 1 220 ? -14.087 12.491  9.448   1.00 22.27 ? 220 PRO A CB  1 
ATOM   1678 C CG  . PRO A 1 220 ? -13.741 13.778  8.759   1.00 23.53 ? 220 PRO A CG  1 
ATOM   1679 C CD  . PRO A 1 220 ? -14.451 13.641  7.439   1.00 21.46 ? 220 PRO A CD  1 
ATOM   1680 O OXT . PRO A 1 220 ? -16.882 12.091  11.081  1.00 20.90 ? 220 PRO A OXT 1 
HETATM 1681 O O   . HOH B 2 .   ? -16.680 0.645   20.158  1.00 29.45 ? 221 HOH A O   1 
HETATM 1682 O O   . HOH B 2 .   ? -11.244 9.422   12.002  1.00 17.78 ? 222 HOH A O   1 
HETATM 1683 O O   . HOH B 2 .   ? 12.571  -3.081  2.059   1.00 16.93 ? 223 HOH A O   1 
HETATM 1684 O O   . HOH B 2 .   ? 8.191   -5.731  11.007  1.00 13.39 ? 224 HOH A O   1 
HETATM 1685 O O   . HOH B 2 .   ? -0.363  -8.948  11.579  1.00 22.42 ? 225 HOH A O   1 
HETATM 1686 O O   . HOH B 2 .   ? -2.819  -10.564 10.325  1.00 20.54 ? 226 HOH A O   1 
HETATM 1687 O O   . HOH B 2 .   ? 7.469   -16.797 4.180   1.00 25.64 ? 227 HOH A O   1 
HETATM 1688 O O   . HOH B 2 .   ? 4.045   -23.701 -5.311  1.00 18.47 ? 228 HOH A O   1 
HETATM 1689 O O   . HOH B 2 .   ? -6.755  -14.716 -10.709 1.00 29.25 ? 229 HOH A O   1 
HETATM 1690 O O   . HOH B 2 .   ? -9.519  -11.914 -8.379  1.00 11.68 ? 230 HOH A O   1 
HETATM 1691 O O   . HOH B 2 .   ? -16.299 2.890   -7.463  1.00 10.31 ? 231 HOH A O   1 
HETATM 1692 O O   . HOH B 2 .   ? -15.347 -0.910  -6.275  1.00 13.76 ? 232 HOH A O   1 
HETATM 1693 O O   . HOH B 2 .   ? -10.350 -1.386  -14.621 1.00 31.21 ? 233 HOH A O   1 
HETATM 1694 O O   . HOH B 2 .   ? -12.186 -4.697  -11.696 1.00 19.60 ? 234 HOH A O   1 
HETATM 1695 O O   . HOH B 2 .   ? 11.470  -3.750  0.141   1.00 11.05 ? 235 HOH A O   1 
HETATM 1696 O O   . HOH B 2 .   ? -4.472  -15.189 5.183   1.00 13.03 ? 236 HOH A O   1 
HETATM 1697 O O   . HOH B 2 .   ? -0.763  -15.405 7.932   1.00 16.61 ? 237 HOH A O   1 
HETATM 1698 O O   . HOH B 2 .   ? -2.300  0.088   -17.653 1.00 27.28 ? 238 HOH A O   1 
HETATM 1699 O O   . HOH B 2 .   ? 3.884   -15.189 -13.546 1.00 12.99 ? 239 HOH A O   1 
HETATM 1700 O O   . HOH B 2 .   ? -5.342  21.744  6.330   1.00 26.45 ? 240 HOH A O   1 
HETATM 1701 O O   . HOH B 2 .   ? 3.964   -10.788 -15.094 1.00 23.63 ? 241 HOH A O   1 
HETATM 1702 O O   . HOH B 2 .   ? 12.565  -2.744  -2.618  1.00 19.35 ? 242 HOH A O   1 
HETATM 1703 O O   . HOH B 2 .   ? 11.725  -6.313  5.895   1.00 23.84 ? 243 HOH A O   1 
HETATM 1704 O O   . HOH B 2 .   ? -3.416  -15.034 7.620   1.00 17.88 ? 244 HOH A O   1 
HETATM 1705 O O   . HOH B 2 .   ? 17.464  2.554   7.867   1.00 8.37  ? 245 HOH A O   1 
HETATM 1706 O O   . HOH B 2 .   ? 18.568  5.690   10.525  1.00 10.03 ? 246 HOH A O   1 
HETATM 1707 O O   . HOH B 2 .   ? 19.096  3.129   9.859   1.00 7.47  ? 247 HOH A O   1 
HETATM 1708 O O   . HOH B 2 .   ? 18.814  0.990   11.717  1.00 10.36 ? 248 HOH A O   1 
HETATM 1709 O O   . HOH B 2 .   ? 17.068  -0.127  7.846   1.00 9.68  ? 249 HOH A O   1 
HETATM 1710 O O   . HOH B 2 .   ? 21.884  6.623   11.017  1.00 31.43 ? 250 HOH A O   1 
HETATM 1711 O O   . HOH B 2 .   ? 7.653   14.625  9.646   1.00 27.97 ? 251 HOH A O   1 
HETATM 1712 O O   . HOH B 2 .   ? 8.668   16.205  14.226  1.00 33.50 ? 252 HOH A O   1 
HETATM 1713 O O   . HOH B 2 .   ? 8.683   8.153   -13.041 1.00 13.79 ? 253 HOH A O   1 
HETATM 1714 O O   . HOH B 2 .   ? -0.590  7.447   -21.101 1.00 30.62 ? 254 HOH A O   1 
HETATM 1715 O O   . HOH B 2 .   ? 8.492   16.320  -16.373 1.00 25.09 ? 255 HOH A O   1 
HETATM 1716 O O   . HOH B 2 .   ? 11.016  -17.234 -4.306  1.00 16.97 ? 256 HOH A O   1 
HETATM 1717 O O   . HOH B 2 .   ? -1.480  -5.047  -12.293 1.00 14.28 ? 257 HOH A O   1 
HETATM 1718 O O   . HOH B 2 .   ? 0.446   -3.605  -13.717 1.00 10.73 ? 258 HOH A O   1 
HETATM 1719 O O   . HOH B 2 .   ? 0.038   -0.901  -14.573 1.00 11.69 ? 259 HOH A O   1 
HETATM 1720 O O   . HOH B 2 .   ? 2.518   -7.849  -14.850 1.00 26.02 ? 260 HOH A O   1 
HETATM 1721 O O   . HOH B 2 .   ? -8.845  -22.758 -6.316  1.00 24.84 ? 261 HOH A O   1 
HETATM 1722 O O   . HOH B 2 .   ? -16.821 -20.843 -6.028  1.00 12.78 ? 262 HOH A O   1 
HETATM 1723 O O   . HOH B 2 .   ? -12.599 -19.644 -1.247  1.00 10.17 ? 263 HOH A O   1 
HETATM 1724 O O   . HOH B 2 .   ? -13.122 -18.510 1.319   1.00 11.39 ? 264 HOH A O   1 
HETATM 1725 O O   . HOH B 2 .   ? 9.265   -11.363 5.440   1.00 32.01 ? 265 HOH A O   1 
# 
